data_4BGF
#
_entry.id   4BGF
#
_cell.length_a   96.494
_cell.length_b   139.147
_cell.length_c   96.506
_cell.angle_alpha   90.00
_cell.angle_beta   91.18
_cell.angle_gamma   90.00
#
_symmetry.space_group_name_H-M   'P 1 21 1'
#
loop_
_entity.id
_entity.type
_entity.pdbx_description
1 polymer 'ARYLAMINE N-ACETYLTRANSFERASE NAT'
2 water water
#
_entity_poly.entity_id   1
_entity_poly.type   'polypeptide(L)'
_entity_poly.pdbx_seq_one_letter_code
;MALDLTAYFDRINYRGATDPTLDVLQDLVTVHSRTIPFENLDPLLGVPVDDLSPQALADKLVLRRRGGYCFEHNGLMGYV
LAELGYRVRRFAARVVWKLAPDAPLPPQTHTLLGVTFPGSGGCYLVDVGFGGQTPTSPLRLETGAVQPTTHEPYRLEDRV
DGFVLQAMVRDTWQTLYEFTTQTRPQIDLKVASWYASTHPASKFVTGLTAAVITDDARWNLSGRDLAVHRAGGTEKIRLA
DAAAVVDTLSERFGINVADIGERGALETRIDELLARQPGADAP
;
_entity_poly.pdbx_strand_id   A,B,C,D,E,F,G,H
#
# COMPACT_ATOMS: atom_id res chain seq x y z
N LEU A 3 31.67 -14.32 23.14
CA LEU A 3 31.11 -15.65 23.02
C LEU A 3 32.21 -16.71 22.88
N ASP A 4 32.87 -16.74 21.70
CA ASP A 4 33.86 -17.74 21.35
C ASP A 4 35.08 -17.11 20.72
N LEU A 5 36.13 -16.91 21.52
CA LEU A 5 37.31 -16.19 21.07
C LEU A 5 37.95 -16.79 19.84
N THR A 6 38.02 -18.10 19.76
CA THR A 6 38.61 -18.79 18.61
C THR A 6 38.08 -18.23 17.30
N ALA A 7 36.79 -17.90 17.30
CA ALA A 7 36.14 -17.49 16.07
C ALA A 7 36.43 -16.04 15.76
N TYR A 8 36.62 -15.26 16.82
CA TYR A 8 36.93 -13.85 16.70
C TYR A 8 38.37 -13.71 16.27
N PHE A 9 39.23 -14.57 16.80
CA PHE A 9 40.64 -14.56 16.41
C PHE A 9 40.85 -15.00 14.96
N ASP A 10 40.05 -15.95 14.48
CA ASP A 10 40.20 -16.42 13.11
C ASP A 10 39.45 -15.52 12.11
N ARG A 11 38.61 -14.63 12.61
CA ARG A 11 37.95 -13.62 11.79
C ARG A 11 38.96 -12.56 11.41
N ILE A 12 39.61 -12.03 12.45
CA ILE A 12 40.63 -11.00 12.29
C ILE A 12 42.02 -11.64 12.08
N ASN A 13 42.08 -12.97 12.07
CA ASN A 13 43.31 -13.72 11.86
C ASN A 13 44.38 -13.28 12.86
N TYR A 14 44.05 -13.39 14.14
CA TYR A 14 44.99 -13.05 15.17
C TYR A 14 45.76 -14.29 15.57
N ARG A 15 47.07 -14.17 15.42
CA ARG A 15 48.05 -15.12 15.91
C ARG A 15 48.95 -14.30 16.81
N GLY A 16 48.93 -14.58 18.10
CA GLY A 16 49.85 -13.94 19.03
C GLY A 16 49.52 -14.44 20.41
N ALA A 17 50.17 -13.86 21.42
CA ALA A 17 49.88 -14.19 22.82
C ALA A 17 48.46 -13.77 23.18
N THR A 18 47.87 -14.39 24.20
CA THR A 18 46.52 -14.03 24.67
C THR A 18 46.51 -13.57 26.10
N ASP A 19 47.67 -13.18 26.61
CA ASP A 19 47.81 -12.75 27.98
C ASP A 19 47.41 -11.28 28.06
N PRO A 20 46.80 -10.86 29.18
CA PRO A 20 46.42 -9.45 29.30
C PRO A 20 47.63 -8.55 29.54
N THR A 21 48.36 -8.29 28.46
CA THR A 21 49.56 -7.46 28.46
C THR A 21 49.22 -6.24 27.60
N LEU A 22 50.06 -5.21 27.65
CA LEU A 22 49.97 -4.05 26.75
C LEU A 22 50.10 -4.40 25.25
N ASP A 23 51.07 -5.25 24.92
CA ASP A 23 51.37 -5.56 23.52
C ASP A 23 50.33 -6.42 22.85
N VAL A 24 49.72 -7.31 23.61
CA VAL A 24 48.55 -7.97 23.10
C VAL A 24 47.43 -6.92 22.88
N LEU A 25 47.36 -5.90 23.71
CA LEU A 25 46.32 -4.91 23.55
C LEU A 25 46.59 -4.14 22.25
N GLN A 26 47.84 -3.79 22.02
CA GLN A 26 48.23 -3.07 20.82
C GLN A 26 47.96 -3.91 19.54
N ASP A 27 48.34 -5.18 19.55
CA ASP A 27 48.18 -6.07 18.39
C ASP A 27 46.73 -6.36 18.03
N LEU A 28 45.90 -6.48 19.05
CA LEU A 28 44.52 -6.80 18.83
C LEU A 28 43.84 -5.64 18.18
N VAL A 29 44.15 -4.44 18.67
CA VAL A 29 43.63 -3.20 18.12
C VAL A 29 44.00 -3.04 16.63
N THR A 30 45.27 -3.23 16.29
CA THR A 30 45.75 -3.12 14.91
C THR A 30 45.03 -4.07 13.96
N VAL A 31 45.00 -5.35 14.30
CA VAL A 31 44.35 -6.36 13.47
C VAL A 31 42.82 -6.27 13.41
N HIS A 32 42.19 -5.84 14.50
CA HIS A 32 40.76 -5.58 14.56
C HIS A 32 40.44 -4.48 13.58
N SER A 33 41.12 -3.36 13.74
CA SER A 33 40.95 -2.15 12.90
C SER A 33 41.10 -2.44 11.41
N ARG A 34 41.94 -3.42 11.15
CA ARG A 34 42.39 -3.75 9.81
C ARG A 34 41.36 -4.60 9.08
N THR A 35 40.56 -5.35 9.81
CA THR A 35 39.72 -6.35 9.21
C THR A 35 38.22 -6.13 9.41
N ILE A 36 37.79 -5.64 10.58
CA ILE A 36 36.38 -5.36 10.80
C ILE A 36 36.13 -3.87 10.53
N PRO A 37 35.38 -3.56 9.48
CA PRO A 37 35.19 -2.18 9.08
C PRO A 37 34.19 -1.45 9.97
N PHE A 38 34.19 -0.14 9.84
CA PHE A 38 33.12 0.66 10.39
C PHE A 38 32.17 0.70 9.22
N GLU A 39 30.89 0.52 9.51
CA GLU A 39 29.80 0.62 8.53
C GLU A 39 28.49 0.83 9.31
N ASN A 40 27.49 1.45 8.69
CA ASN A 40 26.20 1.73 9.34
C ASN A 40 25.10 1.21 8.47
N LEU A 41 25.38 0.16 7.73
CA LEU A 41 24.42 -0.35 6.77
C LEU A 41 23.12 -0.78 7.38
N ASP A 42 23.16 -1.40 8.57
CA ASP A 42 21.95 -1.71 9.34
C ASP A 42 21.12 -0.46 9.65
N PRO A 43 21.61 0.47 10.49
CA PRO A 43 20.77 1.65 10.70
C PRO A 43 20.26 2.37 9.41
N LEU A 44 21.10 2.46 8.39
CA LEU A 44 20.70 3.07 7.12
C LEU A 44 19.44 2.42 6.50
N LEU A 45 19.42 1.09 6.47
CA LEU A 45 18.31 0.32 5.91
C LEU A 45 17.18 -0.02 6.89
N GLY A 46 17.11 0.70 7.99
CA GLY A 46 16.01 0.61 8.93
C GLY A 46 16.06 -0.53 9.93
N VAL A 47 17.28 -0.97 10.22
CA VAL A 47 17.53 -2.09 11.10
C VAL A 47 18.29 -1.57 12.31
N PRO A 48 17.59 -1.17 13.38
CA PRO A 48 18.29 -0.54 14.50
C PRO A 48 19.44 -1.35 15.11
N VAL A 49 20.20 -0.70 15.98
CA VAL A 49 21.19 -1.39 16.78
C VAL A 49 20.76 -1.17 18.21
N ASP A 50 20.11 -2.14 18.82
CA ASP A 50 19.78 -2.01 20.22
C ASP A 50 20.10 -3.25 21.05
N ASP A 51 20.67 -4.28 20.43
CA ASP A 51 21.15 -5.44 21.19
C ASP A 51 22.69 -5.33 21.20
N LEU A 52 23.26 -5.10 22.38
CA LEU A 52 24.70 -4.93 22.52
C LEU A 52 25.28 -6.04 23.37
N SER A 53 24.60 -7.20 23.35
CA SER A 53 25.08 -8.41 24.01
C SER A 53 26.14 -9.12 23.20
N PRO A 54 27.02 -9.87 23.90
CA PRO A 54 28.12 -10.55 23.21
C PRO A 54 27.67 -11.46 22.10
N GLN A 55 26.53 -12.09 22.29
CA GLN A 55 26.03 -13.00 21.31
C GLN A 55 25.73 -12.20 20.07
N ALA A 56 24.98 -11.13 20.27
CA ALA A 56 24.41 -10.37 19.18
C ALA A 56 25.53 -9.80 18.34
N LEU A 57 26.51 -9.24 19.03
CA LEU A 57 27.61 -8.55 18.42
C LEU A 57 28.60 -9.51 17.78
N ALA A 58 28.70 -10.73 18.33
CA ALA A 58 29.58 -11.76 17.77
C ALA A 58 28.96 -12.34 16.51
N ASP A 59 27.65 -12.51 16.52
CA ASP A 59 26.98 -13.10 15.40
C ASP A 59 27.08 -12.21 14.19
N LYS A 60 26.97 -10.90 14.38
CA LYS A 60 27.09 -9.96 13.28
C LYS A 60 28.55 -9.68 12.83
N LEU A 61 29.39 -9.21 13.72
CA LEU A 61 30.72 -8.81 13.32
C LEU A 61 31.65 -10.00 13.12
N VAL A 62 31.34 -11.16 13.69
CA VAL A 62 32.24 -12.30 13.50
C VAL A 62 31.69 -13.34 12.55
N LEU A 63 30.55 -13.94 12.88
CA LEU A 63 30.05 -15.00 12.06
C LEU A 63 29.69 -14.45 10.71
N ARG A 64 28.91 -13.37 10.71
CA ARG A 64 28.27 -12.92 9.50
C ARG A 64 29.20 -12.13 8.61
N ARG A 65 30.41 -11.88 9.10
CA ARG A 65 31.41 -11.09 8.38
C ARG A 65 30.94 -9.68 8.01
N ARG A 66 30.32 -9.00 8.97
CA ARG A 66 29.82 -7.65 8.80
C ARG A 66 30.70 -6.73 9.62
N GLY A 67 30.56 -5.44 9.38
CA GLY A 67 31.11 -4.45 10.28
C GLY A 67 30.03 -3.95 11.22
N GLY A 68 30.23 -2.77 11.78
CA GLY A 68 29.30 -2.17 12.71
C GLY A 68 29.82 -0.79 13.04
N TYR A 69 29.06 0.00 13.80
CA TYR A 69 29.50 1.31 14.27
C TYR A 69 30.03 1.27 15.76
N CYS A 70 30.14 2.41 16.44
CA CYS A 70 30.88 2.47 17.72
C CYS A 70 30.44 1.51 18.86
N PHE A 71 29.16 1.27 18.99
CA PHE A 71 28.63 0.47 20.10
C PHE A 71 28.84 -1.00 19.84
N GLU A 72 28.92 -1.33 18.55
CA GLU A 72 29.15 -2.67 18.10
C GLU A 72 30.65 -3.01 18.13
N HIS A 73 31.46 -2.06 17.71
CA HIS A 73 32.88 -2.24 17.66
C HIS A 73 33.36 -2.29 19.08
N ASN A 74 33.08 -1.24 19.84
CA ASN A 74 33.64 -1.11 21.16
C ASN A 74 32.94 -1.97 22.18
N GLY A 75 31.72 -2.38 21.83
CA GLY A 75 31.03 -3.51 22.45
C GLY A 75 31.79 -4.82 22.28
N LEU A 76 32.15 -5.16 21.05
CA LEU A 76 32.81 -6.45 20.80
C LEU A 76 34.23 -6.47 21.34
N MET A 77 34.97 -5.40 21.13
CA MET A 77 36.28 -5.31 21.71
C MET A 77 36.22 -5.45 23.26
N GLY A 78 35.31 -4.72 23.90
CA GLY A 78 35.11 -4.79 25.35
C GLY A 78 34.87 -6.21 25.91
N TYR A 79 34.03 -6.97 25.26
CA TYR A 79 33.83 -8.37 25.63
C TYR A 79 35.06 -9.22 25.40
N VAL A 80 35.81 -8.96 24.32
CA VAL A 80 37.04 -9.69 24.07
C VAL A 80 38.10 -9.42 25.15
N LEU A 81 38.31 -8.17 25.51
CA LEU A 81 39.31 -7.82 26.53
C LEU A 81 38.96 -8.32 27.92
N ALA A 82 37.68 -8.35 28.24
CA ALA A 82 37.23 -8.87 29.50
C ALA A 82 37.46 -10.37 29.57
N GLU A 83 37.12 -11.09 28.52
CA GLU A 83 37.32 -12.54 28.44
C GLU A 83 38.79 -12.96 28.53
N LEU A 84 39.69 -12.02 28.30
CA LEU A 84 41.11 -12.33 28.33
C LEU A 84 41.73 -11.98 29.67
N GLY A 85 40.98 -11.32 30.54
CA GLY A 85 41.52 -10.84 31.81
C GLY A 85 41.85 -9.36 31.91
N TYR A 86 41.38 -8.54 30.99
CA TYR A 86 41.52 -7.08 31.11
C TYR A 86 40.35 -6.57 31.94
N ARG A 87 40.51 -5.42 32.57
CA ARG A 87 39.41 -4.76 33.26
C ARG A 87 38.86 -3.69 32.35
N VAL A 88 37.59 -3.81 31.97
CA VAL A 88 36.98 -2.92 30.99
C VAL A 88 35.87 -2.06 31.57
N ARG A 89 36.04 -0.74 31.53
CA ARG A 89 35.02 0.22 31.89
C ARG A 89 34.56 0.95 30.63
N ARG A 90 33.27 0.92 30.34
CA ARG A 90 32.79 1.58 29.12
C ARG A 90 32.39 3.06 29.37
N PHE A 91 32.87 3.95 28.49
CA PHE A 91 32.65 5.40 28.59
C PHE A 91 31.75 5.92 27.49
N ALA A 92 31.05 7.03 27.76
CA ALA A 92 30.24 7.72 26.77
C ALA A 92 30.96 8.97 26.28
N ALA A 93 30.70 9.39 25.04
CA ALA A 93 31.36 10.58 24.49
C ALA A 93 30.51 11.38 23.48
N ARG A 94 30.78 12.68 23.38
CA ARG A 94 30.10 13.52 22.40
C ARG A 94 31.11 13.89 21.34
N VAL A 95 30.74 13.65 20.09
CA VAL A 95 31.63 13.89 18.96
C VAL A 95 31.54 15.35 18.54
N VAL A 96 32.64 16.09 18.71
CA VAL A 96 32.70 17.49 18.31
C VAL A 96 33.62 17.76 17.10
N TRP A 97 34.05 16.70 16.42
CA TRP A 97 35.00 16.84 15.32
C TRP A 97 34.50 17.76 14.24
N LYS A 98 35.39 18.66 13.80
CA LYS A 98 35.10 19.60 12.73
C LYS A 98 34.09 20.65 13.16
N LEU A 99 34.00 20.91 14.47
CA LEU A 99 33.27 22.09 14.97
C LEU A 99 31.81 21.97 14.49
N ALA A 100 31.05 23.03 14.13
CA ALA A 100 31.23 24.43 14.53
C ALA A 100 31.12 24.54 16.06
N PRO A 101 31.47 25.73 16.62
CA PRO A 101 31.03 26.08 17.98
C PRO A 101 29.63 26.68 17.98
N ASP A 102 29.25 27.33 16.86
CA ASP A 102 27.88 27.80 16.64
C ASP A 102 26.85 26.67 16.75
N ALA A 103 27.32 25.42 16.63
CA ALA A 103 26.46 24.24 16.70
C ALA A 103 26.12 23.89 18.14
N PRO A 104 24.94 23.31 18.36
CA PRO A 104 24.58 22.81 19.68
C PRO A 104 25.47 21.63 20.08
N LEU A 105 25.56 21.42 21.38
CA LEU A 105 26.15 20.23 21.96
C LEU A 105 25.67 18.91 21.37
N PRO A 106 26.60 18.04 20.99
CA PRO A 106 26.10 16.80 20.44
C PRO A 106 25.50 15.90 21.53
N PRO A 107 24.72 14.87 21.12
CA PRO A 107 24.25 13.87 22.09
C PRO A 107 25.39 12.92 22.41
N GLN A 108 25.33 12.27 23.56
CA GLN A 108 26.36 11.28 23.91
C GLN A 108 26.19 9.99 23.17
N THR A 109 26.53 9.97 21.90
CA THR A 109 26.23 8.84 21.03
C THR A 109 27.54 8.25 20.51
N HIS A 110 28.63 8.55 21.19
CA HIS A 110 29.86 7.81 21.04
C HIS A 110 30.22 7.05 22.34
N THR A 111 30.92 5.94 22.20
CA THR A 111 31.34 5.16 23.32
C THR A 111 32.74 4.67 23.02
N LEU A 112 33.59 4.69 24.04
CA LEU A 112 34.93 4.13 23.97
C LEU A 112 35.16 3.28 25.26
N LEU A 113 36.41 2.85 25.50
CA LEU A 113 36.75 1.97 26.63
C LEU A 113 37.89 2.54 27.42
N GLY A 114 37.89 2.28 28.73
CA GLY A 114 39.03 2.52 29.60
C GLY A 114 39.50 1.19 30.18
N VAL A 115 40.70 0.76 29.82
CA VAL A 115 41.16 -0.60 30.06
C VAL A 115 42.35 -0.60 31.02
N THR A 116 42.32 -1.49 32.00
CA THR A 116 43.50 -1.81 32.81
C THR A 116 43.81 -3.30 32.69
N PHE A 117 45.01 -3.67 33.13
CA PHE A 117 45.51 -5.04 33.06
C PHE A 117 46.63 -5.12 34.10
N PRO A 118 47.16 -6.33 34.35
CA PRO A 118 48.17 -6.52 35.39
C PRO A 118 49.42 -5.70 35.19
N GLY A 119 49.79 -4.98 36.24
CA GLY A 119 50.96 -4.15 36.17
C GLY A 119 50.81 -2.97 35.23
N SER A 120 49.60 -2.69 34.78
CA SER A 120 49.40 -1.61 33.84
C SER A 120 49.87 -0.37 34.53
N GLY A 121 50.26 0.62 33.75
CA GLY A 121 50.77 1.83 34.35
C GLY A 121 49.67 2.73 34.81
N GLY A 122 48.45 2.21 34.74
CA GLY A 122 47.22 2.95 34.98
C GLY A 122 46.18 2.44 33.99
N CYS A 123 45.25 3.32 33.61
CA CYS A 123 44.19 2.98 32.66
C CYS A 123 44.57 3.42 31.24
N TYR A 124 44.28 2.58 30.25
CA TYR A 124 44.51 2.93 28.85
C TYR A 124 43.20 3.14 28.17
N LEU A 125 43.13 4.17 27.34
CA LEU A 125 42.02 4.35 26.45
C LEU A 125 42.13 3.43 25.23
N VAL A 126 41.02 2.79 24.88
CA VAL A 126 40.90 1.95 23.70
C VAL A 126 39.64 2.35 22.92
N ASP A 127 39.78 2.59 21.62
CA ASP A 127 38.64 3.01 20.77
C ASP A 127 38.81 2.53 19.34
N VAL A 128 38.12 1.44 18.97
CA VAL A 128 38.17 0.90 17.61
C VAL A 128 36.86 1.21 16.89
N GLY A 129 36.12 2.22 17.36
CA GLY A 129 34.79 2.47 16.88
C GLY A 129 34.50 3.88 16.43
N PHE A 130 35.53 4.72 16.33
CA PHE A 130 35.34 6.08 15.90
C PHE A 130 35.34 6.23 14.35
N GLY A 131 35.68 5.18 13.61
CA GLY A 131 35.60 5.25 12.17
C GLY A 131 36.99 5.51 11.67
N GLY A 132 37.11 6.19 10.54
CA GLY A 132 38.39 6.36 9.85
C GLY A 132 39.48 6.94 10.71
N GLN A 133 39.14 7.82 11.64
CA GLN A 133 40.13 8.52 12.46
C GLN A 133 40.22 7.96 13.88
N THR A 134 39.78 6.74 14.07
CA THR A 134 39.82 6.16 15.38
C THR A 134 41.32 5.98 15.71
N PRO A 135 41.71 6.01 17.01
CA PRO A 135 43.12 5.76 17.34
C PRO A 135 43.54 4.32 17.08
N THR A 136 44.81 4.11 16.77
CA THR A 136 45.30 2.83 16.25
C THR A 136 46.26 2.17 17.27
N SER A 137 46.49 2.83 18.40
CA SER A 137 47.32 2.32 19.49
C SER A 137 46.60 2.60 20.77
N PRO A 138 46.76 1.73 21.77
CA PRO A 138 46.24 2.12 23.09
C PRO A 138 46.85 3.44 23.50
N LEU A 139 46.08 4.26 24.18
CA LEU A 139 46.59 5.53 24.69
C LEU A 139 46.50 5.61 26.20
N ARG A 140 47.65 5.79 26.84
CA ARG A 140 47.75 6.11 28.26
C ARG A 140 46.87 7.32 28.54
N LEU A 141 46.03 7.22 29.56
CA LEU A 141 45.06 8.22 29.91
C LEU A 141 45.71 9.30 30.77
N GLU A 142 46.44 10.20 30.14
CA GLU A 142 47.11 11.30 30.84
C GLU A 142 47.05 12.50 29.94
N THR A 143 46.91 13.68 30.52
CA THR A 143 46.73 14.87 29.69
C THR A 143 48.08 15.41 29.19
N GLY A 144 47.99 16.28 28.19
CA GLY A 144 49.14 17.01 27.68
C GLY A 144 50.11 16.19 26.87
N ALA A 145 50.59 15.10 27.46
CA ALA A 145 51.67 14.33 26.90
C ALA A 145 51.32 13.93 25.49
N VAL A 146 52.19 14.23 24.55
CA VAL A 146 51.94 13.88 23.17
C VAL A 146 52.21 12.41 23.05
N GLN A 147 51.28 11.68 22.44
CA GLN A 147 51.34 10.22 22.45
C GLN A 147 51.45 9.62 21.05
N PRO A 148 52.59 9.00 20.75
CA PRO A 148 52.81 8.29 19.49
C PRO A 148 51.85 7.11 19.31
N THR A 149 51.46 6.86 18.07
CA THR A 149 50.61 5.75 17.72
C THR A 149 51.28 5.11 16.51
N THR A 150 50.75 4.00 16.04
CA THR A 150 51.21 3.45 14.77
C THR A 150 50.92 4.35 13.59
N HIS A 151 49.90 5.22 13.70
CA HIS A 151 49.64 6.29 12.69
C HIS A 151 50.07 7.65 13.25
N GLU A 152 49.18 8.64 13.22
CA GLU A 152 49.47 9.98 13.70
C GLU A 152 49.54 9.94 15.21
N PRO A 153 50.20 10.93 15.85
CA PRO A 153 50.16 10.94 17.31
C PRO A 153 48.90 11.60 17.86
N TYR A 154 48.49 11.13 19.04
CA TYR A 154 47.29 11.60 19.70
C TYR A 154 47.63 12.23 21.03
N ARG A 155 46.66 12.93 21.56
CA ARG A 155 46.82 13.64 22.81
C ARG A 155 45.46 13.79 23.50
N LEU A 156 45.47 13.76 24.84
CA LEU A 156 44.31 14.07 25.69
C LEU A 156 44.56 15.39 26.38
N GLU A 157 43.53 16.21 26.52
CA GLU A 157 43.67 17.50 27.19
C GLU A 157 42.54 17.61 28.18
N ASP A 158 42.75 18.37 29.24
CA ASP A 158 41.73 18.55 30.26
C ASP A 158 40.68 19.52 29.75
N ARG A 159 39.46 19.31 30.23
CA ARG A 159 38.33 20.22 30.03
C ARG A 159 37.59 20.23 31.37
N VAL A 160 36.61 21.12 31.56
CA VAL A 160 35.81 21.10 32.80
C VAL A 160 35.14 19.75 33.05
N ASP A 161 35.63 19.07 34.08
CA ASP A 161 35.15 17.74 34.49
C ASP A 161 35.35 16.60 33.49
N GLY A 162 36.02 16.89 32.38
CA GLY A 162 36.29 15.85 31.40
C GLY A 162 37.66 15.94 30.79
N PHE A 163 37.83 15.21 29.70
CA PHE A 163 39.03 15.25 28.88
C PHE A 163 38.55 15.38 27.42
N VAL A 164 39.47 15.72 26.51
CA VAL A 164 39.16 15.67 25.09
C VAL A 164 40.27 14.90 24.40
N LEU A 165 39.86 14.10 23.44
CA LEU A 165 40.80 13.35 22.63
C LEU A 165 41.12 14.10 21.34
N GLN A 166 42.42 14.33 21.11
CA GLN A 166 42.96 15.03 19.93
C GLN A 166 43.85 14.16 19.07
N ALA A 167 43.75 14.33 17.76
CA ALA A 167 44.66 13.73 16.78
C ALA A 167 45.42 14.79 15.99
N MET A 168 46.71 14.51 15.72
CA MET A 168 47.54 15.39 14.92
C MET A 168 47.31 15.06 13.46
N VAL A 169 46.45 15.84 12.79
CA VAL A 169 46.10 15.62 11.39
C VAL A 169 46.44 16.88 10.61
N ARG A 170 47.50 16.80 9.79
CA ARG A 170 47.95 17.89 8.93
C ARG A 170 48.58 19.05 9.69
N ASP A 171 49.47 18.73 10.61
CA ASP A 171 50.13 19.76 11.38
C ASP A 171 49.13 20.64 12.15
N THR A 172 47.99 20.05 12.47
CA THR A 172 47.02 20.69 13.34
C THR A 172 46.57 19.64 14.32
N TRP A 173 46.52 19.96 15.60
CA TRP A 173 45.78 19.13 16.55
C TRP A 173 44.26 19.28 16.31
N GLN A 174 43.59 18.17 16.02
CA GLN A 174 42.15 18.18 15.71
C GLN A 174 41.34 17.44 16.77
N THR A 175 40.32 18.09 17.30
CA THR A 175 39.56 17.53 18.42
C THR A 175 38.47 16.58 17.92
N LEU A 176 38.56 15.35 18.38
CA LEU A 176 37.66 14.31 17.88
C LEU A 176 36.37 14.25 18.69
N TYR A 177 36.53 14.10 19.99
CA TYR A 177 35.40 14.00 20.90
C TYR A 177 35.76 14.35 22.33
N GLU A 178 34.73 14.52 23.13
CA GLU A 178 34.88 14.85 24.54
C GLU A 178 34.13 13.81 25.41
N PHE A 179 34.72 13.46 26.55
CA PHE A 179 34.18 12.41 27.40
C PHE A 179 34.52 12.59 28.88
N THR A 180 33.78 11.90 29.74
CA THR A 180 34.15 11.75 31.13
C THR A 180 34.46 10.29 31.38
N THR A 181 35.13 10.01 32.48
CA THR A 181 35.46 8.62 32.83
C THR A 181 34.45 8.00 33.77
N GLN A 182 33.20 8.40 33.59
CA GLN A 182 32.12 7.80 34.32
C GLN A 182 31.72 6.52 33.62
N THR A 183 31.73 5.42 34.36
CA THR A 183 31.39 4.12 33.84
C THR A 183 29.92 4.10 33.42
N ARG A 184 29.61 3.73 32.17
CA ARG A 184 28.24 3.75 31.70
C ARG A 184 27.72 2.34 31.62
N PRO A 185 26.55 2.09 32.22
CA PRO A 185 25.97 0.75 32.28
C PRO A 185 25.38 0.36 30.94
N GLN A 186 25.13 -0.93 30.69
CA GLN A 186 24.74 -1.36 29.37
C GLN A 186 23.47 -0.63 28.91
N ILE A 187 22.58 -0.37 29.86
CA ILE A 187 21.29 0.14 29.50
C ILE A 187 21.45 1.53 28.86
N ASP A 188 22.34 2.35 29.39
CA ASP A 188 22.50 3.69 28.88
C ASP A 188 23.15 3.73 27.49
N LEU A 189 24.04 2.79 27.20
CA LEU A 189 24.59 2.63 25.87
C LEU A 189 23.51 2.16 24.89
N LYS A 190 22.60 1.32 25.36
CA LYS A 190 21.46 0.89 24.56
C LYS A 190 20.56 2.09 24.18
N VAL A 191 20.34 2.99 25.14
CA VAL A 191 19.52 4.18 24.92
C VAL A 191 20.15 5.11 23.88
N ALA A 192 21.47 5.24 23.96
CA ALA A 192 22.23 6.07 23.03
C ALA A 192 22.27 5.47 21.64
N SER A 193 22.58 4.18 21.58
CA SER A 193 22.60 3.49 20.30
C SER A 193 21.21 3.46 19.63
N TRP A 194 20.16 3.37 20.42
CA TRP A 194 18.80 3.41 19.90
C TRP A 194 18.56 4.75 19.22
N TYR A 195 19.00 5.82 19.86
CA TYR A 195 18.89 7.15 19.27
C TYR A 195 19.76 7.21 18.00
N ALA A 196 21.02 6.78 18.10
CA ALA A 196 21.95 6.76 16.97
C ALA A 196 21.42 6.03 15.72
N SER A 197 20.74 4.91 15.93
CA SER A 197 20.34 4.06 14.82
C SER A 197 18.85 4.12 14.47
N THR A 198 18.10 5.02 15.12
CA THR A 198 16.67 5.23 14.81
C THR A 198 16.21 6.69 14.64
N HIS A 199 16.84 7.68 15.28
CA HIS A 199 16.32 9.04 15.14
C HIS A 199 16.57 9.57 13.72
N PRO A 200 15.54 10.17 13.08
CA PRO A 200 15.57 10.47 11.65
C PRO A 200 16.52 11.58 11.28
N ALA A 201 17.12 12.22 12.26
CA ALA A 201 18.12 13.26 12.00
C ALA A 201 19.54 12.74 12.28
N SER A 202 19.70 11.45 12.53
CA SER A 202 21.02 10.93 12.82
C SER A 202 21.73 10.65 11.52
N LYS A 203 23.00 11.01 11.44
CA LYS A 203 23.77 10.78 10.22
C LYS A 203 23.87 9.30 9.85
N PHE A 204 23.66 8.41 10.82
CA PHE A 204 23.74 6.96 10.58
C PHE A 204 22.43 6.39 10.08
N VAL A 205 21.39 7.23 10.07
CA VAL A 205 20.13 6.86 9.42
C VAL A 205 20.04 7.59 8.08
N THR A 206 20.67 8.76 7.97
CA THR A 206 20.50 9.63 6.80
C THR A 206 21.54 9.47 5.71
N GLY A 207 22.69 8.90 6.03
CA GLY A 207 23.70 8.65 5.02
C GLY A 207 24.58 7.43 5.26
N LEU A 208 25.38 7.11 4.25
CA LEU A 208 26.29 5.99 4.32
C LEU A 208 27.71 6.41 4.77
N THR A 209 28.18 5.81 5.85
CA THR A 209 29.54 6.06 6.31
C THR A 209 30.18 4.70 6.49
N ALA A 210 31.36 4.48 5.87
CA ALA A 210 32.20 3.29 6.11
C ALA A 210 33.66 3.66 6.37
N ALA A 211 34.40 2.80 7.04
CA ALA A 211 35.86 2.99 7.14
C ALA A 211 36.62 1.71 7.55
N VAL A 212 37.89 1.64 7.15
CA VAL A 212 38.76 0.56 7.55
C VAL A 212 40.16 1.13 7.56
N ILE A 213 41.08 0.56 8.33
CA ILE A 213 42.38 1.17 8.56
C ILE A 213 43.47 0.20 8.16
N THR A 214 44.50 0.70 7.49
CA THR A 214 45.57 -0.18 7.04
C THR A 214 46.87 0.33 7.59
N ASP A 215 47.93 -0.45 7.41
CA ASP A 215 49.27 -0.06 7.80
C ASP A 215 49.54 1.41 7.51
N ASP A 216 49.40 1.79 6.24
CA ASP A 216 49.83 3.09 5.73
C ASP A 216 48.68 4.03 5.35
N ALA A 217 47.45 3.67 5.65
CA ALA A 217 46.32 4.49 5.21
C ALA A 217 45.05 4.38 6.08
N ARG A 218 44.26 5.45 6.08
CA ARG A 218 42.90 5.44 6.65
C ARG A 218 41.88 5.59 5.52
N TRP A 219 41.11 4.53 5.23
CA TRP A 219 40.02 4.58 4.23
C TRP A 219 38.66 5.01 4.77
N ASN A 220 38.07 5.99 4.10
CA ASN A 220 36.77 6.56 4.46
C ASN A 220 35.84 6.59 3.26
N LEU A 221 34.60 6.19 3.44
CA LEU A 221 33.56 6.36 2.43
C LEU A 221 32.40 7.12 3.06
N SER A 222 31.95 8.16 2.39
CA SER A 222 30.81 8.96 2.85
C SER A 222 29.86 9.16 1.69
N GLY A 223 28.84 8.33 1.65
CA GLY A 223 27.97 8.24 0.51
C GLY A 223 28.71 7.61 -0.65
N ARG A 224 28.82 8.31 -1.78
CA ARG A 224 29.53 7.78 -2.95
C ARG A 224 30.99 8.30 -3.07
N ASP A 225 31.41 9.04 -2.06
CA ASP A 225 32.71 9.65 -2.08
C ASP A 225 33.68 8.86 -1.24
N LEU A 226 34.57 8.18 -1.94
CA LEU A 226 35.67 7.44 -1.35
C LEU A 226 36.85 8.32 -1.05
N ALA A 227 37.63 7.90 -0.07
CA ALA A 227 38.82 8.63 0.35
C ALA A 227 39.84 7.70 1.03
N VAL A 228 41.11 7.99 0.77
CA VAL A 228 42.21 7.32 1.44
C VAL A 228 43.18 8.38 1.92
N HIS A 229 43.33 8.44 3.24
CA HIS A 229 44.25 9.36 3.88
C HIS A 229 45.54 8.61 4.10
N ARG A 230 46.61 9.08 3.45
CA ARG A 230 47.95 8.53 3.58
C ARG A 230 48.87 9.67 3.98
N ALA A 231 50.17 9.36 4.02
CA ALA A 231 51.21 10.31 4.40
C ALA A 231 51.25 11.47 3.42
N GLY A 232 51.21 11.15 2.12
CA GLY A 232 51.19 12.15 1.06
C GLY A 232 49.86 12.84 0.83
N GLY A 233 48.98 12.78 1.81
CA GLY A 233 47.70 13.47 1.72
C GLY A 233 46.63 12.51 1.29
N THR A 234 45.53 13.07 0.81
CA THR A 234 44.29 12.35 0.65
C THR A 234 43.87 12.26 -0.80
N GLU A 235 43.62 11.04 -1.25
CA GLU A 235 43.16 10.77 -2.59
C GLU A 235 41.66 10.55 -2.60
N LYS A 236 40.94 11.39 -3.34
CA LYS A 236 39.49 11.34 -3.35
C LYS A 236 38.93 10.91 -4.68
N ILE A 237 37.78 10.26 -4.63
CA ILE A 237 37.07 9.93 -5.85
C ILE A 237 35.60 9.78 -5.58
N ARG A 238 34.79 10.31 -6.48
CA ARG A 238 33.34 10.22 -6.39
C ARG A 238 32.88 9.06 -7.26
N LEU A 239 32.28 8.03 -6.67
CA LEU A 239 32.00 6.81 -7.42
C LEU A 239 30.75 6.88 -8.32
N ALA A 240 30.77 6.10 -9.39
CA ALA A 240 29.88 6.29 -10.51
C ALA A 240 28.41 6.07 -10.19
N ASP A 241 28.05 4.82 -9.91
CA ASP A 241 26.65 4.40 -9.72
C ASP A 241 26.51 3.62 -8.42
N ALA A 242 25.33 3.07 -8.17
CA ALA A 242 25.08 2.34 -6.92
C ALA A 242 25.90 1.06 -6.91
N ALA A 243 26.06 0.45 -8.07
CA ALA A 243 26.93 -0.72 -8.23
C ALA A 243 28.40 -0.46 -7.87
N ALA A 244 28.92 0.74 -8.09
CA ALA A 244 30.28 1.07 -7.69
C ALA A 244 30.41 1.13 -6.17
N VAL A 245 29.42 1.69 -5.50
CA VAL A 245 29.49 1.80 -4.06
C VAL A 245 29.39 0.43 -3.40
N VAL A 246 28.48 -0.42 -3.87
CA VAL A 246 28.33 -1.79 -3.36
C VAL A 246 29.58 -2.65 -3.64
N ASP A 247 30.23 -2.45 -4.76
CA ASP A 247 31.50 -3.13 -5.02
C ASP A 247 32.61 -2.66 -4.09
N THR A 248 32.63 -1.37 -3.78
CA THR A 248 33.62 -0.78 -2.86
C THR A 248 33.50 -1.32 -1.43
N LEU A 249 32.27 -1.42 -0.93
CA LEU A 249 32.01 -1.99 0.39
C LEU A 249 32.44 -3.46 0.46
N SER A 250 32.09 -4.25 -0.56
CA SER A 250 32.48 -5.64 -0.60
C SER A 250 33.97 -5.86 -0.82
N GLU A 251 34.55 -5.15 -1.78
CA GLU A 251 35.91 -5.37 -2.27
C GLU A 251 37.00 -4.62 -1.49
N ARG A 252 36.70 -3.38 -1.07
CA ARG A 252 37.68 -2.54 -0.40
C ARG A 252 37.37 -2.33 1.07
N PHE A 253 36.15 -2.59 1.50
CA PHE A 253 35.86 -2.59 2.93
C PHE A 253 35.58 -3.99 3.44
N GLY A 254 35.44 -4.94 2.53
CA GLY A 254 35.39 -6.34 2.94
C GLY A 254 34.07 -6.79 3.56
N ILE A 255 33.05 -5.96 3.40
CA ILE A 255 31.75 -6.21 4.02
C ILE A 255 31.03 -7.35 3.30
N ASN A 256 30.52 -8.32 4.07
CA ASN A 256 29.67 -9.35 3.48
C ASN A 256 28.28 -8.77 3.14
N VAL A 257 28.24 -8.11 2.00
CA VAL A 257 27.01 -7.48 1.53
C VAL A 257 25.92 -8.47 1.16
N ALA A 258 26.26 -9.73 1.02
CA ALA A 258 25.24 -10.72 0.71
C ALA A 258 24.41 -11.01 1.96
N ASP A 259 24.94 -10.67 3.13
CA ASP A 259 24.18 -10.83 4.36
C ASP A 259 23.04 -9.83 4.48
N ILE A 260 23.04 -8.84 3.59
CA ILE A 260 21.97 -7.85 3.50
C ILE A 260 21.00 -8.21 2.35
N GLY A 261 20.85 -9.49 2.05
CA GLY A 261 20.03 -9.89 0.91
C GLY A 261 20.79 -9.84 -0.41
N GLU A 262 20.12 -10.13 -1.53
CA GLU A 262 20.78 -10.17 -2.83
C GLU A 262 21.49 -8.84 -3.11
N ARG A 263 22.77 -8.91 -3.47
CA ARG A 263 23.55 -7.72 -3.73
C ARG A 263 22.92 -6.89 -4.85
N GLY A 264 22.25 -7.58 -5.78
CA GLY A 264 21.54 -6.93 -6.87
C GLY A 264 20.23 -6.29 -6.43
N ALA A 265 19.83 -6.61 -5.21
CA ALA A 265 18.64 -6.05 -4.59
C ALA A 265 19.01 -4.96 -3.59
N LEU A 266 20.29 -4.86 -3.26
CA LEU A 266 20.76 -3.81 -2.34
C LEU A 266 21.19 -2.52 -3.05
N GLU A 267 21.71 -2.63 -4.26
CA GLU A 267 22.06 -1.45 -5.04
C GLU A 267 20.86 -0.50 -5.10
N THR A 268 19.65 -1.07 -5.20
CA THR A 268 18.43 -0.25 -5.42
C THR A 268 18.17 0.69 -4.27
N ARG A 269 18.43 0.20 -3.08
CA ARG A 269 18.25 0.99 -1.89
C ARG A 269 19.25 2.13 -1.84
N ILE A 270 20.50 1.82 -2.17
CA ILE A 270 21.57 2.82 -2.17
C ILE A 270 21.34 3.96 -3.18
N ASP A 271 20.94 3.62 -4.40
CA ASP A 271 20.69 4.67 -5.37
C ASP A 271 19.83 5.79 -4.74
N GLU A 272 19.08 5.44 -3.71
CA GLU A 272 18.34 6.39 -2.91
C GLU A 272 19.06 6.70 -1.59
N LEU B 3 31.31 -51.13 -6.37
CA LEU B 3 30.80 -52.45 -6.69
C LEU B 3 31.99 -53.44 -6.78
N ASP B 4 32.54 -53.61 -7.98
CA ASP B 4 33.56 -54.61 -8.26
C ASP B 4 34.83 -53.94 -8.77
N LEU B 5 35.73 -53.55 -7.89
CA LEU B 5 36.90 -52.79 -8.30
C LEU B 5 37.66 -53.44 -9.44
N THR B 6 37.58 -54.76 -9.50
CA THR B 6 38.26 -55.55 -10.52
C THR B 6 37.73 -55.21 -11.87
N ALA B 7 36.42 -55.12 -11.99
CA ALA B 7 35.81 -54.80 -13.27
C ALA B 7 35.97 -53.33 -13.66
N TYR B 8 36.14 -52.49 -12.67
CA TYR B 8 36.32 -51.08 -12.91
C TYR B 8 37.77 -50.89 -13.35
N PHE B 9 38.67 -51.69 -12.81
CA PHE B 9 40.05 -51.64 -13.26
C PHE B 9 40.24 -52.17 -14.66
N ASP B 10 39.51 -53.22 -15.02
CA ASP B 10 39.49 -53.72 -16.41
C ASP B 10 38.86 -52.72 -17.41
N ARG B 11 37.98 -51.84 -16.94
CA ARG B 11 37.33 -50.82 -17.75
C ARG B 11 38.32 -49.74 -18.11
N ILE B 12 39.08 -49.29 -17.12
CA ILE B 12 39.94 -48.15 -17.29
C ILE B 12 41.38 -48.54 -17.71
N ASN B 13 41.70 -49.83 -17.67
CA ASN B 13 43.04 -50.35 -18.02
C ASN B 13 44.07 -49.97 -16.98
N TYR B 14 43.62 -49.95 -15.73
CA TYR B 14 44.53 -49.77 -14.62
C TYR B 14 44.96 -51.12 -14.07
N ARG B 15 46.27 -51.23 -13.85
CA ARG B 15 46.85 -52.43 -13.29
C ARG B 15 48.04 -52.04 -12.37
N GLY B 16 48.07 -50.78 -11.94
CA GLY B 16 49.15 -50.25 -11.12
C GLY B 16 48.91 -50.43 -9.63
N ALA B 17 49.58 -49.63 -8.81
CA ALA B 17 49.52 -49.74 -7.34
C ALA B 17 48.15 -49.37 -6.68
N THR B 18 47.75 -50.19 -5.71
CA THR B 18 46.39 -50.19 -5.14
C THR B 18 46.35 -49.57 -3.75
N ASP B 19 47.40 -48.86 -3.41
CA ASP B 19 47.61 -48.39 -2.06
C ASP B 19 47.20 -46.95 -1.92
N PRO B 20 46.69 -46.58 -0.74
CA PRO B 20 46.26 -45.20 -0.58
C PRO B 20 47.46 -44.29 -0.44
N THR B 21 47.93 -43.80 -1.58
CA THR B 21 49.02 -42.84 -1.65
C THR B 21 48.67 -41.74 -2.66
N LEU B 22 49.39 -40.64 -2.57
CA LEU B 22 49.21 -39.53 -3.49
C LEU B 22 49.52 -39.93 -4.91
N ASP B 23 50.34 -40.97 -5.12
CA ASP B 23 50.75 -41.33 -6.48
C ASP B 23 49.72 -42.14 -7.18
N VAL B 24 49.15 -43.13 -6.51
CA VAL B 24 48.15 -43.91 -7.20
C VAL B 24 46.90 -43.04 -7.21
N LEU B 25 46.87 -41.97 -6.41
CA LEU B 25 45.73 -41.06 -6.50
C LEU B 25 45.78 -40.36 -7.86
N GLN B 26 46.94 -39.80 -8.21
CA GLN B 26 47.14 -39.19 -9.51
C GLN B 26 46.95 -40.18 -10.66
N ASP B 27 47.41 -41.41 -10.52
CA ASP B 27 47.34 -42.38 -11.59
C ASP B 27 45.93 -42.74 -11.91
N LEU B 28 45.09 -42.74 -10.89
CA LEU B 28 43.68 -43.11 -11.04
C LEU B 28 42.84 -42.00 -11.69
N VAL B 29 43.14 -40.75 -11.37
CA VAL B 29 42.52 -39.62 -12.03
C VAL B 29 42.85 -39.69 -13.51
N THR B 30 44.15 -39.71 -13.79
CA THR B 30 44.69 -39.65 -15.15
C THR B 30 44.07 -40.73 -16.00
N VAL B 31 44.08 -41.93 -15.45
CA VAL B 31 43.65 -43.12 -16.16
C VAL B 31 42.12 -43.10 -16.33
N HIS B 32 41.36 -42.81 -15.27
CA HIS B 32 39.90 -42.55 -15.34
C HIS B 32 39.43 -41.63 -16.46
N SER B 33 39.91 -40.40 -16.40
CA SER B 33 39.57 -39.37 -17.37
C SER B 33 39.79 -39.73 -18.85
N ARG B 34 40.72 -40.65 -19.13
CA ARG B 34 41.10 -40.96 -20.49
C ARG B 34 40.17 -41.93 -21.18
N THR B 35 39.37 -42.68 -20.41
CA THR B 35 38.49 -43.67 -21.02
C THR B 35 36.99 -43.56 -20.71
N ILE B 36 36.63 -43.02 -19.54
CA ILE B 36 35.24 -42.79 -19.20
C ILE B 36 34.91 -41.30 -19.45
N PRO B 37 34.11 -41.03 -20.47
CA PRO B 37 33.97 -39.64 -20.87
C PRO B 37 32.92 -38.90 -20.05
N PHE B 38 32.98 -37.58 -20.17
CA PHE B 38 31.88 -36.76 -19.78
C PHE B 38 30.86 -36.93 -20.85
N GLU B 39 29.62 -37.06 -20.44
CA GLU B 39 28.56 -37.31 -21.38
C GLU B 39 27.21 -37.05 -20.70
N ASN B 40 26.22 -36.50 -21.41
CA ASN B 40 24.91 -36.32 -20.83
C ASN B 40 23.76 -36.91 -21.66
N LEU B 41 24.04 -37.90 -22.47
CA LEU B 41 22.99 -38.50 -23.29
C LEU B 41 21.74 -38.99 -22.54
N ASP B 42 21.85 -39.31 -21.25
CA ASP B 42 20.67 -39.71 -20.48
C ASP B 42 19.71 -38.54 -20.21
N PRO B 43 20.17 -37.47 -19.53
CA PRO B 43 19.27 -36.33 -19.33
C PRO B 43 18.75 -35.67 -20.63
N LEU B 44 19.59 -35.63 -21.65
CA LEU B 44 19.24 -35.11 -22.95
C LEU B 44 18.13 -35.89 -23.69
N LEU B 45 18.01 -37.19 -23.41
CA LEU B 45 16.99 -38.04 -24.02
C LEU B 45 15.85 -38.36 -23.05
N GLY B 46 15.84 -37.67 -21.92
CA GLY B 46 14.78 -37.83 -20.96
C GLY B 46 15.00 -38.92 -19.93
N VAL B 47 16.25 -39.27 -19.65
CA VAL B 47 16.56 -40.29 -18.65
C VAL B 47 17.29 -39.59 -17.50
N PRO B 48 16.55 -39.23 -16.44
CA PRO B 48 17.18 -38.56 -15.30
C PRO B 48 18.27 -39.37 -14.64
N VAL B 49 19.07 -38.69 -13.82
CA VAL B 49 20.13 -39.32 -13.04
C VAL B 49 19.84 -39.13 -11.53
N ASP B 50 19.21 -40.11 -10.90
CA ASP B 50 18.74 -39.93 -9.51
C ASP B 50 19.08 -41.09 -8.59
N ASP B 51 19.74 -42.11 -9.12
CA ASP B 51 20.27 -43.16 -8.31
C ASP B 51 21.79 -43.00 -8.30
N LEU B 52 22.35 -42.51 -7.20
CA LEU B 52 23.78 -42.32 -7.12
C LEU B 52 24.47 -43.40 -6.34
N SER B 53 23.91 -44.62 -6.38
CA SER B 53 24.38 -45.76 -5.61
C SER B 53 25.50 -46.48 -6.33
N PRO B 54 26.43 -47.11 -5.60
CA PRO B 54 27.53 -47.91 -6.18
C PRO B 54 27.10 -48.86 -7.30
N GLN B 55 25.89 -49.37 -7.19
CA GLN B 55 25.46 -50.39 -8.10
C GLN B 55 24.95 -49.77 -9.35
N ALA B 56 24.26 -48.64 -9.23
CA ALA B 56 23.66 -47.99 -10.38
C ALA B 56 24.72 -47.30 -11.17
N LEU B 57 25.70 -46.74 -10.48
CA LEU B 57 26.76 -46.01 -11.13
C LEU B 57 27.78 -46.93 -11.82
N ALA B 58 28.13 -48.03 -11.18
CA ALA B 58 29.03 -49.00 -11.77
C ALA B 58 28.34 -49.69 -12.93
N ASP B 59 27.06 -49.94 -12.79
CA ASP B 59 26.31 -50.54 -13.88
C ASP B 59 26.55 -49.73 -15.15
N LYS B 60 26.30 -48.44 -15.09
CA LYS B 60 26.25 -47.63 -16.29
C LYS B 60 27.65 -47.35 -16.80
N LEU B 61 28.52 -46.88 -15.92
CA LEU B 61 29.83 -46.41 -16.32
C LEU B 61 30.86 -47.50 -16.58
N VAL B 62 30.69 -48.67 -15.95
CA VAL B 62 31.66 -49.76 -16.06
C VAL B 62 31.12 -50.90 -16.93
N LEU B 63 29.93 -51.37 -16.64
CA LEU B 63 29.39 -52.50 -17.35
C LEU B 63 28.87 -52.07 -18.72
N ARG B 64 27.89 -51.17 -18.76
CA ARG B 64 27.25 -50.77 -20.00
C ARG B 64 28.17 -49.89 -20.87
N ARG B 65 29.34 -49.52 -20.34
CA ARG B 65 30.38 -48.80 -21.08
C ARG B 65 29.91 -47.44 -21.57
N ARG B 66 29.36 -46.70 -20.62
CA ARG B 66 28.78 -45.40 -20.85
C ARG B 66 29.59 -44.40 -20.05
N GLY B 67 29.41 -43.14 -20.37
CA GLY B 67 29.98 -42.06 -19.59
C GLY B 67 28.92 -41.56 -18.63
N GLY B 68 29.12 -40.37 -18.09
CA GLY B 68 28.19 -39.79 -17.15
C GLY B 68 28.56 -38.36 -16.78
N TYR B 69 27.73 -37.62 -16.03
CA TYR B 69 28.14 -36.26 -15.61
C TYR B 69 28.76 -36.24 -14.21
N CYS B 70 28.90 -35.07 -13.58
CA CYS B 70 29.63 -34.94 -12.31
C CYS B 70 29.18 -35.88 -11.20
N PHE B 71 27.87 -36.03 -11.03
CA PHE B 71 27.35 -36.83 -9.94
C PHE B 71 27.66 -38.31 -10.14
N GLU B 72 27.72 -38.76 -11.38
CA GLU B 72 28.08 -40.12 -11.68
C GLU B 72 29.59 -40.33 -11.57
N HIS B 73 30.37 -39.42 -12.13
CA HIS B 73 31.84 -39.51 -12.14
C HIS B 73 32.45 -39.38 -10.74
N ASN B 74 31.99 -38.42 -9.96
CA ASN B 74 32.58 -38.17 -8.64
C ASN B 74 31.84 -39.08 -7.65
N GLY B 75 30.76 -39.69 -8.14
CA GLY B 75 30.06 -40.75 -7.44
C GLY B 75 30.81 -42.07 -7.45
N LEU B 76 31.19 -42.50 -8.64
CA LEU B 76 31.95 -43.73 -8.76
C LEU B 76 33.39 -43.52 -8.25
N MET B 77 33.97 -42.36 -8.53
CA MET B 77 35.29 -42.13 -8.03
C MET B 77 35.31 -42.13 -6.49
N GLY B 78 34.21 -41.76 -5.85
CA GLY B 78 34.17 -41.70 -4.40
C GLY B 78 34.19 -43.05 -3.74
N TYR B 79 33.40 -43.97 -4.29
CA TYR B 79 33.31 -45.32 -3.77
C TYR B 79 34.61 -46.07 -4.00
N VAL B 80 35.10 -45.99 -5.23
CA VAL B 80 36.37 -46.61 -5.58
C VAL B 80 37.44 -46.25 -4.58
N LEU B 81 37.57 -44.97 -4.27
CA LEU B 81 38.66 -44.53 -3.43
C LEU B 81 38.45 -45.00 -2.02
N ALA B 82 37.20 -45.02 -1.59
CA ALA B 82 36.87 -45.30 -0.20
C ALA B 82 37.24 -46.72 0.16
N GLU B 83 37.23 -47.59 -0.84
CA GLU B 83 37.49 -49.00 -0.63
C GLU B 83 38.96 -49.35 -0.60
N LEU B 84 39.80 -48.50 -1.19
CA LEU B 84 41.24 -48.76 -1.20
C LEU B 84 41.95 -47.94 -0.16
N GLY B 85 41.22 -47.56 0.89
CA GLY B 85 41.82 -46.92 2.04
C GLY B 85 41.74 -45.42 2.01
N TYR B 86 41.12 -44.84 1.00
CA TYR B 86 40.94 -43.39 1.00
C TYR B 86 39.73 -43.00 1.87
N ARG B 87 39.90 -41.90 2.60
CA ARG B 87 38.82 -41.35 3.41
C ARG B 87 38.12 -40.22 2.65
N VAL B 88 36.97 -40.52 2.07
CA VAL B 88 36.37 -39.65 1.05
C VAL B 88 35.12 -38.94 1.52
N ARG B 89 35.09 -37.63 1.37
CA ARG B 89 33.85 -36.87 1.53
C ARG B 89 33.44 -36.14 0.23
N ARG B 90 32.18 -35.68 0.18
CA ARG B 90 31.56 -35.25 -1.06
C ARG B 90 31.01 -33.84 -0.90
N PHE B 91 31.52 -32.88 -1.66
CA PHE B 91 31.14 -31.48 -1.53
C PHE B 91 30.22 -31.09 -2.66
N ALA B 92 29.45 -30.03 -2.44
CA ALA B 92 28.62 -29.39 -3.46
C ALA B 92 29.30 -28.11 -3.95
N ALA B 93 29.02 -27.69 -5.18
CA ALA B 93 29.69 -26.54 -5.77
C ALA B 93 28.77 -25.83 -6.75
N ARG B 94 29.01 -24.54 -6.94
CA ARG B 94 28.26 -23.73 -7.88
C ARG B 94 29.14 -23.36 -9.09
N VAL B 95 28.77 -23.78 -10.30
CA VAL B 95 29.62 -23.47 -11.45
C VAL B 95 29.51 -22.02 -11.90
N VAL B 96 30.64 -21.34 -11.95
CA VAL B 96 30.71 -19.92 -12.30
C VAL B 96 31.60 -19.71 -13.52
N TRP B 97 31.94 -20.81 -14.19
CA TRP B 97 32.77 -20.69 -15.35
C TRP B 97 32.02 -19.96 -16.46
N LYS B 98 32.61 -18.86 -16.92
CA LYS B 98 32.10 -18.03 -18.03
C LYS B 98 31.09 -16.95 -17.64
N LEU B 99 30.93 -16.71 -16.34
CA LEU B 99 29.84 -15.85 -15.83
C LEU B 99 30.13 -14.36 -16.05
N ALA B 100 29.08 -13.57 -16.27
CA ALA B 100 29.23 -12.13 -16.47
C ALA B 100 29.70 -11.51 -15.13
N PRO B 101 30.04 -10.20 -15.10
CA PRO B 101 30.49 -9.64 -13.81
C PRO B 101 29.41 -9.79 -12.73
N ASP B 102 28.18 -9.49 -13.16
CA ASP B 102 27.00 -9.62 -12.33
C ASP B 102 26.14 -10.69 -12.99
N ALA B 103 25.81 -11.71 -12.21
CA ALA B 103 25.01 -12.81 -12.72
C ALA B 103 24.34 -13.43 -11.54
N PRO B 104 23.15 -14.02 -11.78
CA PRO B 104 22.48 -14.56 -10.60
C PRO B 104 23.27 -15.74 -10.11
N LEU B 105 23.27 -15.96 -8.81
CA LEU B 105 23.97 -17.12 -8.26
C LEU B 105 23.48 -18.46 -8.88
N PRO B 106 24.43 -19.29 -9.35
CA PRO B 106 24.01 -20.55 -9.93
C PRO B 106 23.59 -21.58 -8.85
N PRO B 107 22.84 -22.62 -9.24
CA PRO B 107 22.48 -23.69 -8.28
C PRO B 107 23.69 -24.54 -7.97
N GLN B 108 23.62 -25.30 -6.88
CA GLN B 108 24.68 -26.23 -6.53
C GLN B 108 24.44 -27.52 -7.25
N THR B 109 24.64 -27.49 -8.55
CA THR B 109 24.46 -28.68 -9.35
C THR B 109 25.81 -29.27 -9.74
N HIS B 110 26.87 -28.93 -9.00
CA HIS B 110 28.16 -29.62 -9.15
C HIS B 110 28.56 -30.30 -7.84
N THR B 111 29.31 -31.39 -7.96
CA THR B 111 29.82 -32.12 -6.82
C THR B 111 31.30 -32.37 -7.04
N LEU B 112 32.10 -32.27 -5.99
CA LEU B 112 33.54 -32.58 -6.04
C LEU B 112 33.85 -33.45 -4.80
N LEU B 113 35.07 -33.96 -4.67
CA LEU B 113 35.47 -34.76 -3.50
C LEU B 113 36.61 -34.16 -2.69
N GLY B 114 36.57 -34.27 -1.36
CA GLY B 114 37.77 -34.13 -0.53
C GLY B 114 38.35 -35.48 -0.10
N VAL B 115 39.66 -35.70 -0.24
CA VAL B 115 40.26 -36.98 0.17
C VAL B 115 41.45 -36.85 1.14
N THR B 116 41.58 -37.84 2.01
CA THR B 116 42.75 -37.98 2.86
C THR B 116 43.17 -39.44 2.88
N PHE B 117 44.29 -39.71 3.53
CA PHE B 117 44.89 -41.04 3.46
C PHE B 117 46.10 -41.11 4.35
N PRO B 118 46.54 -42.34 4.65
CA PRO B 118 47.74 -42.49 5.49
C PRO B 118 48.84 -41.60 4.98
N GLY B 119 49.29 -40.70 5.85
CA GLY B 119 50.44 -39.87 5.57
C GLY B 119 50.11 -38.58 4.88
N SER B 120 48.82 -38.34 4.64
CA SER B 120 48.39 -37.08 4.06
C SER B 120 48.85 -35.93 4.93
N GLY B 121 49.18 -34.81 4.31
CA GLY B 121 49.49 -33.60 5.05
C GLY B 121 48.21 -32.85 5.32
N GLY B 122 47.13 -33.38 4.80
CA GLY B 122 45.86 -32.71 4.87
C GLY B 122 45.00 -33.17 3.72
N CYS B 123 43.90 -32.45 3.54
CA CYS B 123 42.89 -32.79 2.55
C CYS B 123 43.22 -32.38 1.11
N TYR B 124 43.00 -33.34 0.21
CA TYR B 124 43.26 -33.16 -1.21
C TYR B 124 41.93 -33.04 -1.97
N LEU B 125 41.85 -32.07 -2.87
CA LEU B 125 40.70 -31.99 -3.77
C LEU B 125 40.89 -32.94 -4.97
N VAL B 126 39.81 -33.66 -5.26
CA VAL B 126 39.71 -34.52 -6.44
C VAL B 126 38.39 -34.20 -7.17
N ASP B 127 38.43 -34.16 -8.49
CA ASP B 127 37.23 -33.92 -9.31
C ASP B 127 37.48 -34.46 -10.71
N VAL B 128 36.76 -35.51 -11.10
CA VAL B 128 36.81 -36.09 -12.43
C VAL B 128 35.43 -35.99 -13.12
N GLY B 129 34.69 -34.93 -12.80
CA GLY B 129 33.33 -34.73 -13.28
C GLY B 129 32.94 -33.34 -13.74
N PHE B 130 33.91 -32.43 -13.82
CA PHE B 130 33.70 -31.13 -14.44
C PHE B 130 33.71 -31.16 -15.99
N GLY B 131 34.13 -32.26 -16.59
CA GLY B 131 34.15 -32.34 -18.04
C GLY B 131 35.51 -32.15 -18.67
N GLY B 132 35.56 -31.36 -19.74
CA GLY B 132 36.77 -31.17 -20.49
C GLY B 132 37.81 -30.40 -19.73
N GLN B 133 37.37 -29.55 -18.81
CA GLN B 133 38.30 -28.69 -18.07
C GLN B 133 38.46 -29.13 -16.62
N THR B 134 38.10 -30.36 -16.32
CA THR B 134 38.20 -30.82 -14.97
C THR B 134 39.68 -30.86 -14.67
N PRO B 135 40.07 -30.71 -13.38
CA PRO B 135 41.51 -30.81 -13.11
C PRO B 135 41.98 -32.26 -13.23
N THR B 136 43.21 -32.44 -13.69
CA THR B 136 43.67 -33.78 -13.98
C THR B 136 44.85 -34.23 -13.10
N SER B 137 45.10 -33.49 -12.03
CA SER B 137 45.93 -33.95 -10.92
C SER B 137 45.18 -33.58 -9.65
N PRO B 138 45.26 -34.38 -8.58
CA PRO B 138 44.69 -34.00 -7.27
C PRO B 138 45.37 -32.77 -6.70
N LEU B 139 44.69 -32.00 -5.85
CA LEU B 139 45.15 -30.66 -5.47
C LEU B 139 45.17 -30.39 -3.96
N ARG B 140 46.25 -29.79 -3.48
CA ARG B 140 46.27 -29.33 -2.09
C ARG B 140 45.11 -28.35 -1.91
N LEU B 141 44.63 -28.23 -0.69
CA LEU B 141 43.59 -27.27 -0.36
C LEU B 141 44.13 -25.93 0.18
N GLU B 142 45.43 -25.72 0.13
CA GLU B 142 45.97 -24.42 0.48
C GLU B 142 45.54 -23.33 -0.50
N THR B 143 45.14 -22.20 0.04
CA THR B 143 44.75 -21.06 -0.77
C THR B 143 45.98 -20.40 -1.45
N GLY B 144 45.73 -19.75 -2.59
CA GLY B 144 46.72 -18.92 -3.26
C GLY B 144 47.71 -19.66 -4.14
N ALA B 145 48.51 -20.50 -3.50
CA ALA B 145 49.52 -21.33 -4.15
C ALA B 145 49.09 -21.83 -5.52
N VAL B 146 49.93 -21.58 -6.52
CA VAL B 146 49.69 -22.12 -7.84
C VAL B 146 50.17 -23.52 -7.81
N GLN B 147 49.42 -24.41 -8.45
CA GLN B 147 49.67 -25.82 -8.37
C GLN B 147 49.79 -26.45 -9.75
N PRO B 148 50.93 -27.08 -10.04
CA PRO B 148 51.14 -27.91 -11.22
C PRO B 148 50.22 -29.10 -11.30
N THR B 149 49.76 -29.42 -12.50
CA THR B 149 49.03 -30.66 -12.75
C THR B 149 49.59 -31.24 -14.04
N THR B 150 49.13 -32.42 -14.43
CA THR B 150 49.67 -33.07 -15.61
C THR B 150 49.25 -32.31 -16.87
N HIS B 151 48.26 -31.42 -16.73
CA HIS B 151 47.97 -30.45 -17.78
C HIS B 151 48.31 -29.06 -17.23
N GLU B 152 47.37 -28.13 -17.31
CA GLU B 152 47.64 -26.77 -16.89
C GLU B 152 47.64 -26.65 -15.39
N PRO B 153 48.12 -25.52 -14.88
CA PRO B 153 48.09 -25.38 -13.44
C PRO B 153 46.82 -24.68 -12.91
N TYR B 154 46.52 -24.98 -11.66
CA TYR B 154 45.36 -24.47 -10.95
C TYR B 154 45.78 -23.84 -9.64
N ARG B 155 44.83 -23.25 -8.94
CA ARG B 155 45.05 -22.78 -7.59
C ARG B 155 43.72 -22.69 -6.85
N LEU B 156 43.75 -22.23 -5.60
CA LEU B 156 42.54 -22.02 -4.81
C LEU B 156 42.61 -20.65 -4.16
N GLU B 157 41.45 -19.97 -4.09
CA GLU B 157 41.34 -18.67 -3.43
C GLU B 157 40.14 -18.69 -2.50
N ASP B 158 40.25 -18.01 -1.36
CA ASP B 158 39.16 -17.99 -0.40
C ASP B 158 37.98 -17.26 -0.99
N ARG B 159 36.82 -17.87 -0.92
CA ARG B 159 35.63 -17.18 -1.37
C ARG B 159 35.23 -16.34 -0.18
N VAL B 160 34.19 -15.55 -0.37
CA VAL B 160 33.64 -14.72 0.68
C VAL B 160 33.01 -15.60 1.76
N ASP B 161 32.43 -16.72 1.32
CA ASP B 161 31.95 -17.77 2.21
C ASP B 161 32.99 -18.89 2.28
N GLY B 162 33.28 -19.48 1.13
CA GLY B 162 34.07 -20.69 1.07
C GLY B 162 35.31 -20.56 0.22
N PHE B 163 35.21 -21.06 -1.01
CA PHE B 163 36.36 -21.24 -1.86
C PHE B 163 36.00 -21.08 -3.31
N VAL B 164 37.03 -21.04 -4.13
CA VAL B 164 36.91 -20.90 -5.55
C VAL B 164 38.10 -21.68 -6.10
N LEU B 165 37.88 -22.40 -7.20
CA LEU B 165 38.94 -23.10 -7.90
C LEU B 165 39.20 -22.42 -9.23
N GLN B 166 40.48 -22.08 -9.46
CA GLN B 166 40.90 -21.39 -10.65
C GLN B 166 41.79 -22.31 -11.51
N ALA B 167 41.74 -22.11 -12.84
CA ALA B 167 42.59 -22.84 -13.80
C ALA B 167 43.32 -21.93 -14.74
N MET B 168 44.61 -22.20 -14.97
CA MET B 168 45.38 -21.40 -15.92
C MET B 168 45.05 -21.82 -17.36
N VAL B 169 44.17 -21.05 -18.01
CA VAL B 169 43.78 -21.27 -19.40
C VAL B 169 44.22 -20.07 -20.25
N ARG B 170 44.93 -20.34 -21.35
CA ARG B 170 45.51 -19.31 -22.25
C ARG B 170 46.10 -18.12 -21.51
N ASP B 171 47.01 -18.40 -20.60
CA ASP B 171 47.75 -17.35 -19.92
C ASP B 171 46.81 -16.44 -19.12
N THR B 172 45.85 -17.04 -18.45
CA THR B 172 44.86 -16.29 -17.69
C THR B 172 44.31 -17.21 -16.62
N TRP B 173 44.04 -16.65 -15.44
CA TRP B 173 43.26 -17.34 -14.41
C TRP B 173 41.75 -17.29 -14.68
N GLN B 174 41.19 -18.48 -14.87
CA GLN B 174 39.76 -18.68 -15.10
C GLN B 174 39.15 -19.31 -13.85
N THR B 175 38.12 -18.68 -13.29
CA THR B 175 37.40 -19.27 -12.15
C THR B 175 36.40 -20.26 -12.69
N LEU B 176 36.39 -21.44 -12.09
CA LEU B 176 35.56 -22.56 -12.53
C LEU B 176 34.27 -22.71 -11.73
N TYR B 177 34.39 -22.85 -10.42
CA TYR B 177 33.24 -22.98 -9.52
C TYR B 177 33.61 -22.57 -8.09
N GLU B 178 32.59 -22.27 -7.28
CA GLU B 178 32.78 -21.97 -5.85
C GLU B 178 32.19 -23.09 -5.00
N PHE B 179 32.68 -23.24 -3.78
CA PHE B 179 32.24 -24.34 -2.94
C PHE B 179 32.70 -24.16 -1.51
N THR B 180 32.24 -25.06 -0.65
CA THR B 180 32.58 -25.02 0.76
C THR B 180 32.90 -26.40 1.25
N THR B 181 33.59 -26.41 2.38
CA THR B 181 34.07 -27.62 3.03
C THR B 181 32.99 -28.65 3.40
N GLN B 182 31.75 -28.20 3.54
CA GLN B 182 30.73 -28.99 4.18
C GLN B 182 30.42 -30.29 3.48
N THR B 183 30.56 -31.41 4.18
CA THR B 183 30.20 -32.72 3.60
C THR B 183 28.71 -32.75 3.29
N ARG B 184 28.34 -33.37 2.16
CA ARG B 184 26.95 -33.43 1.71
C ARG B 184 26.45 -34.85 1.71
N PRO B 185 25.29 -35.12 2.37
CA PRO B 185 24.64 -36.41 2.35
C PRO B 185 24.11 -36.73 1.01
N GLN B 186 23.84 -38.00 0.76
CA GLN B 186 23.52 -38.41 -0.58
C GLN B 186 22.13 -37.93 -1.05
N ILE B 187 21.24 -37.66 -0.10
CA ILE B 187 19.90 -37.19 -0.38
C ILE B 187 19.94 -35.82 -1.01
N ASP B 188 20.89 -35.01 -0.56
CA ASP B 188 21.05 -33.67 -1.10
C ASP B 188 21.72 -33.68 -2.47
N LEU B 189 22.64 -34.62 -2.71
CA LEU B 189 23.28 -34.72 -4.01
C LEU B 189 22.26 -35.29 -4.96
N LYS B 190 21.37 -36.12 -4.45
CA LYS B 190 20.30 -36.67 -5.29
C LYS B 190 19.27 -35.60 -5.69
N VAL B 191 18.99 -34.65 -4.80
CA VAL B 191 18.15 -33.49 -5.12
C VAL B 191 18.80 -32.58 -6.18
N ALA B 192 20.09 -32.28 -6.01
CA ALA B 192 20.89 -31.49 -6.93
C ALA B 192 20.95 -32.16 -8.31
N SER B 193 21.22 -33.46 -8.31
CA SER B 193 21.31 -34.22 -9.54
C SER B 193 19.99 -34.34 -10.25
N TRP B 194 18.91 -34.42 -9.48
CA TRP B 194 17.57 -34.48 -10.03
C TRP B 194 17.30 -33.20 -10.77
N TYR B 195 17.63 -32.09 -10.14
CA TYR B 195 17.51 -30.79 -10.74
C TYR B 195 18.28 -30.71 -12.03
N ALA B 196 19.58 -30.97 -11.95
CA ALA B 196 20.45 -30.88 -13.10
C ALA B 196 20.03 -31.78 -14.24
N SER B 197 19.37 -32.91 -13.99
CA SER B 197 19.06 -33.81 -15.10
C SER B 197 17.62 -33.72 -15.54
N THR B 198 16.82 -32.88 -14.91
CA THR B 198 15.39 -32.82 -15.25
C THR B 198 14.85 -31.45 -15.39
N HIS B 199 15.49 -30.44 -14.84
CA HIS B 199 14.89 -29.12 -15.00
C HIS B 199 15.06 -28.71 -16.46
N PRO B 200 13.95 -28.27 -17.10
CA PRO B 200 13.95 -28.08 -18.55
C PRO B 200 14.91 -27.01 -19.08
N ALA B 201 15.40 -26.13 -18.20
CA ALA B 201 16.39 -25.13 -18.52
C ALA B 201 17.81 -25.63 -18.22
N SER B 202 17.96 -26.78 -17.57
CA SER B 202 19.29 -27.30 -17.30
C SER B 202 20.07 -27.41 -18.59
N LYS B 203 21.33 -27.02 -18.60
CA LYS B 203 22.11 -27.13 -19.83
C LYS B 203 22.25 -28.60 -20.26
N PHE B 204 21.99 -29.53 -19.35
CA PHE B 204 22.26 -30.95 -19.59
C PHE B 204 21.06 -31.63 -20.13
N VAL B 205 19.97 -30.89 -20.14
CA VAL B 205 18.71 -31.30 -20.72
C VAL B 205 18.51 -30.58 -22.07
N THR B 206 19.02 -29.36 -22.19
CA THR B 206 18.77 -28.56 -23.41
C THR B 206 19.80 -28.85 -24.52
N GLY B 207 20.97 -29.33 -24.15
CA GLY B 207 22.01 -29.57 -25.13
C GLY B 207 22.96 -30.69 -24.82
N LEU B 208 23.64 -31.14 -25.88
CA LEU B 208 24.68 -32.17 -25.84
C LEU B 208 26.05 -31.67 -25.42
N THR B 209 26.64 -32.31 -24.42
CA THR B 209 27.97 -31.97 -23.96
C THR B 209 28.76 -33.25 -23.63
N ALA B 210 29.94 -33.41 -24.24
CA ALA B 210 30.83 -34.55 -23.97
C ALA B 210 32.27 -34.10 -23.84
N ALA B 211 33.09 -34.93 -23.22
CA ALA B 211 34.49 -34.62 -23.08
C ALA B 211 35.29 -35.84 -22.65
N VAL B 212 36.55 -35.84 -23.01
CA VAL B 212 37.51 -36.84 -22.57
C VAL B 212 38.90 -36.19 -22.55
N ILE B 213 39.80 -36.69 -21.73
CA ILE B 213 41.08 -36.04 -21.51
C ILE B 213 42.21 -36.99 -21.79
N THR B 214 43.06 -36.64 -22.75
CA THR B 214 44.23 -37.45 -23.04
C THR B 214 45.48 -36.84 -22.46
N ASP B 215 46.60 -37.48 -22.71
CA ASP B 215 47.90 -36.95 -22.33
C ASP B 215 48.13 -35.50 -22.70
N ASP B 216 47.85 -35.18 -23.98
CA ASP B 216 48.24 -33.93 -24.62
C ASP B 216 47.07 -32.99 -24.90
N ALA B 217 45.84 -33.42 -24.68
CA ALA B 217 44.69 -32.63 -25.14
C ALA B 217 43.46 -32.76 -24.24
N ARG B 218 42.51 -31.86 -24.48
CA ARG B 218 41.24 -31.85 -23.81
C ARG B 218 40.24 -31.75 -24.91
N TRP B 219 39.47 -32.81 -25.06
CA TRP B 219 38.47 -32.96 -26.12
C TRP B 219 37.08 -32.59 -25.63
N ASN B 220 36.48 -31.58 -26.26
CA ASN B 220 35.10 -31.17 -26.00
C ASN B 220 34.20 -31.21 -27.21
N LEU B 221 32.95 -31.58 -26.95
CA LEU B 221 31.87 -31.54 -27.93
C LEU B 221 30.68 -30.85 -27.33
N SER B 222 30.25 -29.75 -27.95
CA SER B 222 29.06 -29.06 -27.54
C SER B 222 28.16 -29.09 -28.73
N GLY B 223 27.03 -29.79 -28.62
CA GLY B 223 26.22 -30.07 -29.80
C GLY B 223 26.99 -30.63 -31.01
N ARG B 224 27.08 -29.85 -32.09
CA ARG B 224 27.77 -30.25 -33.33
C ARG B 224 29.22 -29.84 -33.35
N ASP B 225 29.60 -29.01 -32.38
CA ASP B 225 30.88 -28.32 -32.42
C ASP B 225 31.87 -29.05 -31.56
N LEU B 226 32.92 -29.56 -32.19
CA LEU B 226 33.95 -30.26 -31.48
C LEU B 226 35.12 -29.30 -31.37
N ALA B 227 35.77 -29.29 -30.21
CA ALA B 227 37.05 -28.60 -30.03
C ALA B 227 38.05 -29.44 -29.23
N VAL B 228 39.26 -29.60 -29.78
CA VAL B 228 40.35 -30.27 -29.07
C VAL B 228 41.38 -29.27 -28.58
N HIS B 229 41.32 -28.92 -27.31
CA HIS B 229 42.28 -28.00 -26.75
C HIS B 229 43.62 -28.70 -26.68
N ARG B 230 44.65 -28.00 -27.09
CA ARG B 230 45.98 -28.55 -27.16
C ARG B 230 46.94 -27.43 -26.84
N ALA B 231 48.22 -27.76 -26.72
CA ALA B 231 49.27 -26.78 -26.49
C ALA B 231 49.38 -25.78 -27.65
N GLY B 232 49.40 -26.28 -28.87
CA GLY B 232 49.56 -25.43 -30.03
C GLY B 232 48.36 -24.55 -30.35
N GLY B 233 47.37 -24.57 -29.46
CA GLY B 233 46.11 -23.86 -29.65
C GLY B 233 44.95 -24.83 -29.61
N THR B 234 43.82 -24.42 -30.19
CA THR B 234 42.58 -25.18 -30.14
C THR B 234 42.06 -25.47 -31.54
N GLU B 235 41.74 -26.73 -31.78
CA GLU B 235 41.24 -27.18 -33.07
C GLU B 235 39.72 -27.43 -33.02
N LYS B 236 38.98 -26.59 -33.73
CA LYS B 236 37.54 -26.67 -33.75
C LYS B 236 37.04 -27.20 -35.07
N ILE B 237 36.05 -28.09 -35.01
CA ILE B 237 35.37 -28.55 -36.22
C ILE B 237 33.87 -28.51 -35.97
N ARG B 238 33.10 -27.97 -36.90
CA ARG B 238 31.65 -28.08 -36.84
C ARG B 238 31.19 -29.28 -37.66
N LEU B 239 30.76 -30.34 -36.99
CA LEU B 239 30.39 -31.59 -37.65
C LEU B 239 29.13 -31.44 -38.52
N ALA B 240 29.00 -32.31 -39.52
CA ALA B 240 28.00 -32.14 -40.59
C ALA B 240 26.60 -32.47 -40.17
N ASP B 241 26.39 -33.71 -39.72
CA ASP B 241 25.06 -34.20 -39.38
C ASP B 241 25.02 -35.07 -38.12
N ALA B 242 23.83 -35.53 -37.76
CA ALA B 242 23.66 -36.40 -36.61
C ALA B 242 24.50 -37.65 -36.74
N ALA B 243 24.65 -38.18 -37.93
CA ALA B 243 25.48 -39.36 -38.12
C ALA B 243 26.94 -39.07 -37.80
N ALA B 244 27.40 -37.86 -38.13
CA ALA B 244 28.76 -37.46 -37.80
C ALA B 244 28.93 -37.37 -36.28
N VAL B 245 27.93 -36.78 -35.63
CA VAL B 245 27.91 -36.67 -34.18
C VAL B 245 27.89 -38.05 -33.52
N VAL B 246 27.10 -38.99 -34.05
CA VAL B 246 27.06 -40.35 -33.52
C VAL B 246 28.43 -41.01 -33.63
N ASP B 247 29.05 -40.93 -34.79
CA ASP B 247 30.37 -41.54 -34.96
C ASP B 247 31.43 -40.95 -34.02
N THR B 248 31.33 -39.69 -33.68
CA THR B 248 32.23 -39.10 -32.69
C THR B 248 32.08 -39.70 -31.32
N LEU B 249 30.85 -39.68 -30.82
CA LEU B 249 30.56 -40.19 -29.49
C LEU B 249 31.15 -41.60 -29.27
N SER B 250 31.11 -42.47 -30.29
CA SER B 250 31.64 -43.84 -30.18
C SER B 250 33.14 -44.02 -30.45
N GLU B 251 33.65 -43.40 -31.50
CA GLU B 251 35.08 -43.50 -31.78
C GLU B 251 35.87 -42.62 -30.82
N ARG B 252 35.56 -41.34 -30.81
CA ARG B 252 36.39 -40.35 -30.13
C ARG B 252 36.15 -40.30 -28.64
N PHE B 253 34.91 -40.48 -28.22
CA PHE B 253 34.59 -40.47 -26.80
C PHE B 253 34.37 -41.91 -26.23
N GLY B 254 34.37 -42.94 -27.07
CA GLY B 254 34.34 -44.31 -26.57
C GLY B 254 33.08 -44.64 -25.80
N ILE B 255 31.96 -44.11 -26.26
CA ILE B 255 30.64 -44.31 -25.65
C ILE B 255 29.90 -45.45 -26.34
N ASN B 256 29.29 -46.33 -25.54
CA ASN B 256 28.48 -47.40 -26.06
C ASN B 256 27.09 -46.96 -26.48
N VAL B 257 27.01 -46.47 -27.69
CA VAL B 257 25.80 -45.87 -28.22
C VAL B 257 24.67 -46.86 -28.36
N ALA B 258 25.02 -48.14 -28.39
CA ALA B 258 24.04 -49.19 -28.64
C ALA B 258 23.19 -49.44 -27.41
N ASP B 259 23.70 -49.07 -26.25
CA ASP B 259 22.97 -49.20 -24.99
C ASP B 259 21.83 -48.19 -24.92
N ILE B 260 21.91 -47.20 -25.79
CA ILE B 260 20.96 -46.11 -25.87
C ILE B 260 19.74 -46.48 -26.71
N GLY B 261 19.97 -47.23 -27.79
CA GLY B 261 18.92 -47.62 -28.70
C GLY B 261 19.46 -47.70 -30.10
N GLU B 262 18.58 -47.89 -31.09
CA GLU B 262 19.02 -48.08 -32.48
C GLU B 262 19.79 -46.84 -32.94
N ARG B 263 20.83 -47.05 -33.76
CA ARG B 263 21.65 -45.95 -34.24
C ARG B 263 20.79 -44.94 -34.96
N GLY B 264 19.94 -45.44 -35.86
CA GLY B 264 19.07 -44.60 -36.62
C GLY B 264 18.16 -43.79 -35.72
N ALA B 265 17.53 -44.46 -34.77
CA ALA B 265 16.63 -43.79 -33.86
C ALA B 265 17.39 -42.70 -33.10
N LEU B 266 18.61 -43.01 -32.69
CA LEU B 266 19.43 -42.03 -32.00
C LEU B 266 19.73 -40.85 -32.92
N GLU B 267 20.13 -41.11 -34.16
CA GLU B 267 20.49 -40.04 -35.11
C GLU B 267 19.30 -39.15 -35.31
N THR B 268 18.13 -39.77 -35.38
CA THR B 268 16.89 -39.02 -35.43
C THR B 268 16.77 -38.10 -34.22
N ARG B 269 17.01 -38.63 -33.02
CA ARG B 269 16.86 -37.80 -31.86
C ARG B 269 17.88 -36.67 -31.97
N ILE B 270 19.09 -37.00 -32.38
CA ILE B 270 20.12 -36.00 -32.46
C ILE B 270 19.77 -34.98 -33.52
N ASP B 271 19.40 -35.45 -34.69
CA ASP B 271 19.15 -34.54 -35.79
C ASP B 271 17.98 -33.63 -35.46
N GLU B 272 17.02 -34.17 -34.72
CA GLU B 272 15.86 -33.40 -34.30
C GLU B 272 16.19 -32.37 -33.18
N ASP C 4 -31.98 54.88 8.96
CA ASP C 4 -33.15 55.63 9.41
C ASP C 4 -33.83 54.90 10.59
N LEU C 5 -33.47 55.30 11.80
CA LEU C 5 -34.08 54.80 13.02
C LEU C 5 -35.55 55.16 13.15
N THR C 6 -35.94 56.34 12.67
CA THR C 6 -37.31 56.82 12.78
C THR C 6 -38.24 55.80 12.13
N ALA C 7 -37.78 55.23 11.02
CA ALA C 7 -38.54 54.25 10.23
C ALA C 7 -38.45 52.85 10.79
N TYR C 8 -37.34 52.54 11.45
CA TYR C 8 -37.21 51.28 12.12
C TYR C 8 -38.12 51.27 13.32
N PHE C 9 -38.13 52.36 14.10
CA PHE C 9 -39.01 52.44 15.27
C PHE C 9 -40.48 52.37 14.95
N ASP C 10 -40.90 52.98 13.84
CA ASP C 10 -42.29 52.92 13.42
C ASP C 10 -42.71 51.51 13.00
N ARG C 11 -41.83 50.83 12.25
CA ARG C 11 -42.02 49.45 11.87
C ARG C 11 -42.34 48.62 13.08
N ILE C 12 -41.58 48.84 14.16
CA ILE C 12 -41.68 48.03 15.35
C ILE C 12 -42.53 48.69 16.41
N ASN C 13 -42.87 49.95 16.19
CA ASN C 13 -43.74 50.69 17.10
C ASN C 13 -43.13 50.88 18.49
N TYR C 14 -41.85 51.26 18.48
CA TYR C 14 -41.14 51.57 19.69
C TYR C 14 -41.40 53.04 20.05
N ARG C 15 -41.72 53.28 21.32
CA ARG C 15 -42.11 54.60 21.80
C ARG C 15 -41.27 55.06 22.99
N GLY C 16 -40.28 54.25 23.37
CA GLY C 16 -39.55 54.48 24.61
C GLY C 16 -38.34 55.33 24.40
N ALA C 17 -37.48 55.38 25.41
CA ALA C 17 -36.21 56.15 25.38
C ALA C 17 -35.09 55.60 24.45
N THR C 18 -34.21 56.50 24.02
CA THR C 18 -33.12 56.27 23.05
C THR C 18 -31.72 56.11 23.70
N ASP C 19 -31.63 56.38 25.00
CA ASP C 19 -30.38 56.25 25.76
C ASP C 19 -29.79 54.85 25.68
N PRO C 20 -28.47 54.76 25.50
CA PRO C 20 -27.82 53.46 25.55
C PRO C 20 -27.83 52.91 26.93
N THR C 21 -28.92 52.27 27.29
CA THR C 21 -29.02 51.69 28.61
C THR C 21 -29.48 50.27 28.48
N LEU C 22 -29.43 49.55 29.59
CA LEU C 22 -29.89 48.19 29.61
C LEU C 22 -31.38 48.18 29.29
N ASP C 23 -32.13 49.04 29.95
CA ASP C 23 -33.58 49.13 29.82
C ASP C 23 -34.10 49.36 28.44
N VAL C 24 -33.39 50.20 27.72
CA VAL C 24 -33.71 50.50 26.35
C VAL C 24 -33.34 49.30 25.53
N LEU C 25 -32.18 48.73 25.78
CA LEU C 25 -31.79 47.46 25.16
C LEU C 25 -32.84 46.38 25.35
N GLN C 26 -33.28 46.13 26.57
CA GLN C 26 -34.33 45.15 26.79
C GLN C 26 -35.63 45.51 26.11
N ASP C 27 -35.99 46.79 26.09
CA ASP C 27 -37.23 47.18 25.42
C ASP C 27 -37.11 47.04 23.93
N LEU C 28 -35.93 47.35 23.39
CA LEU C 28 -35.69 47.17 21.94
C LEU C 28 -35.87 45.70 21.54
N VAL C 29 -35.26 44.80 22.28
CA VAL C 29 -35.38 43.36 22.05
C VAL C 29 -36.84 42.87 22.11
N THR C 30 -37.59 43.32 23.11
CA THR C 30 -38.97 42.91 23.29
C THR C 30 -39.80 43.31 22.08
N VAL C 31 -39.61 44.52 21.63
CA VAL C 31 -40.43 45.10 20.60
C VAL C 31 -40.02 44.64 19.19
N HIS C 32 -38.71 44.48 18.95
CA HIS C 32 -38.23 43.95 17.69
C HIS C 32 -38.78 42.53 17.44
N SER C 33 -38.64 41.63 18.41
CA SER C 33 -39.00 40.20 18.29
C SER C 33 -40.48 39.86 18.21
N ARG C 34 -41.32 40.76 18.65
CA ARG C 34 -42.73 40.60 18.40
C ARG C 34 -43.14 41.12 17.04
N THR C 35 -42.50 42.17 16.55
CA THR C 35 -42.92 42.72 15.29
C THR C 35 -42.28 42.05 14.07
N ILE C 36 -40.96 41.91 14.04
CA ILE C 36 -40.30 41.35 12.84
C ILE C 36 -40.17 39.81 12.94
N PRO C 37 -40.79 39.10 11.99
CA PRO C 37 -40.74 37.65 12.18
C PRO C 37 -39.42 37.03 11.76
N PHE C 38 -39.09 35.88 12.34
CA PHE C 38 -38.13 35.02 11.72
C PHE C 38 -38.81 34.43 10.49
N GLU C 39 -38.11 34.42 9.36
CA GLU C 39 -38.66 33.99 8.09
C GLU C 39 -37.52 33.59 7.12
N ASN C 40 -37.71 32.53 6.32
CA ASN C 40 -36.72 32.08 5.34
C ASN C 40 -37.27 31.99 3.92
N LEU C 41 -38.26 32.79 3.59
CA LEU C 41 -38.92 32.61 2.32
C LEU C 41 -38.02 32.92 1.12
N ASP C 42 -37.09 33.86 1.27
CA ASP C 42 -36.12 34.19 0.22
C ASP C 42 -35.25 32.99 -0.19
N PRO C 43 -34.46 32.41 0.74
CA PRO C 43 -33.69 31.22 0.39
C PRO C 43 -34.49 30.07 -0.22
N LEU C 44 -35.64 29.85 0.38
CA LEU C 44 -36.57 28.80 0.02
C LEU C 44 -36.99 28.89 -1.45
N LEU C 45 -37.09 30.13 -1.95
CA LEU C 45 -37.59 30.38 -3.28
C LEU C 45 -36.49 30.83 -4.22
N GLY C 46 -35.24 30.73 -3.76
CA GLY C 46 -34.09 30.99 -4.58
C GLY C 46 -33.48 32.39 -4.47
N VAL C 47 -33.82 33.11 -3.42
CA VAL C 47 -33.29 34.45 -3.22
C VAL C 47 -32.20 34.33 -2.14
N PRO C 48 -30.92 34.36 -2.55
CA PRO C 48 -29.93 34.31 -1.48
C PRO C 48 -29.93 35.55 -0.60
N VAL C 49 -29.30 35.40 0.55
CA VAL C 49 -28.99 36.50 1.44
C VAL C 49 -27.47 36.73 1.43
N ASP C 50 -27.00 37.56 0.50
CA ASP C 50 -25.58 37.84 0.39
C ASP C 50 -25.21 39.27 0.75
N ASP C 51 -26.16 40.20 0.68
CA ASP C 51 -25.92 41.62 0.99
C ASP C 51 -26.39 41.93 2.43
N LEU C 52 -25.45 42.18 3.34
CA LEU C 52 -25.77 42.40 4.75
C LEU C 52 -25.57 43.86 5.18
N SER C 53 -25.46 44.76 4.21
CA SER C 53 -25.26 46.19 4.48
C SER C 53 -26.49 46.76 5.17
N PRO C 54 -26.33 47.86 5.90
CA PRO C 54 -27.48 48.54 6.51
C PRO C 54 -28.62 48.81 5.53
N GLN C 55 -28.28 49.25 4.33
CA GLN C 55 -29.28 49.66 3.33
C GLN C 55 -30.12 48.52 2.77
N ALA C 56 -29.50 47.36 2.61
CA ALA C 56 -30.19 46.18 2.10
C ALA C 56 -31.09 45.54 3.15
N LEU C 57 -30.69 45.64 4.40
CA LEU C 57 -31.41 45.00 5.48
C LEU C 57 -32.53 45.89 6.02
N ALA C 58 -32.33 47.20 5.98
CA ALA C 58 -33.41 48.15 6.29
C ALA C 58 -34.44 48.09 5.19
N ASP C 59 -34.02 48.04 3.94
CA ASP C 59 -34.96 47.93 2.83
C ASP C 59 -35.93 46.73 2.91
N LYS C 60 -35.42 45.58 3.32
CA LYS C 60 -36.23 44.39 3.42
C LYS C 60 -37.00 44.25 4.74
N LEU C 61 -36.32 44.34 5.89
CA LEU C 61 -36.99 44.06 7.16
C LEU C 61 -37.84 45.21 7.69
N VAL C 62 -37.62 46.42 7.18
CA VAL C 62 -38.33 47.61 7.66
C VAL C 62 -39.28 48.12 6.58
N LEU C 63 -38.74 48.57 5.46
CA LEU C 63 -39.57 49.27 4.51
C LEU C 63 -40.52 48.31 3.84
N ARG C 64 -40.09 47.07 3.60
CA ARG C 64 -40.85 46.13 2.81
C ARG C 64 -41.68 45.23 3.68
N ARG C 65 -41.62 45.47 5.00
CA ARG C 65 -42.35 44.70 5.99
C ARG C 65 -42.09 43.18 5.86
N ARG C 66 -40.83 42.80 5.62
CA ARG C 66 -40.43 41.41 5.64
C ARG C 66 -39.82 41.11 7.01
N GLY C 67 -39.59 39.82 7.25
CA GLY C 67 -38.75 39.34 8.31
C GLY C 67 -37.53 38.76 7.62
N GLY C 68 -36.73 38.01 8.35
CA GLY C 68 -35.52 37.44 7.80
C GLY C 68 -34.97 36.36 8.71
N TYR C 69 -33.75 35.89 8.46
CA TYR C 69 -33.13 34.89 9.35
C TYR C 69 -31.95 35.52 10.13
N CYS C 70 -31.12 34.73 10.81
CA CYS C 70 -30.16 35.31 11.78
C CYS C 70 -29.28 36.47 11.29
N PHE C 71 -28.82 36.40 10.06
CA PHE C 71 -27.82 37.34 9.61
C PHE C 71 -28.51 38.66 9.37
N GLU C 72 -29.74 38.58 8.92
CA GLU C 72 -30.57 39.74 8.65
C GLU C 72 -31.09 40.34 9.94
N HIS C 73 -31.54 39.52 10.87
CA HIS C 73 -32.04 40.00 12.16
C HIS C 73 -31.01 40.68 13.01
N ASN C 74 -29.88 40.01 13.18
CA ASN C 74 -28.85 40.55 14.03
C ASN C 74 -27.96 41.54 13.27
N GLY C 75 -27.99 41.47 11.93
CA GLY C 75 -27.47 42.58 11.11
C GLY C 75 -28.17 43.90 11.44
N LEU C 76 -29.44 44.00 11.10
CA LEU C 76 -30.23 45.19 11.42
C LEU C 76 -30.12 45.61 12.87
N MET C 77 -30.38 44.70 13.81
CA MET C 77 -30.30 45.06 15.23
C MET C 77 -28.92 45.67 15.61
N GLY C 78 -27.81 45.06 15.19
CA GLY C 78 -26.49 45.63 15.43
C GLY C 78 -26.25 47.02 14.87
N TYR C 79 -26.76 47.28 13.69
CA TYR C 79 -26.63 48.59 13.11
C TYR C 79 -27.34 49.61 13.97
N VAL C 80 -28.60 49.30 14.29
CA VAL C 80 -29.41 50.14 15.14
C VAL C 80 -28.74 50.41 16.47
N LEU C 81 -28.17 49.40 17.09
CA LEU C 81 -27.62 49.62 18.41
C LEU C 81 -26.37 50.49 18.33
N ALA C 82 -25.53 50.17 17.36
CA ALA C 82 -24.32 50.93 17.13
C ALA C 82 -24.64 52.41 16.91
N GLU C 83 -25.72 52.69 16.17
CA GLU C 83 -26.15 54.07 15.90
C GLU C 83 -26.75 54.79 17.11
N LEU C 84 -27.14 54.05 18.15
CA LEU C 84 -27.69 54.65 19.36
C LEU C 84 -26.67 54.85 20.45
N GLY C 85 -25.46 54.35 20.25
CA GLY C 85 -24.37 54.60 21.17
C GLY C 85 -23.98 53.37 21.91
N TYR C 86 -24.55 52.24 21.56
CA TYR C 86 -24.06 50.99 22.09
C TYR C 86 -22.76 50.61 21.36
N ARG C 87 -21.95 49.76 22.01
CA ARG C 87 -20.73 49.17 21.40
C ARG C 87 -21.00 47.75 20.96
N VAL C 88 -20.98 47.50 19.65
CA VAL C 88 -21.52 46.25 19.11
C VAL C 88 -20.42 45.43 18.45
N ARG C 89 -20.52 44.11 18.59
CA ARG C 89 -19.54 43.19 18.06
C ARG C 89 -20.27 41.95 17.61
N ARG C 90 -19.88 41.42 16.47
CA ARG C 90 -20.56 40.30 15.85
C ARG C 90 -19.78 38.99 16.00
N PHE C 91 -20.46 37.96 16.50
CA PHE C 91 -19.86 36.63 16.73
C PHE C 91 -20.49 35.63 15.78
N ALA C 92 -19.89 34.46 15.63
CA ALA C 92 -20.48 33.38 14.84
C ALA C 92 -20.73 32.19 15.75
N ALA C 93 -21.76 31.42 15.44
CA ALA C 93 -22.11 30.27 16.24
C ALA C 93 -22.49 29.06 15.36
N ARG C 94 -22.28 27.86 15.88
CA ARG C 94 -22.79 26.65 15.27
C ARG C 94 -24.04 26.20 16.01
N VAL C 95 -25.07 25.81 15.29
CA VAL C 95 -26.30 25.37 15.93
C VAL C 95 -26.26 23.85 16.25
N VAL C 96 -26.32 23.51 17.54
CA VAL C 96 -26.30 22.11 17.99
C VAL C 96 -27.62 21.63 18.60
N TRP C 97 -28.65 22.43 18.51
CA TRP C 97 -29.94 22.08 19.09
C TRP C 97 -30.61 20.83 18.49
N LYS C 98 -30.97 19.85 19.33
CA LYS C 98 -31.97 18.83 18.96
C LYS C 98 -31.48 17.51 18.35
N LEU C 99 -30.39 17.00 18.90
CA LEU C 99 -29.73 15.71 18.55
C LEU C 99 -28.50 15.91 17.62
N ALA C 100 -27.70 14.86 17.35
CA ALA C 100 -27.75 13.56 18.00
C ALA C 100 -26.54 13.54 18.92
N PRO C 101 -26.28 12.42 19.60
CA PRO C 101 -25.16 12.50 20.54
C PRO C 101 -23.81 12.69 19.83
N ASP C 102 -23.61 11.91 18.77
CA ASP C 102 -22.41 12.00 17.95
C ASP C 102 -22.79 12.68 16.63
N ALA C 103 -23.13 13.97 16.71
CA ALA C 103 -23.53 14.72 15.55
C ALA C 103 -22.30 15.20 14.83
N PRO C 104 -22.30 15.17 13.47
CA PRO C 104 -21.22 15.78 12.68
C PRO C 104 -21.24 17.24 12.97
N LEU C 105 -20.08 17.84 13.20
CA LEU C 105 -20.01 19.27 13.49
C LEU C 105 -20.80 20.11 12.49
N PRO C 106 -21.68 20.99 13.00
CA PRO C 106 -22.45 21.90 12.16
C PRO C 106 -21.63 23.08 11.67
N PRO C 107 -22.08 23.73 10.60
CA PRO C 107 -21.36 24.91 10.11
C PRO C 107 -21.60 26.11 11.01
N GLN C 108 -20.70 27.09 10.92
CA GLN C 108 -20.93 28.37 11.57
C GLN C 108 -21.93 29.24 10.83
N THR C 109 -23.17 28.78 10.74
CA THR C 109 -24.19 29.52 10.01
C THR C 109 -25.19 30.28 10.92
N HIS C 110 -24.82 30.48 12.18
CA HIS C 110 -25.62 31.32 13.07
C HIS C 110 -24.76 32.49 13.55
N THR C 111 -25.39 33.63 13.82
CA THR C 111 -24.72 34.87 14.23
C THR C 111 -25.36 35.55 15.45
N LEU C 112 -24.52 36.17 16.27
CA LEU C 112 -24.88 36.83 17.52
C LEU C 112 -24.22 38.16 17.66
N LEU C 113 -24.71 38.91 18.65
CA LEU C 113 -24.14 40.18 19.05
C LEU C 113 -23.52 40.16 20.45
N GLY C 114 -22.36 40.78 20.60
CA GLY C 114 -21.85 41.13 21.92
C GLY C 114 -21.98 42.63 22.16
N VAL C 115 -22.66 43.05 23.22
CA VAL C 115 -23.03 44.46 23.39
C VAL C 115 -22.63 45.05 24.72
N THR C 116 -22.08 46.27 24.64
CA THR C 116 -21.71 47.07 25.80
C THR C 116 -22.34 48.46 25.67
N PHE C 117 -22.48 49.16 26.78
CA PHE C 117 -22.80 50.58 26.71
C PHE C 117 -22.13 51.32 27.85
N PRO C 118 -22.00 52.64 27.69
CA PRO C 118 -21.31 53.38 28.72
C PRO C 118 -22.01 53.16 30.05
N GLY C 119 -21.29 52.56 30.97
CA GLY C 119 -21.76 52.42 32.33
C GLY C 119 -22.27 51.01 32.51
N SER C 120 -22.13 50.18 31.50
CA SER C 120 -22.56 48.79 31.63
C SER C 120 -21.56 48.06 32.48
N GLY C 121 -22.06 47.14 33.28
CA GLY C 121 -21.19 46.38 34.15
C GLY C 121 -20.17 45.71 33.28
N GLY C 122 -20.60 45.34 32.09
CA GLY C 122 -19.76 44.55 31.20
C GLY C 122 -20.43 44.29 29.88
N CYS C 123 -20.38 43.03 29.45
CA CYS C 123 -20.79 42.64 28.10
C CYS C 123 -22.07 41.82 28.12
N TYR C 124 -23.03 42.25 27.30
CA TYR C 124 -24.31 41.55 27.19
C TYR C 124 -24.48 40.84 25.84
N LEU C 125 -25.07 39.65 25.90
CA LEU C 125 -25.45 38.92 24.69
C LEU C 125 -26.88 39.27 24.24
N VAL C 126 -27.00 39.64 22.96
CA VAL C 126 -28.25 39.95 22.30
C VAL C 126 -28.39 39.02 21.08
N ASP C 127 -29.55 38.39 20.95
CA ASP C 127 -29.83 37.51 19.81
C ASP C 127 -31.31 37.53 19.47
N VAL C 128 -31.67 38.34 18.48
CA VAL C 128 -33.02 38.40 17.93
C VAL C 128 -33.20 37.55 16.64
N GLY C 129 -32.19 36.75 16.28
CA GLY C 129 -32.19 36.05 15.02
C GLY C 129 -32.21 34.54 15.06
N PHE C 130 -32.41 33.91 16.21
CA PHE C 130 -32.43 32.44 16.30
C PHE C 130 -33.78 31.76 16.01
N GLY C 131 -34.86 32.53 15.94
CA GLY C 131 -36.14 31.97 15.60
C GLY C 131 -36.99 31.89 16.83
N GLY C 132 -37.80 30.86 16.92
CA GLY C 132 -38.77 30.77 18.01
C GLY C 132 -38.17 30.62 19.40
N GLN C 133 -36.94 30.16 19.52
CA GLN C 133 -36.32 29.99 20.83
C GLN C 133 -35.27 31.04 21.13
N THR C 134 -35.25 32.11 20.34
CA THR C 134 -34.32 33.20 20.58
C THR C 134 -34.58 33.83 21.94
N PRO C 135 -33.51 34.21 22.65
CA PRO C 135 -33.65 34.78 23.99
C PRO C 135 -34.33 36.15 23.95
N THR C 136 -35.08 36.48 24.99
CA THR C 136 -35.99 37.62 24.95
C THR C 136 -35.53 38.73 25.89
N SER C 137 -34.43 38.48 26.60
CA SER C 137 -33.75 39.50 27.37
C SER C 137 -32.28 39.46 27.02
N PRO C 138 -31.59 40.59 27.14
CA PRO C 138 -30.13 40.58 27.08
C PRO C 138 -29.53 39.68 28.18
N LEU C 139 -28.53 38.89 27.85
CA LEU C 139 -27.98 37.98 28.82
C LEU C 139 -26.55 38.39 29.10
N ARG C 140 -26.21 38.45 30.39
CA ARG C 140 -24.85 38.78 30.80
C ARG C 140 -23.94 37.71 30.27
N LEU C 141 -22.86 38.11 29.61
CA LEU C 141 -21.86 37.16 29.20
C LEU C 141 -21.05 36.74 30.42
N GLU C 142 -21.62 35.80 31.17
CA GLU C 142 -21.04 35.20 32.34
C GLU C 142 -21.54 33.78 32.41
N THR C 143 -20.70 32.89 32.90
CA THR C 143 -20.94 31.46 32.81
C THR C 143 -21.65 30.95 34.06
N GLY C 144 -22.27 29.78 33.94
CA GLY C 144 -22.83 29.07 35.07
C GLY C 144 -24.16 29.54 35.63
N ALA C 145 -24.29 30.84 35.84
CA ALA C 145 -25.45 31.36 36.53
C ALA C 145 -26.70 31.37 35.67
N VAL C 146 -27.75 30.73 36.20
CA VAL C 146 -29.07 30.73 35.61
C VAL C 146 -29.61 32.16 35.58
N GLN C 147 -29.88 32.65 34.37
CA GLN C 147 -30.30 34.03 34.18
C GLN C 147 -31.74 34.07 33.74
N PRO C 148 -32.55 34.95 34.36
CA PRO C 148 -33.95 35.02 33.98
C PRO C 148 -34.16 35.98 32.82
N THR C 149 -35.23 35.78 32.06
CA THR C 149 -35.57 36.68 30.97
C THR C 149 -37.07 36.96 31.03
N THR C 150 -37.59 37.60 30.00
CA THR C 150 -39.01 37.88 29.97
C THR C 150 -39.80 36.60 29.69
N HIS C 151 -39.11 35.52 29.33
CA HIS C 151 -39.71 34.19 29.15
C HIS C 151 -38.99 33.19 30.03
N GLU C 152 -38.41 32.14 29.44
CA GLU C 152 -37.66 31.12 30.20
C GLU C 152 -36.28 31.59 30.71
N PRO C 153 -35.80 30.96 31.81
CA PRO C 153 -34.40 31.15 32.22
C PRO C 153 -33.42 30.61 31.19
N TYR C 154 -32.35 31.36 30.95
CA TYR C 154 -31.22 30.91 30.16
C TYR C 154 -29.98 31.02 31.01
N ARG C 155 -28.93 30.33 30.60
CA ARG C 155 -27.60 30.49 31.18
C ARG C 155 -26.55 30.16 30.11
N LEU C 156 -25.31 30.54 30.36
CA LEU C 156 -24.18 30.14 29.51
C LEU C 156 -23.25 29.21 30.26
N GLU C 157 -22.82 28.15 29.60
CA GLU C 157 -21.83 27.28 30.18
C GLU C 157 -20.57 27.37 29.33
N ASP C 158 -19.40 27.28 29.97
CA ASP C 158 -18.16 27.07 29.23
C ASP C 158 -18.18 25.71 28.55
N ARG C 159 -17.56 25.66 27.39
CA ARG C 159 -17.28 24.41 26.73
C ARG C 159 -15.78 24.51 26.44
N VAL C 160 -15.20 23.44 25.97
CA VAL C 160 -13.80 23.50 25.60
C VAL C 160 -13.69 24.46 24.43
N ASP C 161 -12.75 25.41 24.52
CA ASP C 161 -12.56 26.41 23.46
C ASP C 161 -13.84 27.10 22.93
N GLY C 162 -14.76 27.44 23.83
CA GLY C 162 -15.98 28.14 23.43
C GLY C 162 -17.08 28.10 24.47
N PHE C 163 -18.24 28.61 24.10
CA PHE C 163 -19.35 28.81 25.00
C PHE C 163 -20.53 28.06 24.43
N VAL C 164 -21.57 27.95 25.23
CA VAL C 164 -22.86 27.48 24.75
C VAL C 164 -23.94 28.29 25.41
N LEU C 165 -24.98 28.59 24.66
CA LEU C 165 -26.18 29.15 25.24
C LEU C 165 -27.19 28.05 25.52
N GLN C 166 -27.75 28.07 26.72
CA GLN C 166 -28.73 27.10 27.15
C GLN C 166 -30.06 27.76 27.60
N ALA C 167 -31.15 27.04 27.38
CA ALA C 167 -32.49 27.48 27.76
C ALA C 167 -33.21 26.40 28.55
N MET C 168 -34.05 26.84 29.49
CA MET C 168 -34.92 25.93 30.24
C MET C 168 -36.25 25.74 29.53
N VAL C 169 -36.42 24.56 28.96
CA VAL C 169 -37.52 24.27 28.06
C VAL C 169 -38.08 22.91 28.43
N ARG C 170 -39.37 22.89 28.75
CA ARG C 170 -40.04 21.67 29.20
C ARG C 170 -39.23 21.15 30.38
N ASP C 171 -39.02 22.06 31.32
CA ASP C 171 -38.37 21.74 32.57
C ASP C 171 -37.01 21.10 32.41
N THR C 172 -36.29 21.35 31.32
CA THR C 172 -34.90 20.91 31.21
C THR C 172 -34.01 21.90 30.46
N TRP C 173 -32.72 21.88 30.80
CA TRP C 173 -31.77 22.70 30.07
C TRP C 173 -31.49 22.09 28.71
N GLN C 174 -31.60 22.92 27.69
CA GLN C 174 -31.42 22.47 26.33
C GLN C 174 -30.48 23.35 25.53
N THR C 175 -29.40 22.74 25.05
CA THR C 175 -28.31 23.47 24.42
C THR C 175 -28.74 23.92 23.04
N LEU C 176 -28.63 25.21 22.77
CA LEU C 176 -29.12 25.79 21.52
C LEU C 176 -28.01 25.83 20.46
N TYR C 177 -26.88 26.42 20.85
CA TYR C 177 -25.77 26.67 19.93
C TYR C 177 -24.44 26.92 20.64
N GLU C 178 -23.36 26.67 19.96
CA GLU C 178 -22.00 26.83 20.51
C GLU C 178 -21.34 28.01 19.84
N PHE C 179 -20.57 28.81 20.58
CA PHE C 179 -19.91 29.98 19.99
C PHE C 179 -18.67 30.53 20.73
N THR C 180 -17.79 31.25 20.01
CA THR C 180 -16.72 32.01 20.67
C THR C 180 -16.93 33.53 20.53
N THR C 181 -16.14 34.31 21.29
CA THR C 181 -16.23 35.77 21.33
C THR C 181 -15.26 36.45 20.35
N GLN C 182 -14.89 35.71 19.31
CA GLN C 182 -14.07 36.24 18.24
C GLN C 182 -14.88 37.16 17.34
N THR C 183 -14.43 38.39 17.16
CA THR C 183 -15.16 39.33 16.30
C THR C 183 -15.09 38.82 14.88
N ARG C 184 -16.25 38.73 14.19
CA ARG C 184 -16.30 38.22 12.82
C ARG C 184 -16.40 39.39 11.89
N PRO C 185 -15.52 39.47 10.88
CA PRO C 185 -15.65 40.57 9.91
C PRO C 185 -16.82 40.34 8.98
N GLN C 186 -17.30 41.40 8.36
CA GLN C 186 -18.49 41.34 7.52
C GLN C 186 -18.39 40.28 6.40
N ILE C 187 -17.19 40.08 5.87
CA ILE C 187 -17.00 39.19 4.75
C ILE C 187 -17.17 37.76 5.18
N ASP C 188 -16.83 37.47 6.42
CA ASP C 188 -16.95 36.11 6.92
C ASP C 188 -18.42 35.81 7.28
N LEU C 189 -19.19 36.81 7.70
CA LEU C 189 -20.61 36.62 7.93
C LEU C 189 -21.33 36.50 6.59
N LYS C 190 -20.86 37.23 5.57
CA LYS C 190 -21.37 37.10 4.20
C LYS C 190 -21.16 35.69 3.60
N VAL C 191 -19.96 35.15 3.74
CA VAL C 191 -19.67 33.80 3.31
C VAL C 191 -20.57 32.77 3.99
N ALA C 192 -20.81 32.96 5.28
CA ALA C 192 -21.60 31.98 6.01
C ALA C 192 -23.06 32.06 5.61
N SER C 193 -23.52 33.28 5.35
CA SER C 193 -24.90 33.50 4.90
C SER C 193 -25.13 32.96 3.50
N TRP C 194 -24.18 33.18 2.60
CA TRP C 194 -24.25 32.61 1.26
C TRP C 194 -24.47 31.12 1.35
N TYR C 195 -23.76 30.45 2.23
CA TYR C 195 -23.96 29.02 2.40
C TYR C 195 -25.39 28.71 2.94
N ALA C 196 -25.81 29.41 3.98
CA ALA C 196 -27.10 29.13 4.60
C ALA C 196 -28.29 29.41 3.68
N SER C 197 -28.11 30.29 2.69
CA SER C 197 -29.21 30.68 1.82
C SER C 197 -29.10 30.11 0.41
N THR C 198 -28.03 29.36 0.11
CA THR C 198 -27.83 28.79 -1.23
C THR C 198 -27.42 27.31 -1.24
N HIS C 199 -26.79 26.79 -0.19
CA HIS C 199 -26.41 25.39 -0.24
C HIS C 199 -27.64 24.49 -0.19
N PRO C 200 -27.78 23.57 -1.15
CA PRO C 200 -29.01 22.78 -1.34
C PRO C 200 -29.48 21.89 -0.20
N ALA C 201 -28.63 21.61 0.78
CA ALA C 201 -28.97 20.80 1.94
C ALA C 201 -29.19 21.66 3.18
N SER C 202 -29.18 22.98 3.03
CA SER C 202 -29.43 23.86 4.15
C SER C 202 -30.89 23.77 4.46
N LYS C 203 -31.25 23.75 5.73
CA LYS C 203 -32.66 23.65 6.09
C LYS C 203 -33.40 24.90 5.60
N PHE C 204 -32.69 26.01 5.46
CA PHE C 204 -33.37 27.25 5.10
C PHE C 204 -33.69 27.28 3.63
N VAL C 205 -33.07 26.37 2.90
CA VAL C 205 -33.29 26.21 1.46
C VAL C 205 -34.28 25.08 1.14
N THR C 206 -34.32 24.05 1.98
CA THR C 206 -35.15 22.89 1.71
C THR C 206 -36.54 23.00 2.30
N GLY C 207 -36.70 23.73 3.40
CA GLY C 207 -38.00 23.86 4.04
C GLY C 207 -38.33 25.25 4.57
N LEU C 208 -39.62 25.46 4.80
CA LEU C 208 -40.17 26.71 5.32
C LEU C 208 -40.07 26.80 6.84
N THR C 209 -39.55 27.91 7.35
CA THR C 209 -39.50 28.16 8.79
C THR C 209 -39.88 29.61 9.11
N ALA C 210 -40.86 29.77 10.00
CA ALA C 210 -41.29 31.10 10.49
C ALA C 210 -41.44 31.09 12.02
N ALA C 211 -41.25 32.23 12.64
CA ALA C 211 -41.38 32.34 14.09
C ALA C 211 -41.53 33.79 14.47
N VAL C 212 -42.27 34.03 15.52
CA VAL C 212 -42.47 35.34 16.08
C VAL C 212 -42.77 35.08 17.53
N ILE C 213 -42.41 36.02 18.40
CA ILE C 213 -42.53 35.85 19.84
C ILE C 213 -43.47 36.88 20.44
N THR C 214 -44.35 36.42 21.31
CA THR C 214 -45.29 37.29 22.00
C THR C 214 -45.01 37.37 23.49
N ASP C 215 -45.84 38.17 24.16
CA ASP C 215 -45.90 38.31 25.61
C ASP C 215 -45.93 36.95 26.27
N ASP C 216 -46.83 36.10 25.79
CA ASP C 216 -47.19 34.88 26.50
C ASP C 216 -46.92 33.61 25.69
N ALA C 217 -46.25 33.73 24.55
CA ALA C 217 -46.02 32.58 23.71
C ALA C 217 -44.82 32.75 22.81
N ARG C 218 -44.42 31.66 22.18
CA ARG C 218 -43.49 31.66 21.08
C ARG C 218 -44.23 30.88 20.02
N TRP C 219 -44.50 31.53 18.90
CA TRP C 219 -45.09 30.92 17.72
C TRP C 219 -44.00 30.42 16.77
N ASN C 220 -44.28 29.29 16.13
CA ASN C 220 -43.36 28.62 15.22
C ASN C 220 -44.11 27.94 14.10
N LEU C 221 -43.56 28.04 12.90
CA LEU C 221 -44.13 27.35 11.74
C LEU C 221 -43.04 26.57 11.02
N SER C 222 -43.27 25.28 10.81
CA SER C 222 -42.35 24.38 10.16
C SER C 222 -43.14 23.64 9.10
N GLY C 223 -43.05 24.08 7.86
CA GLY C 223 -43.86 23.53 6.80
C GLY C 223 -45.33 23.84 7.03
N ARG C 224 -46.16 22.81 7.14
CA ARG C 224 -47.60 22.99 7.41
C ARG C 224 -47.85 23.01 8.91
N ASP C 225 -46.81 22.75 9.69
CA ASP C 225 -46.94 22.49 11.09
C ASP C 225 -46.82 23.78 11.90
N LEU C 226 -47.95 24.28 12.38
CA LEU C 226 -47.94 25.45 13.23
C LEU C 226 -47.87 25.00 14.67
N ALA C 227 -47.12 25.71 15.50
CA ALA C 227 -47.04 25.34 16.90
C ALA C 227 -46.85 26.56 17.79
N VAL C 228 -47.66 26.69 18.84
CA VAL C 228 -47.60 27.84 19.73
C VAL C 228 -47.24 27.39 21.14
N HIS C 229 -46.13 27.88 21.64
CA HIS C 229 -45.59 27.41 22.91
C HIS C 229 -45.98 28.36 24.01
N ARG C 230 -46.87 27.94 24.88
CA ARG C 230 -47.27 28.75 26.03
C ARG C 230 -46.90 28.00 27.32
N ALA C 231 -46.93 28.70 28.44
CA ALA C 231 -46.67 28.09 29.75
C ALA C 231 -47.42 26.77 29.96
N GLY C 232 -48.71 26.78 29.70
CA GLY C 232 -49.54 25.63 29.92
C GLY C 232 -49.37 24.44 28.99
N GLY C 233 -48.74 24.66 27.83
CA GLY C 233 -48.59 23.61 26.86
C GLY C 233 -48.48 24.13 25.45
N THR C 234 -48.30 23.19 24.53
CA THR C 234 -48.02 23.51 23.15
C THR C 234 -49.24 23.22 22.32
N GLU C 235 -49.74 24.27 21.69
CA GLU C 235 -50.78 24.19 20.70
C GLU C 235 -50.17 23.91 19.36
N LYS C 236 -50.58 22.80 18.77
CA LYS C 236 -50.06 22.39 17.50
C LYS C 236 -51.22 22.28 16.51
N ILE C 237 -51.02 22.72 15.29
CA ILE C 237 -52.06 22.71 14.27
C ILE C 237 -51.41 22.43 12.94
N ARG C 238 -52.06 21.56 12.19
CA ARG C 238 -51.58 21.08 10.90
C ARG C 238 -52.38 21.73 9.80
N LEU C 239 -51.78 22.70 9.13
CA LEU C 239 -52.50 23.55 8.21
C LEU C 239 -52.89 22.85 6.90
N ALA C 240 -54.15 23.03 6.51
CA ALA C 240 -54.78 22.36 5.35
C ALA C 240 -53.98 22.27 4.05
N ASP C 241 -53.46 23.42 3.61
CA ASP C 241 -52.80 23.51 2.30
C ASP C 241 -52.05 24.84 2.16
N ALA C 242 -51.60 25.14 0.96
CA ALA C 242 -50.72 26.27 0.73
C ALA C 242 -51.32 27.60 1.12
N ALA C 243 -52.60 27.78 0.81
CA ALA C 243 -53.28 29.04 1.10
C ALA C 243 -53.44 29.23 2.59
N ALA C 244 -53.54 28.13 3.31
CA ALA C 244 -53.59 28.22 4.77
C ALA C 244 -52.23 28.63 5.29
N VAL C 245 -51.18 28.14 4.64
CA VAL C 245 -49.85 28.49 5.03
C VAL C 245 -49.60 29.96 4.72
N VAL C 246 -49.94 30.39 3.52
CA VAL C 246 -49.82 31.80 3.12
C VAL C 246 -50.65 32.73 4.01
N ASP C 247 -51.87 32.34 4.34
CA ASP C 247 -52.68 33.11 5.24
C ASP C 247 -52.09 33.24 6.63
N THR C 248 -51.48 32.17 7.11
CA THR C 248 -50.85 32.15 8.44
C THR C 248 -49.65 33.05 8.47
N LEU C 249 -48.88 33.03 7.38
CA LEU C 249 -47.72 33.91 7.21
C LEU C 249 -48.08 35.41 7.22
N SER C 250 -49.06 35.83 6.44
CA SER C 250 -49.63 37.20 6.55
C SER C 250 -50.20 37.55 7.93
N GLU C 251 -51.17 36.78 8.39
CA GLU C 251 -51.93 37.16 9.57
C GLU C 251 -51.40 36.76 10.94
N ARG C 252 -50.65 35.67 11.06
CA ARG C 252 -50.10 35.31 12.36
C ARG C 252 -48.63 35.74 12.50
N PHE C 253 -47.86 35.73 11.40
CA PHE C 253 -46.43 36.11 11.42
C PHE C 253 -46.12 37.51 10.87
N GLY C 254 -47.11 38.14 10.24
CA GLY C 254 -47.03 39.55 9.87
C GLY C 254 -46.27 39.89 8.60
N ILE C 255 -46.04 38.89 7.78
CA ILE C 255 -45.22 39.02 6.60
C ILE C 255 -46.03 39.61 5.44
N ASN C 256 -45.47 40.60 4.79
CA ASN C 256 -46.00 41.14 3.56
C ASN C 256 -45.71 40.13 2.44
N VAL C 257 -46.59 39.14 2.24
CA VAL C 257 -46.32 38.09 1.25
C VAL C 257 -46.52 38.59 -0.16
N ALA C 258 -47.00 39.82 -0.28
CA ALA C 258 -47.12 40.44 -1.59
C ALA C 258 -45.74 40.89 -2.11
N ASP C 259 -44.86 41.28 -1.20
CA ASP C 259 -43.49 41.55 -1.56
C ASP C 259 -42.83 40.35 -2.21
N ILE C 260 -43.37 39.16 -2.01
CA ILE C 260 -42.74 37.98 -2.55
C ILE C 260 -43.20 37.73 -4.00
N GLY C 261 -44.48 37.85 -4.28
CA GLY C 261 -44.97 37.63 -5.61
C GLY C 261 -46.46 37.48 -5.67
N GLU C 262 -46.99 37.22 -6.87
CA GLU C 262 -48.42 36.94 -7.06
C GLU C 262 -48.93 35.85 -6.07
N ARG C 263 -50.10 36.07 -5.49
CA ARG C 263 -50.63 35.18 -4.47
C ARG C 263 -50.79 33.76 -4.99
N GLY C 264 -51.33 33.63 -6.19
CA GLY C 264 -51.54 32.31 -6.75
C GLY C 264 -50.20 31.63 -7.02
N ALA C 265 -49.27 32.41 -7.55
CA ALA C 265 -47.96 31.90 -7.90
C ALA C 265 -47.24 31.41 -6.65
N LEU C 266 -47.33 32.19 -5.58
CA LEU C 266 -46.68 31.80 -4.33
C LEU C 266 -47.23 30.48 -3.71
N GLU C 267 -48.56 30.27 -3.78
CA GLU C 267 -49.24 29.11 -3.23
C GLU C 267 -48.86 27.86 -3.98
N THR C 268 -48.86 27.99 -5.30
CA THR C 268 -48.45 26.91 -6.18
C THR C 268 -47.04 26.48 -5.82
N ARG C 269 -46.17 27.44 -5.52
CA ARG C 269 -44.77 27.15 -5.21
C ARG C 269 -44.58 26.51 -3.85
N ILE C 270 -45.42 26.88 -2.90
CA ILE C 270 -45.43 26.27 -1.59
C ILE C 270 -45.95 24.84 -1.67
N ASP C 271 -47.05 24.65 -2.39
CA ASP C 271 -47.67 23.33 -2.50
C ASP C 271 -46.65 22.34 -3.02
N GLU C 272 -45.85 22.78 -3.99
CA GLU C 272 -44.84 21.94 -4.63
C GLU C 272 -43.69 21.37 -3.75
N LEU D 3 5.19 -7.42 -3.83
CA LEU D 3 4.22 -6.90 -4.77
C LEU D 3 3.21 -6.03 -4.02
N ASP D 4 1.93 -6.23 -4.32
CA ASP D 4 0.88 -5.29 -3.96
C ASP D 4 0.26 -5.70 -2.60
N LEU D 5 0.64 -4.99 -1.56
CA LEU D 5 0.21 -5.30 -0.21
C LEU D 5 -1.28 -5.19 -0.03
N THR D 6 -1.87 -4.19 -0.69
CA THR D 6 -3.30 -3.88 -0.56
C THR D 6 -4.14 -5.04 -1.05
N ALA D 7 -3.71 -5.71 -2.11
CA ALA D 7 -4.48 -6.81 -2.63
C ALA D 7 -4.32 -8.03 -1.74
N TYR D 8 -3.14 -8.22 -1.18
CA TYR D 8 -2.89 -9.31 -0.29
C TYR D 8 -3.84 -9.18 0.95
N PHE D 9 -3.88 -8.00 1.56
CA PHE D 9 -4.64 -7.79 2.79
C PHE D 9 -6.13 -8.07 2.58
N ASP D 10 -6.63 -7.66 1.42
CA ASP D 10 -8.04 -7.82 1.10
C ASP D 10 -8.35 -9.28 0.86
N ARG D 11 -7.38 -9.99 0.29
CA ARG D 11 -7.48 -11.44 0.07
C ARG D 11 -7.69 -12.14 1.41
N ILE D 12 -6.92 -11.70 2.39
CA ILE D 12 -6.89 -12.31 3.70
C ILE D 12 -7.76 -11.52 4.66
N ASN D 13 -8.33 -10.42 4.15
CA ASN D 13 -9.20 -9.52 4.91
C ASN D 13 -8.59 -9.04 6.21
N TYR D 14 -7.32 -8.66 6.09
CA TYR D 14 -6.57 -8.14 7.19
C TYR D 14 -6.99 -6.69 7.35
N ARG D 15 -7.52 -6.38 8.52
CA ARG D 15 -7.90 -5.02 8.91
C ARG D 15 -7.11 -4.54 10.11
N GLY D 16 -6.03 -3.83 9.86
CA GLY D 16 -5.24 -3.35 10.97
C GLY D 16 -4.06 -2.57 10.46
N ALA D 17 -3.14 -2.33 11.37
CA ALA D 17 -2.02 -1.46 11.15
C ALA D 17 -0.92 -2.24 10.43
N THR D 18 0.01 -1.51 9.80
CA THR D 18 1.02 -2.13 8.95
C THR D 18 2.45 -1.85 9.38
N ASP D 19 2.63 -1.30 10.58
CA ASP D 19 3.94 -1.01 11.15
C ASP D 19 4.62 -2.30 11.55
N PRO D 20 5.96 -2.37 11.50
CA PRO D 20 6.61 -3.67 11.72
C PRO D 20 6.88 -3.91 13.20
N THR D 21 5.87 -4.45 13.86
CA THR D 21 5.88 -4.69 15.27
C THR D 21 5.55 -6.15 15.52
N LEU D 22 5.68 -6.61 16.75
CA LEU D 22 5.34 -7.98 17.06
C LEU D 22 3.85 -8.20 16.87
N ASP D 23 3.03 -7.21 17.29
CA ASP D 23 1.57 -7.35 17.24
C ASP D 23 1.02 -7.51 15.82
N VAL D 24 1.58 -6.73 14.89
CA VAL D 24 1.21 -6.88 13.50
C VAL D 24 1.71 -8.22 12.93
N LEU D 25 2.88 -8.67 13.38
CA LEU D 25 3.38 -9.95 12.97
C LEU D 25 2.38 -11.03 13.38
N GLN D 26 1.96 -11.03 14.64
CA GLN D 26 1.05 -12.06 15.13
C GLN D 26 -0.25 -12.06 14.37
N ASP D 27 -0.77 -10.87 14.11
CA ASP D 27 -2.07 -10.76 13.51
C ASP D 27 -2.02 -11.26 12.06
N LEU D 28 -0.92 -10.98 11.37
CA LEU D 28 -0.73 -11.46 10.01
C LEU D 28 -0.66 -12.98 9.86
N VAL D 29 0.16 -13.62 10.69
CA VAL D 29 0.19 -15.06 10.75
C VAL D 29 -1.25 -15.61 10.95
N THR D 30 -1.98 -15.08 11.93
CA THR D 30 -3.37 -15.53 12.22
C THR D 30 -4.33 -15.36 11.03
N VAL D 31 -4.34 -14.18 10.43
CA VAL D 31 -5.22 -13.84 9.29
C VAL D 31 -4.90 -14.63 8.01
N HIS D 32 -3.62 -14.73 7.69
CA HIS D 32 -3.10 -15.44 6.55
C HIS D 32 -3.51 -16.90 6.60
N SER D 33 -3.24 -17.52 7.74
CA SER D 33 -3.44 -18.94 7.94
C SER D 33 -4.90 -19.34 7.88
N ARG D 34 -5.74 -18.39 8.30
CA ARG D 34 -7.18 -18.50 8.28
C ARG D 34 -7.74 -18.48 6.88
N THR D 35 -7.08 -17.78 5.97
CA THR D 35 -7.69 -17.53 4.67
C THR D 35 -7.02 -18.30 3.53
N ILE D 36 -5.70 -18.41 3.56
CA ILE D 36 -4.99 -19.05 2.44
C ILE D 36 -4.64 -20.46 2.86
N PRO D 37 -5.24 -21.48 2.21
CA PRO D 37 -4.98 -22.86 2.63
C PRO D 37 -3.66 -23.46 2.15
N PHE D 38 -3.21 -24.48 2.87
CA PHE D 38 -2.19 -25.35 2.40
C PHE D 38 -2.86 -26.19 1.35
N GLU D 39 -2.25 -26.25 0.17
CA GLU D 39 -2.62 -27.23 -0.83
C GLU D 39 -1.48 -27.63 -1.75
N ASN D 40 -1.58 -28.87 -2.25
CA ASN D 40 -0.65 -29.43 -3.24
C ASN D 40 -1.34 -29.85 -4.53
N LEU D 41 -2.34 -29.10 -5.00
CA LEU D 41 -3.14 -29.52 -6.15
C LEU D 41 -2.33 -29.48 -7.43
N ASP D 42 -1.33 -28.60 -7.48
CA ASP D 42 -0.41 -28.56 -8.61
C ASP D 42 0.50 -29.83 -8.78
N PRO D 43 1.34 -30.15 -7.81
CA PRO D 43 2.24 -31.27 -8.05
C PRO D 43 1.56 -32.64 -8.18
N LEU D 44 0.52 -32.86 -7.37
CA LEU D 44 -0.36 -34.00 -7.49
C LEU D 44 -0.89 -34.17 -8.90
N LEU D 45 -1.19 -33.05 -9.55
CA LEU D 45 -1.73 -33.05 -10.90
C LEU D 45 -0.69 -32.93 -12.03
N GLY D 46 0.60 -32.88 -11.66
CA GLY D 46 1.67 -32.82 -12.65
C GLY D 46 2.17 -31.42 -12.95
N VAL D 47 1.78 -30.44 -12.14
CA VAL D 47 2.22 -29.08 -12.32
C VAL D 47 3.34 -28.69 -11.36
N PRO D 48 4.57 -28.51 -11.86
CA PRO D 48 5.64 -28.19 -10.92
C PRO D 48 5.53 -26.82 -10.29
N VAL D 49 6.12 -26.68 -9.11
CA VAL D 49 6.28 -25.38 -8.48
C VAL D 49 7.77 -25.01 -8.47
N ASP D 50 8.17 -24.09 -9.34
CA ASP D 50 9.55 -23.63 -9.36
C ASP D 50 9.74 -22.13 -9.47
N ASP D 51 8.65 -21.41 -9.74
CA ASP D 51 8.73 -19.96 -9.83
C ASP D 51 8.27 -19.35 -8.51
N LEU D 52 9.24 -18.94 -7.71
CA LEU D 52 9.00 -18.47 -6.35
C LEU D 52 9.11 -16.95 -6.23
N SER D 53 8.85 -16.26 -7.32
CA SER D 53 8.92 -14.81 -7.35
C SER D 53 7.65 -14.16 -6.73
N PRO D 54 7.76 -12.92 -6.22
CA PRO D 54 6.63 -12.22 -5.64
C PRO D 54 5.46 -12.25 -6.59
N GLN D 55 5.72 -12.00 -7.87
CA GLN D 55 4.67 -11.91 -8.88
C GLN D 55 3.99 -13.25 -9.12
N ALA D 56 4.79 -14.31 -9.23
CA ALA D 56 4.23 -15.62 -9.49
C ALA D 56 3.46 -16.10 -8.27
N LEU D 57 3.91 -15.72 -7.07
CA LEU D 57 3.29 -16.24 -5.85
C LEU D 57 1.98 -15.54 -5.51
N ALA D 58 1.91 -14.25 -5.79
CA ALA D 58 0.72 -13.47 -5.53
C ALA D 58 -0.31 -13.74 -6.62
N ASP D 59 0.19 -14.09 -7.80
CA ASP D 59 -0.69 -14.40 -8.90
C ASP D 59 -1.53 -15.60 -8.56
N LYS D 60 -0.92 -16.56 -7.90
CA LYS D 60 -1.57 -17.81 -7.60
C LYS D 60 -2.29 -17.74 -6.25
N LEU D 61 -1.57 -17.39 -5.20
CA LEU D 61 -2.14 -17.41 -3.85
C LEU D 61 -3.01 -16.24 -3.46
N VAL D 62 -2.87 -15.11 -4.14
CA VAL D 62 -3.76 -13.96 -3.87
C VAL D 62 -4.79 -13.80 -4.98
N LEU D 63 -4.35 -13.33 -6.13
CA LEU D 63 -5.26 -13.00 -7.20
C LEU D 63 -6.09 -14.19 -7.68
N ARG D 64 -5.50 -15.38 -7.73
CA ARG D 64 -6.22 -16.52 -8.25
C ARG D 64 -6.91 -17.30 -7.15
N ARG D 65 -6.85 -16.83 -5.91
CA ARG D 65 -7.56 -17.49 -4.80
C ARG D 65 -7.28 -19.01 -4.71
N ARG D 66 -6.01 -19.40 -4.91
CA ARG D 66 -5.57 -20.76 -4.67
C ARG D 66 -4.81 -20.78 -3.34
N GLY D 67 -4.48 -21.97 -2.82
CA GLY D 67 -3.47 -22.11 -1.77
C GLY D 67 -2.11 -22.50 -2.31
N GLY D 68 -1.21 -22.98 -1.47
CA GLY D 68 0.08 -23.49 -1.92
C GLY D 68 0.71 -24.35 -0.86
N TYR D 69 1.96 -24.80 -1.04
CA TYR D 69 2.67 -25.54 0.00
C TYR D 69 3.75 -24.68 0.55
N CYS D 70 4.70 -25.25 1.26
CA CYS D 70 5.54 -24.35 2.05
C CYS D 70 6.24 -23.23 1.25
N PHE D 71 6.79 -23.56 0.07
CA PHE D 71 7.65 -22.61 -0.62
C PHE D 71 6.81 -21.47 -1.12
N GLU D 72 5.55 -21.75 -1.40
CA GLU D 72 4.62 -20.76 -1.90
C GLU D 72 4.09 -19.91 -0.75
N HIS D 73 3.98 -20.53 0.41
CA HIS D 73 3.33 -19.89 1.54
C HIS D 73 4.31 -19.00 2.26
N ASN D 74 5.50 -19.52 2.53
CA ASN D 74 6.48 -18.75 3.23
C ASN D 74 7.25 -17.88 2.24
N GLY D 75 7.16 -18.22 0.97
CA GLY D 75 7.59 -17.31 -0.09
C GLY D 75 6.81 -16.00 -0.04
N LEU D 76 5.50 -16.08 -0.22
CA LEU D 76 4.60 -14.92 -0.10
C LEU D 76 4.67 -14.17 1.24
N MET D 77 4.58 -14.87 2.37
CA MET D 77 4.67 -14.21 3.67
C MET D 77 6.01 -13.50 3.85
N GLY D 78 7.09 -14.11 3.38
CA GLY D 78 8.40 -13.46 3.42
C GLY D 78 8.50 -12.14 2.66
N TYR D 79 7.88 -12.10 1.49
CA TYR D 79 7.89 -10.91 0.68
C TYR D 79 7.03 -9.83 1.30
N VAL D 80 5.91 -10.20 1.89
CA VAL D 80 5.03 -9.24 2.52
C VAL D 80 5.75 -8.61 3.71
N LEU D 81 6.47 -9.40 4.50
CA LEU D 81 7.14 -8.87 5.68
C LEU D 81 8.30 -7.92 5.34
N ALA D 82 9.12 -8.32 4.39
CA ALA D 82 10.19 -7.48 3.92
C ALA D 82 9.64 -6.14 3.46
N GLU D 83 8.54 -6.15 2.71
CA GLU D 83 7.91 -4.92 2.22
C GLU D 83 7.38 -3.97 3.30
N LEU D 84 7.08 -4.48 4.49
CA LEU D 84 6.63 -3.66 5.60
C LEU D 84 7.74 -3.32 6.52
N GLY D 85 8.94 -3.78 6.22
CA GLY D 85 10.08 -3.36 6.99
C GLY D 85 10.63 -4.37 7.98
N TYR D 86 10.08 -5.58 8.02
CA TYR D 86 10.72 -6.66 8.77
C TYR D 86 11.98 -7.09 8.01
N ARG D 87 12.94 -7.63 8.73
CA ARG D 87 14.09 -8.21 8.09
C ARG D 87 13.90 -9.70 8.07
N VAL D 88 13.79 -10.26 6.88
CA VAL D 88 13.41 -11.65 6.68
C VAL D 88 14.61 -12.47 6.15
N ARG D 89 14.87 -13.60 6.81
CA ARG D 89 15.82 -14.62 6.38
C ARG D 89 15.10 -15.95 6.07
N ARG D 90 15.45 -16.58 4.96
CA ARG D 90 14.79 -17.82 4.58
C ARG D 90 15.70 -19.00 4.90
N PHE D 91 15.14 -19.99 5.56
CA PHE D 91 15.89 -21.16 6.03
C PHE D 91 15.29 -22.39 5.37
N ALA D 92 16.08 -23.45 5.19
CA ALA D 92 15.53 -24.71 4.73
C ALA D 92 15.45 -25.68 5.91
N ALA D 93 14.52 -26.64 5.86
CA ALA D 93 14.35 -27.62 6.92
C ALA D 93 14.12 -29.01 6.36
N ARG D 94 14.41 -30.04 7.14
CA ARG D 94 14.06 -31.41 6.81
C ARG D 94 12.88 -31.80 7.69
N VAL D 95 11.84 -32.35 7.09
CA VAL D 95 10.70 -32.82 7.87
C VAL D 95 10.94 -34.27 8.39
N VAL D 96 10.66 -34.44 9.67
CA VAL D 96 10.87 -35.71 10.34
C VAL D 96 9.64 -36.09 11.19
N TRP D 97 8.57 -35.31 11.10
CA TRP D 97 7.35 -35.64 11.81
C TRP D 97 6.81 -37.00 11.40
N LYS D 98 6.59 -37.84 12.39
CA LYS D 98 6.00 -39.14 12.15
C LYS D 98 6.89 -39.93 11.22
N LEU D 99 8.19 -39.74 11.36
CA LEU D 99 9.12 -40.51 10.55
C LEU D 99 9.37 -41.82 11.25
N ALA D 100 9.59 -42.88 10.48
CA ALA D 100 9.95 -44.16 11.08
C ALA D 100 11.14 -43.86 12.00
N PRO D 101 11.37 -44.73 12.98
CA PRO D 101 12.41 -44.49 14.02
C PRO D 101 13.82 -44.40 13.45
N ASP D 102 14.09 -45.18 12.41
CA ASP D 102 15.40 -45.18 11.78
C ASP D 102 15.25 -44.94 10.28
N ALA D 103 14.37 -44.01 9.91
CA ALA D 103 14.13 -43.67 8.49
C ALA D 103 15.29 -42.90 7.98
N PRO D 104 15.50 -42.92 6.66
CA PRO D 104 16.66 -42.28 6.05
C PRO D 104 16.59 -40.80 6.22
N LEU D 105 17.74 -40.13 6.27
CA LEU D 105 17.77 -38.68 6.29
C LEU D 105 16.89 -38.06 5.21
N PRO D 106 15.84 -37.30 5.59
CA PRO D 106 14.98 -36.68 4.60
C PRO D 106 15.67 -35.55 3.84
N PRO D 107 15.07 -35.15 2.73
CA PRO D 107 15.56 -33.99 1.98
C PRO D 107 15.15 -32.70 2.66
N GLN D 108 15.90 -31.64 2.41
CA GLN D 108 15.50 -30.32 2.85
C GLN D 108 14.38 -29.85 1.96
N THR D 109 13.20 -30.39 2.19
CA THR D 109 12.00 -30.09 1.41
C THR D 109 11.05 -29.07 2.03
N HIS D 110 11.40 -28.52 3.19
CA HIS D 110 10.56 -27.54 3.89
C HIS D 110 11.36 -26.27 4.05
N THR D 111 10.69 -25.13 4.07
CA THR D 111 11.35 -23.85 4.21
C THR D 111 10.67 -23.11 5.33
N LEU D 112 11.39 -22.23 6.00
CA LEU D 112 10.92 -21.57 7.21
C LEU D 112 11.43 -20.09 7.19
N LEU D 113 10.88 -19.19 8.01
CA LEU D 113 11.35 -17.80 8.03
C LEU D 113 12.03 -17.41 9.35
N GLY D 114 13.10 -16.63 9.25
CA GLY D 114 13.66 -15.95 10.42
C GLY D 114 13.45 -14.45 10.27
N VAL D 115 12.77 -13.83 11.25
CA VAL D 115 12.30 -12.45 11.16
C VAL D 115 12.71 -11.56 12.32
N THR D 116 13.36 -10.43 12.04
CA THR D 116 13.56 -9.42 13.05
C THR D 116 12.89 -8.15 12.62
N PHE D 117 12.67 -7.26 13.57
CA PHE D 117 11.99 -6.00 13.35
C PHE D 117 12.51 -5.05 14.43
N PRO D 118 12.24 -3.74 14.31
CA PRO D 118 12.85 -2.80 15.25
C PRO D 118 12.40 -3.06 16.66
N GLY D 119 13.35 -3.13 17.58
CA GLY D 119 13.00 -3.31 18.97
C GLY D 119 12.61 -4.71 19.36
N SER D 120 12.69 -5.63 18.41
CA SER D 120 12.53 -7.02 18.74
C SER D 120 13.73 -7.37 19.63
N GLY D 121 13.61 -8.38 20.46
CA GLY D 121 14.67 -8.71 21.39
C GLY D 121 15.56 -9.74 20.78
N GLY D 122 15.45 -9.87 19.47
CA GLY D 122 16.01 -11.01 18.75
C GLY D 122 15.13 -11.55 17.62
N CYS D 123 15.48 -12.75 17.18
CA CYS D 123 14.89 -13.36 16.00
C CYS D 123 13.64 -14.21 16.29
N TYR D 124 12.60 -14.02 15.50
CA TYR D 124 11.36 -14.79 15.58
C TYR D 124 11.30 -15.74 14.40
N LEU D 125 10.85 -16.92 14.70
CA LEU D 125 10.63 -17.96 13.73
C LEU D 125 9.19 -17.80 13.28
N VAL D 126 8.96 -17.65 11.98
CA VAL D 126 7.61 -17.58 11.44
C VAL D 126 7.49 -18.71 10.43
N ASP D 127 6.41 -19.49 10.49
CA ASP D 127 6.13 -20.54 9.50
C ASP D 127 4.61 -20.67 9.24
N VAL D 128 4.17 -20.35 8.02
CA VAL D 128 2.78 -20.52 7.59
C VAL D 128 2.63 -21.61 6.48
N GLY D 129 3.66 -22.42 6.29
CA GLY D 129 3.66 -23.38 5.20
C GLY D 129 3.80 -24.86 5.51
N PHE D 130 3.86 -25.23 6.79
CA PHE D 130 4.01 -26.61 7.19
C PHE D 130 2.70 -27.42 7.16
N GLY D 131 1.57 -26.74 7.05
CA GLY D 131 0.30 -27.41 6.83
C GLY D 131 -0.66 -27.27 7.98
N GLY D 132 -1.26 -28.37 8.41
CA GLY D 132 -2.21 -28.31 9.51
C GLY D 132 -1.57 -28.12 10.87
N GLN D 133 -0.30 -28.50 11.02
CA GLN D 133 0.40 -28.32 12.29
C GLN D 133 1.40 -27.19 12.25
N THR D 134 1.26 -26.29 11.31
CA THR D 134 2.11 -25.14 11.23
C THR D 134 1.82 -24.26 12.45
N PRO D 135 2.84 -23.59 13.00
CA PRO D 135 2.66 -22.71 14.18
C PRO D 135 1.84 -21.45 13.88
N THR D 136 1.14 -20.91 14.89
CA THR D 136 0.17 -19.82 14.65
C THR D 136 0.54 -18.56 15.38
N SER D 137 1.68 -18.59 16.08
CA SER D 137 2.22 -17.40 16.70
C SER D 137 3.67 -17.37 16.23
N PRO D 138 4.30 -16.19 16.16
CA PRO D 138 5.76 -16.06 16.05
C PRO D 138 6.46 -16.66 17.28
N LEU D 139 7.47 -17.49 17.08
CA LEU D 139 8.18 -18.10 18.20
C LEU D 139 9.57 -17.49 18.34
N ARG D 140 9.93 -17.05 19.54
CA ARG D 140 11.25 -16.50 19.77
C ARG D 140 12.23 -17.59 19.39
N LEU D 141 13.30 -17.21 18.72
CA LEU D 141 14.35 -18.16 18.46
C LEU D 141 15.25 -18.37 19.68
N GLU D 142 14.74 -19.15 20.64
CA GLU D 142 15.49 -19.53 21.83
C GLU D 142 15.07 -20.94 22.19
N THR D 143 16.01 -21.77 22.64
CA THR D 143 15.71 -23.16 22.91
C THR D 143 15.19 -23.38 24.32
N GLY D 144 14.61 -24.55 24.50
CA GLY D 144 14.11 -24.97 25.79
C GLY D 144 12.76 -24.42 26.11
N ALA D 145 12.64 -23.10 26.13
CA ALA D 145 11.46 -22.45 26.68
C ALA D 145 10.21 -23.03 26.04
N VAL D 146 9.25 -23.48 26.84
CA VAL D 146 7.95 -23.80 26.27
C VAL D 146 7.28 -22.46 25.95
N GLN D 147 6.89 -22.31 24.69
CA GLN D 147 6.35 -21.06 24.22
C GLN D 147 4.88 -21.19 23.89
N PRO D 148 4.03 -20.34 24.48
CA PRO D 148 2.61 -20.42 24.17
C PRO D 148 2.30 -19.87 22.78
N THR D 149 1.23 -20.33 22.16
CA THR D 149 0.84 -19.82 20.87
C THR D 149 -0.67 -19.63 20.90
N THR D 150 -1.23 -19.18 19.81
CA THR D 150 -2.67 -18.96 19.82
C THR D 150 -3.42 -20.29 19.92
N HIS D 151 -2.72 -21.40 19.63
CA HIS D 151 -3.28 -22.74 19.78
C HIS D 151 -2.52 -23.52 20.88
N GLU D 152 -1.75 -24.55 20.47
CA GLU D 152 -0.98 -25.42 21.38
C GLU D 152 0.40 -24.81 21.61
N PRO D 153 1.12 -25.27 22.67
CA PRO D 153 2.47 -24.72 22.82
C PRO D 153 3.53 -25.42 21.96
N TYR D 154 4.59 -24.72 21.64
CA TYR D 154 5.66 -25.24 20.79
C TYR D 154 6.97 -24.97 21.49
N ARG D 155 8.02 -25.70 21.15
CA ARG D 155 9.33 -25.29 21.62
C ARG D 155 10.48 -25.73 20.69
N LEU D 156 11.56 -24.97 20.71
CA LEU D 156 12.73 -25.26 19.90
C LEU D 156 13.70 -26.01 20.78
N GLU D 157 14.28 -27.07 20.28
CA GLU D 157 15.30 -27.76 21.05
C GLU D 157 16.63 -27.63 20.34
N ASP D 158 17.71 -27.50 21.09
CA ASP D 158 19.05 -27.54 20.56
C ASP D 158 19.38 -28.89 19.94
N ARG D 159 20.22 -28.89 18.92
CA ARG D 159 20.64 -30.10 18.29
C ARG D 159 22.07 -29.93 17.83
N VAL D 160 22.62 -31.02 17.33
CA VAL D 160 23.89 -31.01 16.62
C VAL D 160 23.69 -30.22 15.32
N ASP D 161 22.62 -30.56 14.58
CA ASP D 161 22.37 -29.97 13.27
C ASP D 161 22.44 -28.44 13.23
N GLY D 162 21.74 -27.72 14.12
CA GLY D 162 21.00 -28.32 15.20
C GLY D 162 19.99 -27.41 15.84
N PHE D 163 18.83 -27.37 15.20
CA PHE D 163 17.57 -26.88 15.74
C PHE D 163 16.47 -27.86 15.36
N VAL D 164 15.53 -28.11 16.27
CA VAL D 164 14.30 -28.85 15.94
C VAL D 164 13.06 -28.07 16.44
N LEU D 165 12.01 -28.01 15.63
CA LEU D 165 10.76 -27.43 16.10
C LEU D 165 9.88 -28.56 16.63
N GLN D 166 9.40 -28.38 17.86
CA GLN D 166 8.54 -29.33 18.54
C GLN D 166 7.20 -28.69 18.89
N ALA D 167 6.16 -29.51 18.87
CA ALA D 167 4.79 -29.09 19.16
C ALA D 167 4.16 -29.98 20.24
N MET D 168 3.21 -29.42 20.99
CA MET D 168 2.51 -30.15 22.02
C MET D 168 1.20 -30.64 21.45
N VAL D 169 1.15 -31.91 21.10
CA VAL D 169 0.00 -32.44 20.39
C VAL D 169 -0.54 -33.72 21.06
N ARG D 170 -1.77 -33.61 21.56
CA ARG D 170 -2.40 -34.67 22.32
C ARG D 170 -1.53 -35.18 23.46
N ASP D 171 -1.18 -34.28 24.35
CA ASP D 171 -0.45 -34.60 25.57
C ASP D 171 0.98 -35.12 25.39
N THR D 172 1.52 -35.13 24.18
CA THR D 172 2.96 -35.33 24.03
C THR D 172 3.65 -34.39 23.05
N TRP D 173 4.96 -34.31 23.21
CA TRP D 173 5.80 -33.43 22.39
C TRP D 173 6.23 -34.18 21.21
N GLN D 174 5.90 -33.65 20.04
CA GLN D 174 6.26 -34.29 18.80
C GLN D 174 7.21 -33.37 18.06
N THR D 175 8.24 -33.95 17.44
CA THR D 175 9.20 -33.19 16.64
C THR D 175 8.71 -33.04 15.21
N LEU D 176 8.63 -31.79 14.73
CA LEU D 176 8.08 -31.52 13.41
C LEU D 176 9.15 -31.46 12.33
N TYR D 177 10.25 -30.77 12.58
CA TYR D 177 11.28 -30.68 11.56
C TYR D 177 12.60 -30.17 12.12
N GLU D 178 13.70 -30.45 11.42
CA GLU D 178 15.03 -29.97 11.83
C GLU D 178 15.51 -28.88 10.84
N PHE D 179 16.27 -27.90 11.33
CA PHE D 179 16.73 -26.81 10.47
C PHE D 179 17.97 -26.10 11.00
N THR D 180 18.63 -25.33 10.15
CA THR D 180 19.74 -24.49 10.60
C THR D 180 19.32 -23.06 10.32
N THR D 181 20.07 -22.10 10.84
CA THR D 181 19.80 -20.68 10.62
C THR D 181 20.66 -20.11 9.49
N GLN D 182 21.10 -20.99 8.60
CA GLN D 182 21.82 -20.61 7.43
C GLN D 182 20.82 -20.08 6.46
N THR D 183 21.06 -18.85 6.01
CA THR D 183 20.19 -18.19 5.04
C THR D 183 20.37 -18.88 3.68
N ARG D 184 19.28 -19.10 2.94
CA ARG D 184 19.31 -19.86 1.70
C ARG D 184 18.88 -18.94 0.57
N PRO D 185 19.65 -18.91 -0.51
CA PRO D 185 19.26 -18.05 -1.62
C PRO D 185 18.05 -18.62 -2.32
N GLN D 186 17.35 -17.82 -3.10
CA GLN D 186 16.17 -18.32 -3.82
C GLN D 186 16.48 -19.53 -4.68
N ILE D 187 17.58 -19.49 -5.42
CA ILE D 187 17.89 -20.58 -6.33
C ILE D 187 17.93 -21.89 -5.59
N ASP D 188 18.38 -21.91 -4.35
CA ASP D 188 18.41 -23.18 -3.61
C ASP D 188 17.03 -23.60 -3.15
N LEU D 189 16.15 -22.61 -2.94
CA LEU D 189 14.76 -22.83 -2.57
C LEU D 189 14.02 -23.28 -3.81
N LYS D 190 14.44 -22.81 -4.97
CA LYS D 190 13.84 -23.22 -6.22
C LYS D 190 14.16 -24.65 -6.57
N VAL D 191 15.40 -25.06 -6.27
CA VAL D 191 15.86 -26.42 -6.47
C VAL D 191 15.12 -27.44 -5.59
N ALA D 192 14.91 -27.11 -4.32
CA ALA D 192 14.18 -27.98 -3.41
C ALA D 192 12.68 -28.12 -3.77
N SER D 193 12.06 -27.02 -4.15
CA SER D 193 10.67 -27.03 -4.59
C SER D 193 10.53 -27.84 -5.85
N TRP D 194 11.46 -27.67 -6.76
CA TRP D 194 11.48 -28.52 -7.92
C TRP D 194 11.39 -29.98 -7.46
N TYR D 195 12.22 -30.38 -6.51
CA TYR D 195 12.20 -31.74 -6.02
C TYR D 195 10.86 -32.06 -5.37
N ALA D 196 10.48 -31.29 -4.36
CA ALA D 196 9.22 -31.49 -3.64
C ALA D 196 8.00 -31.61 -4.54
N SER D 197 8.03 -30.96 -5.70
CA SER D 197 6.86 -30.87 -6.59
C SER D 197 6.95 -31.76 -7.83
N THR D 198 8.07 -32.46 -8.00
CA THR D 198 8.28 -33.24 -9.22
C THR D 198 8.84 -34.66 -9.00
N HIS D 199 9.60 -34.93 -7.94
CA HIS D 199 10.07 -36.29 -7.77
C HIS D 199 8.92 -37.22 -7.30
N PRO D 200 8.81 -38.42 -7.90
CA PRO D 200 7.76 -39.39 -7.57
C PRO D 200 7.77 -39.81 -6.12
N ALA D 201 8.89 -39.64 -5.47
CA ALA D 201 9.02 -40.02 -4.07
C ALA D 201 8.41 -38.96 -3.15
N SER D 202 8.19 -37.76 -3.66
CA SER D 202 7.64 -36.72 -2.81
C SER D 202 6.21 -37.05 -2.46
N LYS D 203 5.93 -36.80 -1.19
CA LYS D 203 4.60 -36.81 -0.57
C LYS D 203 3.55 -36.02 -1.31
N PHE D 204 3.94 -34.85 -1.82
CA PHE D 204 2.99 -33.97 -2.43
C PHE D 204 2.77 -34.25 -3.87
N VAL D 205 3.35 -35.36 -4.31
CA VAL D 205 3.20 -35.78 -5.66
C VAL D 205 2.29 -37.00 -5.65
N THR D 206 2.25 -37.69 -4.52
CA THR D 206 1.60 -38.99 -4.44
C THR D 206 0.16 -38.90 -3.93
N GLY D 207 -0.11 -37.95 -3.03
CA GLY D 207 -1.40 -37.84 -2.37
C GLY D 207 -1.90 -36.42 -2.16
N LEU D 208 -3.21 -36.27 -2.11
CA LEU D 208 -3.85 -35.00 -1.83
C LEU D 208 -3.71 -34.58 -0.36
N THR D 209 -3.24 -33.36 -0.15
CA THR D 209 -3.09 -32.79 1.16
C THR D 209 -3.66 -31.38 1.13
N ALA D 210 -4.48 -31.03 2.14
CA ALA D 210 -4.93 -29.64 2.32
C ALA D 210 -4.99 -29.27 3.79
N ALA D 211 -4.91 -27.99 4.13
CA ALA D 211 -5.12 -27.56 5.51
C ALA D 211 -5.51 -26.11 5.63
N VAL D 212 -6.21 -25.77 6.70
CA VAL D 212 -6.49 -24.38 7.02
C VAL D 212 -6.73 -24.26 8.52
N ILE D 213 -6.47 -23.07 9.08
CA ILE D 213 -6.44 -22.90 10.52
C ILE D 213 -7.36 -21.78 10.99
N THR D 214 -8.26 -22.13 11.89
CA THR D 214 -9.22 -21.21 12.48
C THR D 214 -8.83 -20.94 13.93
N ASP D 215 -9.59 -20.11 14.62
CA ASP D 215 -9.16 -19.68 15.95
C ASP D 215 -9.32 -20.80 16.96
N ASP D 216 -10.05 -21.85 16.59
CA ASP D 216 -10.37 -22.96 17.48
C ASP D 216 -10.14 -24.35 16.90
N ALA D 217 -9.57 -24.44 15.72
CA ALA D 217 -9.53 -25.72 15.04
C ALA D 217 -8.42 -25.80 14.02
N ARG D 218 -7.90 -26.99 13.80
CA ARG D 218 -6.98 -27.22 12.70
C ARG D 218 -7.66 -28.15 11.73
N TRP D 219 -7.95 -27.69 10.51
CA TRP D 219 -8.57 -28.51 9.49
C TRP D 219 -7.54 -29.18 8.57
N ASN D 220 -7.73 -30.47 8.33
CA ASN D 220 -6.82 -31.27 7.54
C ASN D 220 -7.56 -32.25 6.65
N LEU D 221 -7.12 -32.37 5.42
CA LEU D 221 -7.68 -33.37 4.53
C LEU D 221 -6.48 -34.13 4.01
N SER D 222 -6.57 -35.44 4.06
CA SER D 222 -5.52 -36.30 3.55
C SER D 222 -6.17 -37.35 2.68
N GLY D 223 -6.06 -37.16 1.37
CA GLY D 223 -6.88 -37.93 0.46
C GLY D 223 -8.36 -37.61 0.66
N ARG D 224 -9.16 -38.63 1.01
CA ARG D 224 -10.61 -38.49 1.20
C ARG D 224 -11.01 -38.32 2.66
N ASP D 225 -10.04 -38.38 3.57
CA ASP D 225 -10.31 -38.32 4.99
C ASP D 225 -10.06 -36.94 5.58
N LEU D 226 -11.13 -36.37 6.09
CA LEU D 226 -11.07 -35.06 6.68
C LEU D 226 -11.03 -35.19 8.20
N ALA D 227 -10.23 -34.33 8.83
CA ALA D 227 -10.22 -34.23 10.28
C ALA D 227 -10.30 -32.76 10.68
N VAL D 228 -11.09 -32.46 11.69
CA VAL D 228 -11.13 -31.16 12.29
C VAL D 228 -10.67 -31.34 13.73
N HIS D 229 -9.39 -31.07 14.00
CA HIS D 229 -8.82 -31.14 15.35
C HIS D 229 -9.16 -29.90 16.21
N ARG D 230 -10.06 -30.10 17.16
CA ARG D 230 -10.50 -29.08 18.10
C ARG D 230 -10.07 -29.51 19.51
N ALA D 231 -10.31 -28.66 20.50
CA ALA D 231 -9.97 -28.97 21.89
C ALA D 231 -10.61 -30.28 22.38
N GLY D 232 -11.91 -30.44 22.18
CA GLY D 232 -12.63 -31.62 22.64
C GLY D 232 -12.41 -32.89 21.87
N GLY D 233 -11.63 -32.81 20.79
CA GLY D 233 -11.36 -33.98 19.99
C GLY D 233 -11.49 -33.69 18.50
N THR D 234 -11.27 -34.74 17.72
CA THR D 234 -11.12 -34.61 16.30
C THR D 234 -12.28 -35.21 15.53
N GLU D 235 -13.10 -34.34 14.98
CA GLU D 235 -14.21 -34.73 14.16
C GLU D 235 -13.72 -35.21 12.80
N LYS D 236 -14.06 -36.45 12.43
CA LYS D 236 -13.57 -37.05 11.21
C LYS D 236 -14.67 -37.46 10.25
N ILE D 237 -14.43 -37.20 8.97
CA ILE D 237 -15.36 -37.54 7.91
C ILE D 237 -14.60 -38.21 6.80
N ARG D 238 -15.08 -39.36 6.37
CA ARG D 238 -14.56 -39.98 5.16
C ARG D 238 -15.46 -39.58 4.03
N LEU D 239 -14.92 -38.81 3.11
CA LEU D 239 -15.73 -38.25 2.08
C LEU D 239 -16.08 -39.33 1.08
N ALA D 240 -17.22 -39.17 0.42
CA ALA D 240 -17.82 -40.28 -0.31
C ALA D 240 -17.19 -40.49 -1.67
N ASP D 241 -16.76 -39.43 -2.31
CA ASP D 241 -16.23 -39.53 -3.65
C ASP D 241 -15.52 -38.26 -4.07
N ALA D 242 -15.04 -38.26 -5.31
CA ALA D 242 -14.36 -37.11 -5.91
C ALA D 242 -15.22 -35.84 -5.93
N ALA D 243 -16.53 -36.00 -6.03
CA ALA D 243 -17.38 -34.84 -5.96
C ALA D 243 -17.31 -34.28 -4.57
N ALA D 244 -17.43 -35.15 -3.56
CA ALA D 244 -17.39 -34.77 -2.14
C ALA D 244 -16.09 -34.06 -1.76
N VAL D 245 -14.97 -34.62 -2.23
CA VAL D 245 -13.65 -34.01 -2.05
C VAL D 245 -13.57 -32.62 -2.68
N VAL D 246 -13.92 -32.51 -3.94
CA VAL D 246 -13.82 -31.24 -4.64
C VAL D 246 -14.67 -30.16 -4.01
N ASP D 247 -15.84 -30.52 -3.51
CA ASP D 247 -16.69 -29.56 -2.80
C ASP D 247 -16.11 -29.15 -1.45
N THR D 248 -15.42 -30.07 -0.80
CA THR D 248 -14.71 -29.76 0.43
C THR D 248 -13.56 -28.78 0.17
N LEU D 249 -12.93 -28.89 -0.99
CA LEU D 249 -11.79 -28.02 -1.30
C LEU D 249 -12.30 -26.63 -1.55
N SER D 250 -13.38 -26.52 -2.30
CA SER D 250 -13.89 -25.21 -2.66
C SER D 250 -14.60 -24.51 -1.49
N GLU D 251 -15.43 -25.23 -0.74
CA GLU D 251 -16.27 -24.57 0.26
C GLU D 251 -15.70 -24.63 1.65
N ARG D 252 -15.00 -25.70 1.99
CA ARG D 252 -14.42 -25.82 3.31
C ARG D 252 -12.99 -25.26 3.45
N PHE D 253 -12.21 -25.32 2.38
CA PHE D 253 -10.86 -24.75 2.38
C PHE D 253 -10.81 -23.47 1.55
N GLY D 254 -11.83 -23.22 0.76
CA GLY D 254 -11.87 -21.98 -0.02
C GLY D 254 -10.98 -21.86 -1.26
N ILE D 255 -10.68 -22.98 -1.89
CA ILE D 255 -9.82 -23.01 -3.06
C ILE D 255 -10.66 -22.80 -4.31
N ASN D 256 -10.25 -21.86 -5.13
CA ASN D 256 -10.86 -21.63 -6.43
C ASN D 256 -10.55 -22.80 -7.35
N VAL D 257 -11.44 -23.79 -7.35
CA VAL D 257 -11.15 -25.04 -8.02
C VAL D 257 -11.33 -24.93 -9.50
N ALA D 258 -12.01 -23.88 -9.93
CA ALA D 258 -12.16 -23.61 -11.35
C ALA D 258 -10.80 -23.40 -11.96
N ASP D 259 -9.90 -22.83 -11.18
CA ASP D 259 -8.57 -22.49 -11.62
C ASP D 259 -7.79 -23.67 -12.19
N ILE D 260 -7.94 -24.83 -11.56
CA ILE D 260 -7.31 -26.06 -12.03
C ILE D 260 -7.68 -26.48 -13.45
N GLY D 261 -8.94 -26.80 -13.70
CA GLY D 261 -9.36 -27.27 -15.01
C GLY D 261 -10.85 -27.47 -14.89
N GLU D 262 -11.50 -28.02 -15.90
CA GLU D 262 -12.93 -28.24 -15.78
C GLU D 262 -13.28 -29.19 -14.62
N ARG D 263 -14.44 -28.91 -14.03
CA ARG D 263 -14.96 -29.65 -12.90
C ARG D 263 -14.83 -31.15 -13.12
N GLY D 264 -15.30 -31.60 -14.28
CA GLY D 264 -15.47 -33.01 -14.48
C GLY D 264 -14.10 -33.62 -14.60
N ALA D 265 -13.23 -32.91 -15.30
CA ALA D 265 -11.90 -33.40 -15.53
C ALA D 265 -11.22 -33.59 -14.18
N LEU D 266 -11.47 -32.68 -13.27
CA LEU D 266 -10.79 -32.72 -12.00
C LEU D 266 -11.34 -33.81 -11.09
N GLU D 267 -12.66 -33.96 -11.02
CA GLU D 267 -13.25 -35.01 -10.23
C GLU D 267 -12.67 -36.35 -10.72
N THR D 268 -12.62 -36.52 -12.01
CA THR D 268 -12.16 -37.78 -12.58
C THR D 268 -10.70 -38.09 -12.29
N ARG D 269 -9.84 -37.07 -12.30
CA ARG D 269 -8.43 -37.30 -12.00
C ARG D 269 -8.31 -37.74 -10.56
N ILE D 270 -9.20 -37.22 -9.72
CA ILE D 270 -9.11 -37.49 -8.31
C ILE D 270 -9.68 -38.84 -8.01
N ASP D 271 -10.74 -39.20 -8.70
CA ASP D 271 -11.25 -40.55 -8.58
C ASP D 271 -10.13 -41.49 -9.00
N GLU D 272 -9.29 -41.00 -9.89
CA GLU D 272 -8.22 -41.81 -10.42
C GLU D 272 -7.19 -42.01 -9.33
N LEU E 3 -30.85 13.86 -20.52
CA LEU E 3 -31.03 14.75 -21.65
C LEU E 3 -31.78 15.96 -21.12
N ASP E 4 -33.08 16.07 -21.40
CA ASP E 4 -33.93 17.04 -20.71
C ASP E 4 -34.56 16.36 -19.48
N LEU E 5 -34.12 16.75 -18.29
CA LEU E 5 -34.59 16.08 -17.09
C LEU E 5 -36.01 16.41 -16.81
N THR E 6 -36.50 17.50 -17.38
CA THR E 6 -37.86 17.94 -17.15
C THR E 6 -38.82 16.94 -17.78
N ALA E 7 -38.43 16.45 -18.96
CA ALA E 7 -39.24 15.57 -19.77
C ALA E 7 -39.30 14.16 -19.15
N TYR E 8 -38.23 13.81 -18.48
CA TYR E 8 -38.11 12.54 -17.83
C TYR E 8 -39.08 12.46 -16.65
N PHE E 9 -39.00 13.43 -15.76
CA PHE E 9 -39.82 13.48 -14.55
C PHE E 9 -41.31 13.52 -14.86
N ASP E 10 -41.66 14.13 -15.99
CA ASP E 10 -43.04 14.25 -16.39
C ASP E 10 -43.53 12.95 -16.99
N ARG E 11 -42.62 12.20 -17.60
CA ARG E 11 -42.90 10.85 -18.12
C ARG E 11 -43.24 9.94 -16.96
N ILE E 12 -42.56 10.14 -15.85
CA ILE E 12 -42.74 9.30 -14.69
C ILE E 12 -43.54 10.02 -13.59
N ASN E 13 -43.93 11.27 -13.87
CA ASN E 13 -44.65 12.12 -12.93
C ASN E 13 -43.92 12.24 -11.56
N TYR E 14 -42.60 12.41 -11.56
CA TYR E 14 -41.86 12.60 -10.32
C TYR E 14 -41.99 14.05 -9.84
N ARG E 15 -42.26 14.20 -8.55
CA ARG E 15 -42.58 15.49 -7.96
C ARG E 15 -41.84 15.69 -6.64
N GLY E 16 -40.59 15.23 -6.59
CA GLY E 16 -39.77 15.30 -5.39
C GLY E 16 -38.50 16.11 -5.58
N ALA E 17 -37.51 15.89 -4.72
CA ALA E 17 -36.30 16.71 -4.67
C ALA E 17 -35.21 16.26 -5.63
N THR E 18 -34.39 17.22 -6.08
CA THR E 18 -33.31 16.98 -7.03
C THR E 18 -31.94 16.90 -6.39
N ASP E 19 -31.91 17.02 -5.07
CA ASP E 19 -30.68 16.88 -4.31
C ASP E 19 -30.23 15.41 -4.28
N PRO E 20 -28.91 15.17 -4.40
CA PRO E 20 -28.50 13.77 -4.36
C PRO E 20 -28.50 13.25 -2.92
N THR E 21 -29.59 12.63 -2.50
CA THR E 21 -29.70 12.16 -1.13
C THR E 21 -30.24 10.75 -1.19
N LEU E 22 -30.27 10.07 -0.07
CA LEU E 22 -30.74 8.70 -0.09
C LEU E 22 -32.20 8.59 -0.47
N ASP E 23 -32.98 9.61 -0.12
CA ASP E 23 -34.43 9.55 -0.27
C ASP E 23 -34.90 9.85 -1.66
N VAL E 24 -34.18 10.73 -2.34
CA VAL E 24 -34.45 11.04 -3.73
C VAL E 24 -34.09 9.82 -4.56
N LEU E 25 -33.18 9.02 -4.03
CA LEU E 25 -32.79 7.84 -4.76
C LEU E 25 -33.93 6.81 -4.64
N GLN E 26 -34.41 6.60 -3.42
CA GLN E 26 -35.45 5.60 -3.20
C GLN E 26 -36.67 5.93 -4.01
N ASP E 27 -36.98 7.22 -4.06
CA ASP E 27 -38.22 7.69 -4.67
C ASP E 27 -38.13 7.71 -6.17
N LEU E 28 -36.93 7.83 -6.72
CA LEU E 28 -36.75 7.76 -8.15
C LEU E 28 -36.71 6.31 -8.63
N VAL E 29 -36.22 5.40 -7.79
CA VAL E 29 -36.30 4.00 -8.14
C VAL E 29 -37.77 3.57 -8.15
N THR E 30 -38.55 4.11 -7.22
CA THR E 30 -39.93 3.70 -7.02
C THR E 30 -40.80 4.19 -8.18
N VAL E 31 -40.69 5.45 -8.54
CA VAL E 31 -41.53 6.02 -9.59
C VAL E 31 -41.10 5.66 -11.01
N HIS E 32 -39.79 5.48 -11.22
CA HIS E 32 -39.29 4.93 -12.46
C HIS E 32 -39.84 3.55 -12.72
N SER E 33 -39.72 2.66 -11.73
CA SER E 33 -40.17 1.28 -11.93
C SER E 33 -41.68 1.13 -11.88
N ARG E 34 -42.37 2.21 -11.53
CA ARG E 34 -43.81 2.24 -11.50
C ARG E 34 -44.36 2.50 -12.89
N THR E 35 -43.62 3.27 -13.69
CA THR E 35 -44.12 3.82 -14.95
C THR E 35 -43.48 3.26 -16.22
N ILE E 36 -42.14 3.25 -16.26
CA ILE E 36 -41.43 2.78 -17.45
C ILE E 36 -41.26 1.26 -17.35
N PRO E 37 -41.80 0.52 -18.34
CA PRO E 37 -41.85 -0.93 -18.13
C PRO E 37 -40.63 -1.68 -18.68
N PHE E 38 -40.41 -2.89 -18.18
CA PHE E 38 -39.50 -3.81 -18.83
C PHE E 38 -40.27 -4.34 -20.03
N GLU E 39 -39.65 -4.33 -21.20
CA GLU E 39 -40.21 -4.91 -22.43
C GLU E 39 -39.08 -5.11 -23.46
N ASN E 40 -39.14 -6.20 -24.22
CA ASN E 40 -38.13 -6.50 -25.24
C ASN E 40 -38.73 -6.51 -26.63
N LEU E 41 -39.67 -5.64 -26.87
CA LEU E 41 -40.35 -5.68 -28.14
C LEU E 41 -39.45 -5.37 -29.35
N ASP E 42 -38.36 -4.62 -29.15
CA ASP E 42 -37.47 -4.32 -30.28
C ASP E 42 -36.69 -5.55 -30.79
N PRO E 43 -35.86 -6.17 -29.92
CA PRO E 43 -35.09 -7.35 -30.34
C PRO E 43 -35.96 -8.52 -30.80
N LEU E 44 -37.08 -8.73 -30.11
CA LEU E 44 -38.06 -9.73 -30.50
C LEU E 44 -38.51 -9.55 -31.93
N LEU E 45 -38.65 -8.30 -32.32
CA LEU E 45 -39.11 -7.96 -33.66
C LEU E 45 -37.94 -7.66 -34.64
N GLY E 46 -36.71 -7.93 -34.20
CA GLY E 46 -35.55 -7.84 -35.07
C GLY E 46 -34.81 -6.50 -35.09
N VAL E 47 -35.11 -5.63 -34.14
CA VAL E 47 -34.48 -4.30 -34.05
C VAL E 47 -33.46 -4.32 -32.91
N PRO E 48 -32.18 -4.36 -33.25
CA PRO E 48 -31.22 -4.52 -32.16
C PRO E 48 -31.26 -3.34 -31.20
N VAL E 49 -30.74 -3.54 -29.99
CA VAL E 49 -30.49 -2.47 -29.02
C VAL E 49 -28.98 -2.16 -29.06
N ASP E 50 -28.64 -1.08 -29.78
CA ASP E 50 -27.30 -0.85 -30.27
C ASP E 50 -26.81 0.50 -29.78
N ASP E 51 -27.68 1.49 -29.80
CA ASP E 51 -27.30 2.84 -29.41
C ASP E 51 -27.72 3.09 -27.97
N LEU E 52 -26.75 3.18 -27.07
CA LEU E 52 -27.05 3.42 -25.65
C LEU E 52 -26.83 4.89 -25.27
N SER E 53 -26.99 5.77 -26.26
CA SER E 53 -26.83 7.21 -26.05
C SER E 53 -27.80 7.68 -24.97
N PRO E 54 -27.54 8.86 -24.38
CA PRO E 54 -28.55 9.58 -23.61
C PRO E 54 -29.71 10.00 -24.48
N GLN E 55 -29.43 10.36 -25.73
CA GLN E 55 -30.46 10.82 -26.63
C GLN E 55 -31.25 9.67 -27.25
N ALA E 56 -30.60 8.54 -27.46
CA ALA E 56 -31.28 7.41 -28.03
C ALA E 56 -32.25 6.85 -27.02
N LEU E 57 -31.82 6.80 -25.77
CA LEU E 57 -32.63 6.25 -24.72
C LEU E 57 -33.81 7.15 -24.30
N ALA E 58 -33.62 8.46 -24.28
CA ALA E 58 -34.71 9.36 -23.92
C ALA E 58 -35.75 9.26 -25.00
N ASP E 59 -35.28 9.35 -26.24
CA ASP E 59 -36.16 9.26 -27.38
C ASP E 59 -37.14 8.09 -27.25
N LYS E 60 -36.65 6.91 -26.95
CA LYS E 60 -37.52 5.76 -26.89
C LYS E 60 -38.30 5.65 -25.59
N LEU E 61 -37.61 5.76 -24.46
CA LEU E 61 -38.21 5.44 -23.18
C LEU E 61 -39.03 6.57 -22.64
N VAL E 62 -38.68 7.79 -23.00
CA VAL E 62 -39.38 8.95 -22.51
C VAL E 62 -40.40 9.37 -23.57
N LEU E 63 -39.95 9.91 -24.71
CA LEU E 63 -40.86 10.59 -25.65
C LEU E 63 -41.78 9.67 -26.40
N ARG E 64 -41.27 8.52 -26.78
CA ARG E 64 -42.10 7.61 -27.54
C ARG E 64 -42.84 6.74 -26.55
N ARG E 65 -42.64 7.01 -25.26
CA ARG E 65 -43.34 6.30 -24.17
C ARG E 65 -43.25 4.76 -24.36
N ARG E 66 -42.08 4.30 -24.76
CA ARG E 66 -41.77 2.88 -24.81
C ARG E 66 -41.13 2.46 -23.49
N GLY E 67 -40.99 1.16 -23.30
CA GLY E 67 -40.14 0.64 -22.27
C GLY E 67 -38.82 0.17 -22.86
N GLY E 68 -38.16 -0.75 -22.19
CA GLY E 68 -36.91 -1.29 -22.67
C GLY E 68 -36.46 -2.39 -21.76
N TYR E 69 -35.30 -3.00 -22.03
CA TYR E 69 -34.66 -4.00 -21.14
C TYR E 69 -33.51 -3.41 -20.28
N CYS E 70 -32.63 -4.22 -19.70
CA CYS E 70 -31.67 -3.67 -18.73
C CYS E 70 -30.70 -2.57 -19.23
N PHE E 71 -30.18 -2.65 -20.45
CA PHE E 71 -29.25 -1.63 -20.93
C PHE E 71 -29.98 -0.31 -21.16
N GLU E 72 -31.26 -0.39 -21.48
CA GLU E 72 -32.09 0.75 -21.74
C GLU E 72 -32.52 1.45 -20.43
N HIS E 73 -32.94 0.67 -19.45
CA HIS E 73 -33.36 1.18 -18.15
C HIS E 73 -32.19 1.72 -17.31
N ASN E 74 -31.11 0.95 -17.18
CA ASN E 74 -30.02 1.38 -16.32
C ASN E 74 -29.13 2.40 -17.04
N GLY E 75 -29.21 2.42 -18.35
CA GLY E 75 -28.58 3.48 -19.12
C GLY E 75 -29.21 4.83 -18.78
N LEU E 76 -30.54 4.89 -18.86
CA LEU E 76 -31.29 6.12 -18.61
C LEU E 76 -31.25 6.53 -17.15
N MET E 77 -31.45 5.58 -16.24
CA MET E 77 -31.32 5.90 -14.83
C MET E 77 -29.90 6.40 -14.50
N GLY E 78 -28.87 5.76 -15.07
CA GLY E 78 -27.50 6.21 -14.94
C GLY E 78 -27.30 7.66 -15.33
N TYR E 79 -27.75 8.05 -16.51
CA TYR E 79 -27.58 9.42 -16.98
C TYR E 79 -28.32 10.42 -16.09
N VAL E 80 -29.54 10.09 -15.73
CA VAL E 80 -30.34 10.93 -14.86
C VAL E 80 -29.57 11.18 -13.58
N LEU E 81 -29.14 10.13 -12.93
CA LEU E 81 -28.51 10.24 -11.62
C LEU E 81 -27.19 10.98 -11.69
N ALA E 82 -26.39 10.71 -12.71
CA ALA E 82 -25.20 11.52 -12.92
C ALA E 82 -25.59 12.99 -12.93
N GLU E 83 -26.59 13.32 -13.73
CA GLU E 83 -27.01 14.70 -13.89
C GLU E 83 -27.62 15.33 -12.65
N LEU E 84 -27.81 14.56 -11.57
CA LEU E 84 -28.36 15.13 -10.35
C LEU E 84 -27.33 15.25 -9.25
N GLY E 85 -26.10 14.79 -9.51
CA GLY E 85 -25.04 14.92 -8.54
C GLY E 85 -24.50 13.61 -8.00
N TYR E 86 -25.13 12.50 -8.35
CA TYR E 86 -24.62 11.22 -7.93
C TYR E 86 -23.45 10.80 -8.82
N ARG E 87 -22.50 10.05 -8.26
CA ARG E 87 -21.39 9.50 -9.05
C ARG E 87 -21.71 8.06 -9.38
N VAL E 88 -22.02 7.83 -10.64
CA VAL E 88 -22.50 6.54 -11.10
C VAL E 88 -21.41 5.72 -11.82
N ARG E 89 -21.42 4.41 -11.54
CA ARG E 89 -20.54 3.43 -12.16
C ARG E 89 -21.32 2.22 -12.65
N ARG E 90 -21.08 1.87 -13.91
CA ARG E 90 -21.81 0.84 -14.56
C ARG E 90 -21.07 -0.50 -14.50
N PHE E 91 -21.79 -1.50 -13.98
CA PHE E 91 -21.26 -2.84 -13.79
C PHE E 91 -21.95 -3.78 -14.76
N ALA E 92 -21.25 -4.85 -15.15
CA ALA E 92 -21.85 -5.97 -15.85
C ALA E 92 -22.11 -7.11 -14.89
N ALA E 93 -23.08 -7.96 -15.23
CA ALA E 93 -23.47 -9.07 -14.39
C ALA E 93 -23.89 -10.29 -15.20
N ARG E 94 -23.84 -11.46 -14.59
CA ARG E 94 -24.36 -12.66 -15.24
C ARG E 94 -25.62 -13.07 -14.51
N VAL E 95 -26.65 -13.40 -15.27
CA VAL E 95 -27.91 -13.85 -14.73
C VAL E 95 -27.84 -15.37 -14.54
N VAL E 96 -28.10 -15.79 -13.29
CA VAL E 96 -28.07 -17.19 -12.86
C VAL E 96 -29.39 -17.65 -12.20
N TRP E 97 -30.42 -16.83 -12.27
CA TRP E 97 -31.72 -17.13 -11.66
C TRP E 97 -32.23 -18.36 -12.33
N LYS E 98 -32.62 -19.38 -11.54
CA LYS E 98 -32.93 -20.70 -12.07
C LYS E 98 -31.69 -21.48 -12.56
N LEU E 99 -31.59 -21.69 -13.86
CA LEU E 99 -30.47 -22.43 -14.44
C LEU E 99 -30.38 -23.88 -13.88
N ALA E 100 -29.22 -24.30 -13.40
CA ALA E 100 -29.02 -25.69 -13.02
C ALA E 100 -28.13 -25.53 -11.82
N PRO E 101 -27.92 -26.62 -11.04
CA PRO E 101 -26.97 -26.56 -9.90
C PRO E 101 -25.54 -26.23 -10.36
N ASP E 102 -25.14 -26.78 -11.51
CA ASP E 102 -23.85 -26.45 -12.15
C ASP E 102 -24.07 -26.07 -13.62
N ALA E 103 -24.83 -25.00 -13.86
CA ALA E 103 -25.10 -24.53 -15.22
C ALA E 103 -23.82 -23.93 -15.77
N PRO E 104 -23.63 -23.97 -17.10
CA PRO E 104 -22.45 -23.32 -17.72
C PRO E 104 -22.50 -21.80 -17.56
N LEU E 105 -21.33 -21.17 -17.44
CA LEU E 105 -21.27 -19.76 -17.09
C LEU E 105 -22.09 -18.86 -18.03
N PRO E 106 -23.07 -18.08 -17.50
CA PRO E 106 -23.82 -17.18 -18.36
C PRO E 106 -22.94 -16.06 -18.88
N PRO E 107 -23.36 -15.42 -19.99
CA PRO E 107 -22.65 -14.23 -20.45
C PRO E 107 -23.04 -13.08 -19.58
N GLN E 108 -22.26 -12.01 -19.66
CA GLN E 108 -22.57 -10.77 -18.98
C GLN E 108 -23.57 -9.96 -19.77
N THR E 109 -24.80 -10.42 -19.77
CA THR E 109 -25.88 -9.82 -20.52
C THR E 109 -26.77 -8.90 -19.67
N HIS E 110 -26.39 -8.67 -18.42
CA HIS E 110 -27.12 -7.77 -17.54
C HIS E 110 -26.25 -6.58 -17.18
N THR E 111 -26.84 -5.46 -16.78
CA THR E 111 -26.09 -4.31 -16.32
C THR E 111 -26.79 -3.67 -15.13
N LEU E 112 -26.04 -3.18 -14.16
CA LEU E 112 -26.62 -2.48 -12.99
C LEU E 112 -25.73 -1.29 -12.63
N LEU E 113 -26.03 -0.63 -11.53
CA LEU E 113 -25.34 0.58 -11.16
C LEU E 113 -24.82 0.58 -9.71
N GLY E 114 -23.56 0.98 -9.53
CA GLY E 114 -23.03 1.32 -8.23
C GLY E 114 -23.00 2.83 -8.09
N VAL E 115 -23.76 3.35 -7.12
CA VAL E 115 -24.01 4.80 -6.96
C VAL E 115 -23.47 5.40 -5.66
N THR E 116 -22.82 6.56 -5.77
CA THR E 116 -22.38 7.33 -4.59
C THR E 116 -22.91 8.77 -4.59
N PHE E 117 -22.98 9.36 -3.39
CA PHE E 117 -23.38 10.75 -3.19
C PHE E 117 -22.83 11.20 -1.85
N PRO E 118 -22.71 12.51 -1.65
CA PRO E 118 -22.10 13.04 -0.42
C PRO E 118 -22.85 12.66 0.83
N GLY E 119 -22.14 12.11 1.81
CA GLY E 119 -22.75 11.71 3.06
C GLY E 119 -23.35 10.31 3.03
N SER E 120 -23.13 9.60 1.93
CA SER E 120 -23.71 8.28 1.76
C SER E 120 -22.91 7.35 2.64
N GLY E 121 -23.50 6.22 3.03
CA GLY E 121 -22.77 5.25 3.82
C GLY E 121 -21.61 4.69 3.00
N GLY E 122 -21.63 4.98 1.71
CA GLY E 122 -20.67 4.45 0.78
C GLY E 122 -21.30 4.34 -0.58
N CYS E 123 -21.04 3.24 -1.26
CA CYS E 123 -21.59 2.98 -2.57
C CYS E 123 -22.88 2.17 -2.40
N TYR E 124 -23.94 2.58 -3.10
CA TYR E 124 -25.19 1.83 -3.15
C TYR E 124 -25.41 1.12 -4.49
N LEU E 125 -26.10 0.00 -4.43
CA LEU E 125 -26.46 -0.75 -5.63
C LEU E 125 -27.88 -0.42 -6.09
N VAL E 126 -28.01 -0.11 -7.38
CA VAL E 126 -29.27 0.30 -8.01
C VAL E 126 -29.55 -0.44 -9.34
N ASP E 127 -30.73 -1.02 -9.46
CA ASP E 127 -31.06 -1.82 -10.62
C ASP E 127 -32.56 -1.78 -10.86
N VAL E 128 -32.94 -1.06 -11.92
CA VAL E 128 -34.32 -0.98 -12.41
C VAL E 128 -34.44 -1.61 -13.79
N GLY E 129 -33.55 -2.55 -14.10
CA GLY E 129 -33.51 -3.18 -15.41
C GLY E 129 -33.51 -4.69 -15.39
N PHE E 130 -33.63 -5.27 -14.21
CA PHE E 130 -33.70 -6.71 -14.09
C PHE E 130 -35.08 -7.28 -14.43
N GLY E 131 -36.10 -6.44 -14.51
CA GLY E 131 -37.45 -6.88 -14.81
C GLY E 131 -38.33 -6.93 -13.60
N GLY E 132 -39.24 -7.89 -13.58
CA GLY E 132 -40.28 -7.96 -12.57
C GLY E 132 -39.72 -8.31 -11.21
N GLN E 133 -38.52 -8.88 -11.16
CA GLN E 133 -37.89 -9.10 -9.87
C GLN E 133 -36.75 -8.12 -9.63
N THR E 134 -36.76 -7.01 -10.33
CA THR E 134 -35.77 -5.97 -10.06
C THR E 134 -35.94 -5.44 -8.61
N PRO E 135 -34.82 -5.13 -7.90
CA PRO E 135 -34.94 -4.51 -6.56
C PRO E 135 -35.58 -3.12 -6.58
N THR E 136 -36.32 -2.82 -5.53
CA THR E 136 -37.17 -1.66 -5.49
C THR E 136 -36.69 -0.67 -4.43
N SER E 137 -35.53 -0.98 -3.83
CA SER E 137 -34.85 -0.07 -2.92
C SER E 137 -33.38 -0.09 -3.28
N PRO E 138 -32.68 1.05 -3.14
CA PRO E 138 -31.22 0.91 -3.22
C PRO E 138 -30.67 0.04 -2.06
N LEU E 139 -29.54 -0.60 -2.31
CA LEU E 139 -28.98 -1.56 -1.37
C LEU E 139 -27.52 -1.23 -1.12
N ARG E 140 -27.12 -1.18 0.15
CA ARG E 140 -25.71 -0.99 0.49
C ARG E 140 -24.93 -2.13 -0.17
N LEU E 141 -23.83 -1.79 -0.81
CA LEU E 141 -22.93 -2.81 -1.32
C LEU E 141 -22.20 -3.38 -0.12
N GLU E 142 -22.69 -4.49 0.38
CA GLU E 142 -22.19 -5.06 1.62
C GLU E 142 -22.75 -6.47 1.77
N THR E 143 -21.88 -7.40 2.16
CA THR E 143 -22.19 -8.84 2.19
C THR E 143 -22.85 -9.32 3.49
N GLY E 144 -23.77 -10.26 3.38
CA GLY E 144 -24.35 -10.93 4.54
C GLY E 144 -25.59 -10.31 5.18
N ALA E 145 -25.71 -8.98 5.11
CA ALA E 145 -26.80 -8.27 5.76
C ALA E 145 -28.10 -8.42 4.99
N VAL E 146 -29.13 -8.89 5.67
CA VAL E 146 -30.46 -9.02 5.13
C VAL E 146 -31.10 -7.67 5.11
N GLN E 147 -31.37 -7.22 3.90
CA GLN E 147 -31.70 -5.85 3.62
C GLN E 147 -33.18 -5.63 3.26
N PRO E 148 -33.92 -4.88 4.10
CA PRO E 148 -35.30 -4.50 3.79
C PRO E 148 -35.44 -3.69 2.51
N THR E 149 -36.54 -3.87 1.80
CA THR E 149 -36.83 -3.02 0.66
C THR E 149 -38.31 -2.71 0.72
N THR E 150 -38.81 -1.93 -0.25
CA THR E 150 -40.23 -1.58 -0.31
C THR E 150 -41.10 -2.76 -0.72
N HIS E 151 -40.48 -3.84 -1.17
CA HIS E 151 -41.13 -5.13 -1.30
C HIS E 151 -40.32 -6.15 -0.51
N GLU E 152 -39.74 -7.15 -1.17
CA GLU E 152 -39.06 -8.23 -0.46
C GLU E 152 -37.65 -7.85 0.03
N PRO E 153 -37.15 -8.53 1.07
CA PRO E 153 -35.76 -8.44 1.50
C PRO E 153 -34.75 -9.10 0.53
N TYR E 154 -33.58 -8.47 0.50
CA TYR E 154 -32.52 -8.82 -0.44
C TYR E 154 -31.26 -8.89 0.37
N ARG E 155 -30.22 -9.45 -0.21
CA ARG E 155 -28.96 -9.51 0.48
C ARG E 155 -27.92 -9.72 -0.59
N LEU E 156 -26.70 -9.31 -0.29
CA LEU E 156 -25.56 -9.61 -1.14
C LEU E 156 -24.78 -10.68 -0.45
N GLU E 157 -24.26 -11.63 -1.22
CA GLU E 157 -23.31 -12.62 -0.72
C GLU E 157 -21.97 -12.56 -1.47
N ASP E 158 -20.89 -12.94 -0.78
CA ASP E 158 -19.55 -12.95 -1.37
C ASP E 158 -19.35 -14.09 -2.35
N ARG E 159 -18.63 -13.76 -3.40
CA ARG E 159 -18.28 -14.70 -4.43
C ARG E 159 -16.83 -14.45 -4.75
N VAL E 160 -16.25 -15.38 -5.48
CA VAL E 160 -14.83 -15.29 -5.79
C VAL E 160 -14.56 -14.10 -6.67
N ASP E 161 -15.19 -14.07 -7.83
CA ASP E 161 -15.00 -12.96 -8.73
C ASP E 161 -15.50 -11.75 -7.99
N GLY E 162 -16.77 -11.78 -7.59
CA GLY E 162 -17.37 -10.62 -6.98
C GLY E 162 -18.48 -10.93 -6.03
N PHE E 163 -19.71 -10.93 -6.50
CA PHE E 163 -20.84 -10.95 -5.61
C PHE E 163 -22.03 -11.60 -6.27
N VAL E 164 -23.09 -11.81 -5.50
CA VAL E 164 -24.40 -12.18 -6.01
C VAL E 164 -25.46 -11.31 -5.32
N LEU E 165 -26.59 -11.13 -5.99
CA LEU E 165 -27.74 -10.50 -5.39
C LEU E 165 -28.82 -11.52 -5.24
N GLN E 166 -29.31 -11.67 -4.01
CA GLN E 166 -30.38 -12.62 -3.70
C GLN E 166 -31.64 -11.90 -3.23
N ALA E 167 -32.79 -12.53 -3.46
CA ALA E 167 -34.08 -12.00 -3.00
C ALA E 167 -34.88 -13.03 -2.21
N MET E 168 -35.48 -12.60 -1.09
CA MET E 168 -36.37 -13.50 -0.37
C MET E 168 -37.69 -13.54 -1.11
N VAL E 169 -37.86 -14.59 -1.90
CA VAL E 169 -39.07 -14.83 -2.68
C VAL E 169 -39.72 -16.12 -2.19
N ARG E 170 -40.93 -16.03 -1.66
CA ARG E 170 -41.62 -17.21 -1.13
C ARG E 170 -40.79 -17.95 -0.11
N ASP E 171 -40.35 -17.27 0.93
CA ASP E 171 -39.67 -17.93 2.03
C ASP E 171 -38.41 -18.67 1.60
N THR E 172 -37.93 -18.42 0.38
CA THR E 172 -36.61 -18.91 -0.02
C THR E 172 -35.74 -17.83 -0.62
N TRP E 173 -34.46 -17.90 -0.26
CA TRP E 173 -33.45 -17.07 -0.89
C TRP E 173 -33.13 -17.59 -2.28
N GLN E 174 -33.26 -16.72 -3.25
CA GLN E 174 -33.07 -17.11 -4.62
C GLN E 174 -32.11 -16.13 -5.21
N THR E 175 -31.15 -16.66 -5.94
CA THR E 175 -30.08 -15.86 -6.50
C THR E 175 -30.52 -15.34 -7.85
N LEU E 176 -30.37 -14.04 -8.05
CA LEU E 176 -30.75 -13.40 -9.30
C LEU E 176 -29.60 -13.31 -10.33
N TYR E 177 -28.51 -12.65 -9.96
CA TYR E 177 -27.36 -12.50 -10.86
C TYR E 177 -26.08 -12.29 -10.04
N GLU E 178 -24.93 -12.51 -10.67
CA GLU E 178 -23.61 -12.38 -10.04
C GLU E 178 -22.80 -11.33 -10.78
N PHE E 179 -21.94 -10.61 -10.09
CA PHE E 179 -21.33 -9.44 -10.71
C PHE E 179 -20.14 -9.04 -9.91
N THR E 180 -19.32 -8.16 -10.49
CA THR E 180 -18.15 -7.63 -9.81
C THR E 180 -18.30 -6.14 -9.84
N THR E 181 -17.50 -5.42 -9.04
CA THR E 181 -17.52 -3.95 -9.00
C THR E 181 -16.62 -3.25 -10.03
N GLN E 182 -16.23 -3.97 -11.07
CA GLN E 182 -15.41 -3.44 -12.12
C GLN E 182 -16.24 -2.57 -13.03
N THR E 183 -15.90 -1.28 -13.11
CA THR E 183 -16.62 -0.32 -13.94
C THR E 183 -16.47 -0.60 -15.45
N ARG E 184 -17.59 -0.65 -16.18
CA ARG E 184 -17.57 -0.98 -17.60
C ARG E 184 -17.69 0.26 -18.48
N PRO E 185 -16.87 0.34 -19.54
CA PRO E 185 -17.05 1.44 -20.48
C PRO E 185 -18.30 1.25 -21.34
N GLN E 186 -18.68 2.26 -22.11
CA GLN E 186 -19.86 2.21 -22.97
C GLN E 186 -19.75 1.19 -24.08
N ILE E 187 -18.55 0.98 -24.57
CA ILE E 187 -18.42 0.14 -25.74
C ILE E 187 -18.65 -1.31 -25.30
N ASP E 188 -18.31 -1.59 -24.05
CA ASP E 188 -18.45 -2.95 -23.56
C ASP E 188 -19.92 -3.23 -23.28
N LEU E 189 -20.70 -2.21 -22.93
CA LEU E 189 -22.13 -2.44 -22.68
C LEU E 189 -22.80 -2.67 -24.04
N LYS E 190 -22.32 -1.94 -25.03
CA LYS E 190 -22.82 -2.04 -26.38
C LYS E 190 -22.56 -3.40 -27.01
N VAL E 191 -21.40 -4.00 -26.77
CA VAL E 191 -21.11 -5.35 -27.25
C VAL E 191 -22.03 -6.39 -26.59
N ALA E 192 -22.16 -6.28 -25.27
CA ALA E 192 -23.11 -7.07 -24.46
C ALA E 192 -24.57 -6.87 -24.87
N SER E 193 -24.96 -5.63 -25.15
CA SER E 193 -26.31 -5.37 -25.60
C SER E 193 -26.56 -5.93 -26.99
N TRP E 194 -25.61 -5.79 -27.88
CA TRP E 194 -25.77 -6.34 -29.21
C TRP E 194 -26.11 -7.81 -29.05
N TYR E 195 -25.34 -8.52 -28.25
CA TYR E 195 -25.56 -9.96 -28.04
C TYR E 195 -26.93 -10.27 -27.46
N ALA E 196 -27.30 -9.59 -26.39
CA ALA E 196 -28.58 -9.79 -25.74
C ALA E 196 -29.73 -9.61 -26.71
N SER E 197 -29.61 -8.62 -27.59
CA SER E 197 -30.69 -8.24 -28.49
C SER E 197 -30.60 -8.81 -29.91
N THR E 198 -29.56 -9.60 -30.19
CA THR E 198 -29.40 -10.17 -31.53
C THR E 198 -29.06 -11.67 -31.59
N HIS E 199 -28.41 -12.24 -30.56
CA HIS E 199 -28.00 -13.64 -30.63
C HIS E 199 -29.29 -14.45 -30.63
N PRO E 200 -29.38 -15.46 -31.51
CA PRO E 200 -30.59 -16.30 -31.64
C PRO E 200 -31.00 -17.11 -30.41
N ALA E 201 -30.08 -17.36 -29.48
CA ALA E 201 -30.38 -18.17 -28.31
C ALA E 201 -30.68 -17.26 -27.13
N SER E 202 -30.71 -15.96 -27.39
CA SER E 202 -31.09 -15.00 -26.37
C SER E 202 -32.59 -15.04 -26.17
N LYS E 203 -33.03 -15.06 -24.91
CA LYS E 203 -34.43 -15.08 -24.57
C LYS E 203 -35.11 -13.82 -25.02
N PHE E 204 -34.36 -12.72 -25.14
CA PHE E 204 -34.95 -11.46 -25.59
C PHE E 204 -35.18 -11.40 -27.07
N VAL E 205 -34.66 -12.35 -27.82
CA VAL E 205 -34.88 -12.43 -29.27
C VAL E 205 -36.00 -13.42 -29.59
N THR E 206 -36.10 -14.49 -28.80
CA THR E 206 -36.95 -15.63 -29.09
C THR E 206 -38.32 -15.63 -28.37
N GLY E 207 -38.51 -14.76 -27.40
CA GLY E 207 -39.78 -14.73 -26.71
C GLY E 207 -40.09 -13.35 -26.16
N LEU E 208 -41.35 -13.15 -25.77
CA LEU E 208 -41.79 -11.86 -25.23
C LEU E 208 -41.74 -11.80 -23.69
N THR E 209 -41.17 -10.74 -23.16
CA THR E 209 -41.04 -10.57 -21.72
C THR E 209 -41.31 -9.10 -21.35
N ALA E 210 -42.21 -8.87 -20.39
CA ALA E 210 -42.57 -7.52 -19.95
C ALA E 210 -42.82 -7.50 -18.43
N ALA E 211 -42.69 -6.33 -17.81
CA ALA E 211 -42.93 -6.20 -16.37
C ALA E 211 -43.08 -4.76 -15.98
N VAL E 212 -43.78 -4.53 -14.88
CA VAL E 212 -43.88 -3.21 -14.26
C VAL E 212 -44.19 -3.51 -12.80
N ILE E 213 -43.87 -2.58 -11.90
CA ILE E 213 -43.90 -2.83 -10.47
C ILE E 213 -44.74 -1.77 -9.79
N THR E 214 -45.68 -2.22 -8.95
CA THR E 214 -46.49 -1.34 -8.14
C THR E 214 -46.08 -1.43 -6.70
N ASP E 215 -46.72 -0.60 -5.90
CA ASP E 215 -46.44 -0.54 -4.49
C ASP E 215 -46.84 -1.87 -3.92
N ASP E 216 -47.82 -2.51 -4.55
CA ASP E 216 -48.43 -3.69 -3.96
C ASP E 216 -48.17 -4.99 -4.72
N ALA E 217 -47.51 -4.92 -5.88
CA ALA E 217 -47.43 -6.07 -6.78
C ALA E 217 -46.31 -6.00 -7.80
N ARG E 218 -45.88 -7.16 -8.29
CA ARG E 218 -44.93 -7.25 -9.38
C ARG E 218 -45.66 -7.91 -10.55
N TRP E 219 -45.85 -7.16 -11.64
CA TRP E 219 -46.56 -7.63 -12.84
C TRP E 219 -45.56 -8.22 -13.82
N ASN E 220 -45.89 -9.38 -14.40
CA ASN E 220 -45.01 -10.02 -15.37
C ASN E 220 -45.76 -10.66 -16.47
N LEU E 221 -45.18 -10.63 -17.66
CA LEU E 221 -45.76 -11.27 -18.84
C LEU E 221 -44.68 -12.07 -19.60
N SER E 222 -44.90 -13.37 -19.70
CA SER E 222 -44.01 -14.27 -20.40
C SER E 222 -44.81 -14.84 -21.55
N GLY E 223 -44.55 -14.36 -22.74
CA GLY E 223 -45.34 -14.71 -23.89
C GLY E 223 -46.81 -14.41 -23.65
N ARG E 224 -47.60 -15.47 -23.61
CA ARG E 224 -49.03 -15.41 -23.40
C ARG E 224 -49.34 -15.29 -21.92
N ASP E 225 -48.44 -15.74 -21.06
CA ASP E 225 -48.82 -15.89 -19.66
C ASP E 225 -48.59 -14.64 -18.81
N LEU E 226 -49.67 -14.02 -18.38
CA LEU E 226 -49.61 -12.98 -17.36
C LEU E 226 -49.53 -13.56 -15.94
N ALA E 227 -48.67 -12.96 -15.15
CA ALA E 227 -48.53 -13.30 -13.74
C ALA E 227 -48.44 -12.03 -12.90
N VAL E 228 -49.27 -11.97 -11.85
CA VAL E 228 -49.25 -10.87 -10.88
C VAL E 228 -48.92 -11.40 -9.50
N HIS E 229 -47.70 -11.11 -9.03
CA HIS E 229 -47.20 -11.54 -7.73
C HIS E 229 -47.49 -10.50 -6.67
N ARG E 230 -48.34 -10.87 -5.70
CA ARG E 230 -48.64 -10.03 -4.56
C ARG E 230 -48.31 -10.78 -3.28
N ALA E 231 -48.52 -10.13 -2.14
CA ALA E 231 -48.16 -10.71 -0.87
C ALA E 231 -48.92 -12.01 -0.64
N GLY E 232 -50.22 -12.02 -0.91
CA GLY E 232 -51.02 -13.19 -0.63
C GLY E 232 -50.79 -14.38 -1.56
N GLY E 233 -50.17 -14.13 -2.72
CA GLY E 233 -50.02 -15.15 -3.73
C GLY E 233 -50.00 -14.58 -5.13
N THR E 234 -50.16 -15.45 -6.13
CA THR E 234 -49.87 -15.10 -7.52
C THR E 234 -51.00 -15.37 -8.50
N GLU E 235 -51.46 -14.32 -9.14
CA GLU E 235 -52.56 -14.38 -10.06
C GLU E 235 -52.07 -14.60 -11.49
N LYS E 236 -52.54 -15.69 -12.08
CA LYS E 236 -52.10 -16.09 -13.40
C LYS E 236 -53.26 -16.10 -14.38
N ILE E 237 -53.07 -15.41 -15.49
CA ILE E 237 -54.06 -15.39 -16.54
C ILE E 237 -53.42 -15.84 -17.84
N ARG E 238 -54.07 -16.79 -18.50
CA ARG E 238 -53.67 -17.20 -19.84
C ARG E 238 -54.43 -16.42 -20.94
N LEU E 239 -53.77 -15.46 -21.59
CA LEU E 239 -54.40 -14.60 -22.59
C LEU E 239 -54.87 -15.38 -23.80
N ALA E 240 -55.98 -14.91 -24.37
CA ALA E 240 -56.64 -15.56 -25.49
C ALA E 240 -55.81 -15.56 -26.76
N ASP E 241 -55.46 -14.37 -27.22
CA ASP E 241 -54.92 -14.22 -28.55
C ASP E 241 -53.80 -13.21 -28.52
N ALA E 242 -53.18 -12.97 -29.67
CA ALA E 242 -52.26 -11.88 -29.80
C ALA E 242 -52.97 -10.60 -29.51
N ALA E 243 -54.26 -10.48 -29.83
CA ALA E 243 -54.95 -9.24 -29.49
C ALA E 243 -54.96 -8.99 -27.99
N ALA E 244 -55.32 -10.03 -27.24
CA ALA E 244 -55.32 -9.99 -25.79
C ALA E 244 -53.98 -9.55 -25.29
N VAL E 245 -52.92 -10.12 -25.88
CA VAL E 245 -51.56 -9.83 -25.47
C VAL E 245 -51.22 -8.37 -25.76
N VAL E 246 -51.57 -7.89 -26.95
CA VAL E 246 -51.23 -6.53 -27.39
C VAL E 246 -51.93 -5.51 -26.52
N ASP E 247 -53.19 -5.79 -26.20
CA ASP E 247 -53.95 -4.94 -25.29
C ASP E 247 -53.41 -4.88 -23.86
N THR E 248 -52.90 -6.01 -23.40
CA THR E 248 -52.19 -6.06 -22.13
C THR E 248 -50.96 -5.19 -22.18
N LEU E 249 -50.17 -5.26 -23.25
CA LEU E 249 -48.96 -4.44 -23.33
C LEU E 249 -49.28 -2.96 -23.24
N SER E 250 -50.36 -2.52 -23.90
CA SER E 250 -50.79 -1.10 -23.85
C SER E 250 -51.43 -0.70 -22.53
N GLU E 251 -52.54 -1.35 -22.18
CA GLU E 251 -53.41 -0.87 -21.12
C GLU E 251 -52.87 -1.21 -19.73
N ARG E 252 -52.18 -2.35 -19.61
CA ARG E 252 -51.62 -2.77 -18.32
C ARG E 252 -50.18 -2.37 -18.13
N PHE E 253 -49.37 -2.41 -19.20
CA PHE E 253 -47.95 -2.05 -19.08
C PHE E 253 -47.61 -0.68 -19.63
N GLY E 254 -48.56 -0.05 -20.31
CA GLY E 254 -48.40 1.36 -20.63
C GLY E 254 -47.53 1.65 -21.84
N ILE E 255 -47.26 0.60 -22.60
CA ILE E 255 -46.42 0.72 -23.77
C ILE E 255 -47.22 1.31 -24.93
N ASN E 256 -46.67 2.37 -25.50
CA ASN E 256 -47.18 2.91 -26.73
C ASN E 256 -46.86 1.97 -27.91
N VAL E 257 -47.74 1.01 -28.19
CA VAL E 257 -47.40 -0.06 -29.15
C VAL E 257 -47.55 0.46 -30.55
N ALA E 258 -48.22 1.59 -30.68
CA ALA E 258 -48.32 2.27 -31.95
C ALA E 258 -46.94 2.61 -32.48
N ASP E 259 -46.03 2.93 -31.58
CA ASP E 259 -44.68 3.29 -31.94
C ASP E 259 -43.95 2.22 -32.76
N ILE E 260 -44.46 0.99 -32.73
CA ILE E 260 -43.97 -0.06 -33.63
C ILE E 260 -44.58 0.03 -35.06
N GLY E 261 -45.91 -0.05 -35.15
CA GLY E 261 -46.58 -0.12 -36.43
C GLY E 261 -48.08 -0.35 -36.23
N GLU E 262 -48.75 -0.81 -37.28
CA GLU E 262 -50.21 -0.99 -37.25
C GLU E 262 -50.69 -1.89 -36.10
N ARG E 263 -51.90 -1.60 -35.63
CA ARG E 263 -52.50 -2.33 -34.52
C ARG E 263 -52.66 -3.81 -34.85
N GLY E 264 -53.34 -4.09 -35.97
CA GLY E 264 -53.50 -5.46 -36.43
C GLY E 264 -52.18 -6.08 -36.87
N ALA E 265 -51.14 -5.26 -37.00
CA ALA E 265 -49.87 -5.73 -37.54
C ALA E 265 -49.11 -6.44 -36.46
N LEU E 266 -49.09 -5.86 -35.26
CA LEU E 266 -48.26 -6.40 -34.19
C LEU E 266 -48.76 -7.76 -33.78
N GLU E 267 -50.05 -7.96 -33.96
CA GLU E 267 -50.65 -9.19 -33.52
C GLU E 267 -50.04 -10.33 -34.33
N THR E 268 -50.09 -10.18 -35.65
CA THR E 268 -49.60 -11.21 -36.55
C THR E 268 -48.26 -11.78 -36.12
N ARG E 269 -47.31 -10.93 -35.80
CA ARG E 269 -46.01 -11.41 -35.35
C ARG E 269 -46.04 -12.12 -33.98
N ILE E 270 -46.97 -11.72 -33.10
CA ILE E 270 -47.16 -12.35 -31.79
C ILE E 270 -47.70 -13.77 -31.90
N ASP E 271 -48.62 -13.99 -32.84
CA ASP E 271 -49.18 -15.32 -33.06
C ASP E 271 -48.10 -16.34 -33.40
N GLU E 272 -47.05 -15.90 -34.09
CA GLU E 272 -45.92 -16.77 -34.42
C GLU E 272 -45.24 -17.36 -33.18
N LEU F 3 8.36 31.66 27.87
CA LEU F 3 7.21 31.51 26.99
C LEU F 3 6.13 32.52 27.41
N ASP F 4 4.91 32.32 26.95
CA ASP F 4 3.84 33.21 27.31
C ASP F 4 3.27 32.80 28.65
N LEU F 5 3.78 33.42 29.68
CA LEU F 5 3.33 33.15 31.01
C LEU F 5 1.90 33.57 31.32
N THR F 6 1.23 34.29 30.43
CA THR F 6 -0.12 34.75 30.75
C THR F 6 -1.04 33.58 30.43
N ALA F 7 -0.73 32.92 29.33
CA ALA F 7 -1.52 31.81 28.87
C ALA F 7 -1.36 30.60 29.79
N TYR F 8 -0.18 30.43 30.38
CA TYR F 8 0.04 29.28 31.26
C TYR F 8 -0.79 29.48 32.53
N PHE F 9 -0.86 30.70 33.03
CA PHE F 9 -1.63 31.02 34.22
C PHE F 9 -3.13 30.96 34.00
N ASP F 10 -3.57 31.14 32.77
CA ASP F 10 -4.95 30.95 32.46
C ASP F 10 -5.25 29.47 32.25
N ARG F 11 -4.30 28.73 31.68
CA ARG F 11 -4.42 27.28 31.52
C ARG F 11 -4.69 26.60 32.86
N ILE F 12 -3.86 26.89 33.85
CA ILE F 12 -3.93 26.26 35.15
C ILE F 12 -4.74 27.14 36.14
N ASN F 13 -5.11 28.34 35.72
CA ASN F 13 -5.88 29.30 36.49
C ASN F 13 -5.16 29.80 37.74
N TYR F 14 -3.89 30.13 37.59
CA TYR F 14 -3.11 30.65 38.71
C TYR F 14 -3.37 32.14 38.91
N ARG F 15 -3.57 32.53 40.16
CA ARG F 15 -3.43 33.91 40.60
C ARG F 15 -2.66 33.84 41.91
N GLY F 16 -1.98 34.93 42.26
CA GLY F 16 -1.03 34.91 43.35
C GLY F 16 0.25 35.54 42.84
N ALA F 17 1.22 35.77 43.74
CA ALA F 17 2.45 36.50 43.42
C ALA F 17 3.27 35.79 42.38
N THR F 18 4.25 36.49 41.82
CA THR F 18 5.13 35.92 40.80
C THR F 18 6.58 36.15 41.22
N ASP F 19 6.79 36.33 42.51
CA ASP F 19 8.13 36.43 43.08
C ASP F 19 8.64 35.02 43.32
N PRO F 20 9.95 34.81 43.19
CA PRO F 20 10.43 33.45 43.44
C PRO F 20 10.51 33.16 44.91
N THR F 21 9.39 32.77 45.46
CA THR F 21 9.33 32.36 46.84
C THR F 21 8.91 30.90 46.98
N LEU F 22 8.99 30.43 48.19
CA LEU F 22 8.58 29.09 48.46
C LEU F 22 7.08 28.95 48.30
N ASP F 23 6.33 29.95 48.72
CA ASP F 23 4.88 29.87 48.66
C ASP F 23 4.40 29.84 47.24
N VAL F 24 5.05 30.65 46.43
CA VAL F 24 4.70 30.71 45.03
C VAL F 24 5.07 29.40 44.33
N LEU F 25 6.18 28.80 44.76
CA LEU F 25 6.61 27.52 44.23
C LEU F 25 5.64 26.41 44.61
N GLN F 26 5.15 26.44 45.84
CA GLN F 26 4.13 25.49 46.29
C GLN F 26 2.79 25.69 45.59
N ASP F 27 2.41 26.93 45.35
CA ASP F 27 1.12 27.21 44.81
C ASP F 27 1.07 26.72 43.40
N LEU F 28 2.17 26.92 42.69
CA LEU F 28 2.28 26.49 41.30
C LEU F 28 2.31 24.98 41.11
N VAL F 29 3.03 24.28 41.97
CA VAL F 29 3.00 22.84 41.95
C VAL F 29 1.57 22.29 42.07
N THR F 30 0.81 22.82 43.02
CA THR F 30 -0.57 22.37 43.25
C THR F 30 -1.50 22.64 42.07
N VAL F 31 -1.53 23.88 41.63
CA VAL F 31 -2.48 24.30 40.62
C VAL F 31 -2.15 23.66 39.25
N HIS F 32 -0.86 23.51 38.97
CA HIS F 32 -0.38 22.78 37.80
C HIS F 32 -0.85 21.33 37.80
N SER F 33 -0.48 20.62 38.85
CA SER F 33 -0.76 19.20 38.98
C SER F 33 -2.27 18.90 39.03
N ARG F 34 -3.07 19.93 39.33
CA ARG F 34 -4.52 19.82 39.33
C ARG F 34 -5.13 19.95 37.96
N THR F 35 -4.48 20.72 37.09
CA THR F 35 -5.05 21.00 35.79
C THR F 35 -4.45 20.16 34.66
N ILE F 36 -3.13 20.18 34.52
CA ILE F 36 -2.50 19.55 33.37
C ILE F 36 -2.19 18.14 33.79
N PRO F 37 -2.75 17.13 33.08
CA PRO F 37 -2.61 15.76 33.55
C PRO F 37 -1.40 15.02 33.02
N PHE F 38 -1.02 13.94 33.71
CA PHE F 38 -0.13 12.97 33.11
C PHE F 38 -0.91 12.24 32.00
N GLU F 39 -0.33 12.17 30.82
CA GLU F 39 -0.93 11.40 29.74
C GLU F 39 0.18 10.95 28.80
N ASN F 40 0.07 9.76 28.23
CA ASN F 40 1.06 9.27 27.28
C ASN F 40 0.43 8.94 25.94
N LEU F 41 -0.55 9.72 25.50
CA LEU F 41 -1.32 9.34 24.32
C LEU F 41 -0.54 9.47 23.01
N ASP F 42 0.41 10.39 22.97
CA ASP F 42 1.32 10.46 21.81
C ASP F 42 2.14 9.16 21.60
N PRO F 43 3.03 8.78 22.54
CA PRO F 43 3.78 7.53 22.31
C PRO F 43 2.94 6.28 22.14
N LEU F 44 1.78 6.23 22.77
CA LEU F 44 0.94 5.06 22.65
C LEU F 44 0.40 5.01 21.24
N LEU F 45 0.16 6.19 20.65
CA LEU F 45 -0.33 6.30 19.27
C LEU F 45 0.76 6.56 18.20
N GLY F 46 2.01 6.25 18.50
CA GLY F 46 3.05 6.35 17.48
C GLY F 46 3.58 7.74 17.29
N VAL F 47 3.30 8.66 18.20
CA VAL F 47 3.85 10.01 18.11
C VAL F 47 4.99 10.21 19.14
N PRO F 48 6.25 10.23 18.67
CA PRO F 48 7.33 10.38 19.62
C PRO F 48 7.23 11.71 20.33
N VAL F 49 7.98 11.88 21.39
CA VAL F 49 8.10 13.18 21.99
C VAL F 49 9.57 13.45 22.05
N ASP F 50 10.06 14.30 21.16
CA ASP F 50 11.47 14.64 21.14
C ASP F 50 11.72 16.16 21.10
N ASP F 51 10.70 16.94 20.80
CA ASP F 51 10.83 18.38 20.78
C ASP F 51 10.43 18.92 22.13
N LEU F 52 11.40 19.32 22.94
CA LEU F 52 11.16 19.71 24.33
C LEU F 52 11.46 21.19 24.58
N SER F 53 11.30 21.99 23.52
CA SER F 53 11.54 23.42 23.58
C SER F 53 10.31 24.07 24.21
N PRO F 54 10.48 25.26 24.79
CA PRO F 54 9.38 26.00 25.45
C PRO F 54 8.14 26.06 24.60
N GLN F 55 8.34 26.25 23.29
CA GLN F 55 7.24 26.47 22.36
C GLN F 55 6.60 25.18 21.94
N ALA F 56 7.38 24.13 21.83
CA ALA F 56 6.79 22.83 21.53
C ALA F 56 5.91 22.41 22.69
N LEU F 57 6.38 22.64 23.90
CA LEU F 57 5.69 22.17 25.09
C LEU F 57 4.51 23.05 25.52
N ALA F 58 4.59 24.35 25.27
CA ALA F 58 3.45 25.23 25.54
C ALA F 58 2.37 24.98 24.51
N ASP F 59 2.75 24.79 23.26
CA ASP F 59 1.75 24.50 22.26
C ASP F 59 0.96 23.29 22.69
N LYS F 60 1.65 22.23 23.07
CA LYS F 60 0.95 21.01 23.42
C LYS F 60 0.22 21.12 24.75
N LEU F 61 0.94 21.51 25.79
CA LEU F 61 0.39 21.42 27.14
C LEU F 61 -0.41 22.61 27.57
N VAL F 62 -0.23 23.73 26.89
CA VAL F 62 -1.03 24.93 27.19
C VAL F 62 -2.09 25.21 26.17
N LEU F 63 -1.70 25.50 24.95
CA LEU F 63 -2.66 25.89 23.93
C LEU F 63 -3.66 24.80 23.55
N ARG F 64 -3.19 23.57 23.35
CA ARG F 64 -4.07 22.50 22.87
C ARG F 64 -4.71 21.77 24.02
N ARG F 65 -4.42 22.21 25.24
CA ARG F 65 -4.98 21.62 26.43
C ARG F 65 -4.82 20.12 26.39
N ARG F 66 -3.59 19.68 26.09
CA ARG F 66 -3.15 18.29 26.31
C ARG F 66 -2.38 18.16 27.67
N GLY F 67 -2.26 16.95 28.19
CA GLY F 67 -1.26 16.66 29.20
C GLY F 67 0.02 16.14 28.57
N GLY F 68 0.84 15.45 29.34
CA GLY F 68 2.09 14.96 28.82
C GLY F 68 2.73 14.07 29.85
N TYR F 69 3.95 13.59 29.59
CA TYR F 69 4.66 12.73 30.54
C TYR F 69 5.89 13.48 31.05
N CYS F 70 6.77 12.82 31.79
CA CYS F 70 7.71 13.57 32.64
C CYS F 70 8.46 14.66 31.93
N PHE F 71 8.96 14.36 30.74
CA PHE F 71 9.82 15.30 29.99
C PHE F 71 9.06 16.53 29.50
N GLU F 72 7.75 16.37 29.32
CA GLU F 72 6.88 17.48 28.92
C GLU F 72 6.49 18.28 30.10
N HIS F 73 6.18 17.60 31.19
CA HIS F 73 5.74 18.25 32.40
C HIS F 73 6.82 19.05 33.05
N ASN F 74 7.96 18.41 33.31
CA ASN F 74 9.08 19.07 34.01
C ASN F 74 9.92 19.92 33.03
N GLY F 75 9.63 19.82 31.73
CA GLY F 75 10.13 20.75 30.72
C GLY F 75 9.43 22.10 30.82
N LEU F 76 8.11 22.11 30.71
CA LEU F 76 7.30 23.30 30.95
C LEU F 76 7.52 23.98 32.32
N MET F 77 7.41 23.24 33.42
CA MET F 77 7.53 23.88 34.73
C MET F 77 8.94 24.43 34.90
N GLY F 78 9.91 23.72 34.33
CA GLY F 78 11.27 24.23 34.28
C GLY F 78 11.30 25.59 33.63
N TYR F 79 10.64 25.74 32.48
CA TYR F 79 10.74 26.99 31.76
C TYR F 79 10.01 28.08 32.52
N VAL F 80 8.86 27.74 33.06
CA VAL F 80 8.08 28.65 33.85
C VAL F 80 8.87 29.15 35.03
N LEU F 81 9.46 28.27 35.81
CA LEU F 81 10.16 28.74 36.98
C LEU F 81 11.34 29.63 36.62
N ALA F 82 12.03 29.34 35.52
CA ALA F 82 13.26 30.06 35.18
C ALA F 82 12.96 31.52 34.90
N GLU F 83 11.89 31.76 34.18
CA GLU F 83 11.54 33.12 33.88
C GLU F 83 10.85 33.90 35.00
N LEU F 84 10.69 33.27 36.16
CA LEU F 84 10.17 33.93 37.34
C LEU F 84 11.32 34.20 38.29
N GLY F 85 12.51 33.81 37.88
CA GLY F 85 13.73 34.07 38.63
C GLY F 85 14.34 32.89 39.32
N TYR F 86 13.68 31.76 39.25
CA TYR F 86 14.19 30.58 39.91
C TYR F 86 15.39 30.10 39.10
N ARG F 87 16.37 29.50 39.76
CA ARG F 87 17.48 28.83 39.08
C ARG F 87 17.20 27.31 38.97
N VAL F 88 16.96 26.83 37.75
CA VAL F 88 16.52 25.47 37.55
C VAL F 88 17.57 24.60 36.90
N ARG F 89 17.95 23.54 37.61
CA ARG F 89 18.78 22.45 37.12
C ARG F 89 17.90 21.23 36.84
N ARG F 90 18.03 20.68 35.64
CA ARG F 90 17.25 19.52 35.27
C ARG F 90 18.06 18.23 35.55
N PHE F 91 17.44 17.31 36.27
CA PHE F 91 18.09 16.07 36.65
C PHE F 91 17.42 14.92 35.91
N ALA F 92 18.11 13.80 35.81
CA ALA F 92 17.52 12.59 35.26
C ALA F 92 17.45 11.49 36.32
N ALA F 93 16.53 10.54 36.18
CA ALA F 93 16.30 9.51 37.19
C ALA F 93 15.88 8.18 36.57
N ARG F 94 16.18 7.08 37.26
CA ARG F 94 15.75 5.74 36.88
C ARG F 94 14.55 5.31 37.71
N VAL F 95 13.45 4.90 37.06
CA VAL F 95 12.25 4.63 37.85
C VAL F 95 12.35 3.23 38.43
N VAL F 96 12.11 3.10 39.73
CA VAL F 96 12.22 1.79 40.36
C VAL F 96 10.97 1.29 41.08
N TRP F 97 9.92 2.11 41.07
CA TRP F 97 8.70 1.79 41.77
C TRP F 97 8.15 0.44 41.41
N LYS F 98 7.73 -0.31 42.43
CA LYS F 98 7.14 -1.62 42.28
C LYS F 98 7.88 -2.44 41.23
N LEU F 99 9.19 -2.43 41.34
CA LEU F 99 10.03 -3.21 40.46
C LEU F 99 10.63 -4.34 41.30
N ALA F 100 10.66 -5.56 40.76
CA ALA F 100 11.21 -6.71 41.48
C ALA F 100 12.55 -6.36 42.19
N PRO F 101 12.83 -7.02 43.33
CA PRO F 101 14.08 -6.90 44.12
C PRO F 101 15.39 -7.17 43.37
N ASP F 102 15.34 -7.92 42.28
CA ASP F 102 16.52 -8.31 41.53
C ASP F 102 16.58 -7.73 40.11
N ALA F 103 15.79 -6.72 39.80
CA ALA F 103 15.62 -6.27 38.42
C ALA F 103 16.86 -5.57 37.89
N PRO F 104 17.10 -5.72 36.57
CA PRO F 104 18.20 -5.00 35.91
C PRO F 104 18.01 -3.51 36.09
N LEU F 105 19.09 -2.78 36.02
CA LEU F 105 19.04 -1.35 36.16
C LEU F 105 18.11 -0.75 35.08
N PRO F 106 17.20 0.17 35.48
CA PRO F 106 16.31 0.74 34.49
C PRO F 106 17.02 1.84 33.71
N PRO F 107 16.50 2.23 32.55
CA PRO F 107 17.04 3.41 31.86
C PRO F 107 16.72 4.70 32.61
N GLN F 108 17.50 5.75 32.37
CA GLN F 108 17.21 7.07 32.93
C GLN F 108 16.19 7.77 32.11
N THR F 109 14.96 7.28 32.18
CA THR F 109 13.84 7.83 31.42
C THR F 109 12.82 8.54 32.32
N HIS F 110 13.25 8.99 33.50
CA HIS F 110 12.53 10.02 34.23
C HIS F 110 13.37 11.30 34.36
N THR F 111 12.68 12.42 34.58
CA THR F 111 13.35 13.69 34.79
C THR F 111 12.65 14.44 35.95
N LEU F 112 13.43 15.21 36.69
CA LEU F 112 12.94 15.99 37.82
C LEU F 112 13.79 17.31 37.83
N LEU F 113 13.42 18.28 38.64
CA LEU F 113 14.09 19.58 38.71
C LEU F 113 14.66 19.80 40.07
N GLY F 114 15.82 20.43 40.11
CA GLY F 114 16.40 20.92 41.35
C GLY F 114 16.40 22.43 41.29
N VAL F 115 15.70 23.06 42.23
CA VAL F 115 15.31 24.47 42.13
C VAL F 115 15.82 25.26 43.33
N THR F 116 16.43 26.43 43.07
CA THR F 116 16.72 27.40 44.12
C THR F 116 16.08 28.73 43.81
N PHE F 117 16.15 29.62 44.79
CA PHE F 117 15.61 30.96 44.64
C PHE F 117 16.22 31.77 45.77
N PRO F 118 16.02 33.09 45.76
CA PRO F 118 16.59 34.00 46.77
C PRO F 118 16.26 33.66 48.20
N GLY F 119 17.28 33.56 49.06
CA GLY F 119 17.05 33.21 50.44
C GLY F 119 16.56 31.79 50.68
N SER F 120 16.46 30.95 49.65
CA SER F 120 16.11 29.56 49.88
C SER F 120 17.23 29.02 50.73
N GLY F 121 16.95 28.01 51.55
CA GLY F 121 17.98 27.51 52.44
C GLY F 121 18.94 26.59 51.72
N GLY F 122 18.75 26.48 50.40
CA GLY F 122 19.38 25.44 49.63
C GLY F 122 18.47 25.06 48.49
N CYS F 123 18.67 23.86 47.99
CA CYS F 123 17.98 23.37 46.79
C CYS F 123 16.64 22.70 47.11
N TYR F 124 15.64 22.92 46.24
CA TYR F 124 14.39 22.16 46.29
C TYR F 124 14.20 21.23 45.10
N LEU F 125 13.78 20.02 45.40
CA LEU F 125 13.31 19.07 44.41
C LEU F 125 11.88 19.45 43.94
N VAL F 126 11.65 19.47 42.63
CA VAL F 126 10.30 19.68 42.10
C VAL F 126 10.01 18.68 40.99
N ASP F 127 8.86 18.03 41.08
CA ASP F 127 8.49 16.97 40.15
C ASP F 127 6.98 16.92 40.00
N VAL F 128 6.51 17.27 38.81
CA VAL F 128 5.10 17.24 38.49
C VAL F 128 4.93 16.37 37.26
N GLY F 129 5.88 15.47 37.02
CA GLY F 129 5.83 14.62 35.86
C GLY F 129 5.92 13.12 36.06
N PHE F 130 5.85 12.66 37.31
CA PHE F 130 5.97 11.25 37.57
C PHE F 130 4.59 10.56 37.48
N GLY F 131 3.52 11.35 37.36
CA GLY F 131 2.20 10.79 37.29
C GLY F 131 1.41 10.86 38.58
N GLY F 132 0.54 9.89 38.80
CA GLY F 132 -0.39 9.90 39.92
C GLY F 132 0.21 9.94 41.31
N GLN F 133 1.41 9.39 41.48
CA GLN F 133 2.14 9.47 42.74
C GLN F 133 3.24 10.56 42.79
N THR F 134 3.14 11.61 42.00
CA THR F 134 4.17 12.63 41.95
C THR F 134 4.09 13.46 43.22
N PRO F 135 5.24 13.98 43.73
CA PRO F 135 5.14 14.81 44.93
C PRO F 135 4.43 16.13 44.69
N THR F 136 3.58 16.53 45.62
CA THR F 136 2.70 17.70 45.42
C THR F 136 3.16 18.90 46.25
N SER F 137 4.34 18.79 46.87
CA SER F 137 4.99 19.88 47.58
C SER F 137 6.47 19.91 47.14
N PRO F 138 7.08 21.10 47.10
CA PRO F 138 8.52 21.12 46.89
C PRO F 138 9.22 20.47 48.06
N LEU F 139 10.24 19.67 47.81
CA LEU F 139 10.98 19.02 48.88
C LEU F 139 12.41 19.55 48.97
N ARG F 140 12.95 19.66 50.19
CA ARG F 140 14.36 19.96 50.40
C ARG F 140 15.27 18.79 50.11
N LEU F 141 16.28 19.04 49.30
CA LEU F 141 17.34 18.06 49.10
C LEU F 141 18.15 17.90 50.36
N GLU F 142 17.75 16.93 51.17
CA GLU F 142 18.46 16.57 52.40
C GLU F 142 17.93 15.18 52.69
N THR F 143 18.75 14.32 53.28
CA THR F 143 18.27 12.98 53.59
C THR F 143 17.79 12.84 55.04
N GLY F 144 17.19 11.68 55.36
CA GLY F 144 16.68 11.42 56.69
C GLY F 144 15.32 12.04 57.03
N ALA F 145 15.22 13.34 56.77
CA ALA F 145 14.10 14.15 57.25
C ALA F 145 12.79 13.79 56.59
N VAL F 146 11.86 13.19 57.32
CA VAL F 146 10.53 12.98 56.78
C VAL F 146 9.92 14.34 56.49
N GLN F 147 9.36 14.49 55.29
CA GLN F 147 8.88 15.78 54.85
C GLN F 147 7.40 15.74 54.52
N PRO F 148 6.59 16.49 55.28
CA PRO F 148 5.17 16.50 54.96
C PRO F 148 4.92 17.17 53.61
N THR F 149 3.88 16.80 52.86
CA THR F 149 3.49 17.52 51.66
C THR F 149 2.03 17.85 51.82
N THR F 150 1.38 18.42 50.81
CA THR F 150 -0.04 18.67 50.92
C THR F 150 -0.88 17.36 50.98
N HIS F 151 -0.22 16.24 50.70
CA HIS F 151 -0.84 14.94 50.75
C HIS F 151 -0.03 14.14 51.78
N GLU F 152 0.72 13.17 51.30
CA GLU F 152 1.41 12.20 52.16
C GLU F 152 2.88 12.61 52.37
N PRO F 153 3.53 12.08 53.43
CA PRO F 153 4.95 12.39 53.64
C PRO F 153 5.93 11.70 52.67
N TYR F 154 6.99 12.42 52.32
CA TYR F 154 8.02 11.95 51.41
C TYR F 154 9.35 12.12 52.03
N ARG F 155 10.37 11.51 51.43
CA ARG F 155 11.67 11.50 52.03
C ARG F 155 12.75 11.10 51.04
N LEU F 156 13.96 11.60 51.19
CA LEU F 156 15.12 11.17 50.39
C LEU F 156 16.11 10.44 51.24
N GLU F 157 16.67 9.36 50.72
CA GLU F 157 17.71 8.63 51.42
C GLU F 157 18.98 8.67 50.57
N ASP F 158 20.13 8.74 51.25
CA ASP F 158 21.43 8.70 50.63
C ASP F 158 21.59 7.43 49.80
N ARG F 159 22.37 7.53 48.74
CA ARG F 159 22.74 6.34 47.97
C ARG F 159 24.23 6.43 47.62
N VAL F 160 24.78 5.31 47.17
CA VAL F 160 26.19 5.28 46.78
C VAL F 160 26.44 6.35 45.74
N GLY F 162 24.41 9.32 44.60
CA GLY F 162 23.03 9.05 44.27
C GLY F 162 22.07 9.28 45.41
N PHE F 163 20.78 9.22 45.08
CA PHE F 163 19.68 9.51 45.97
C PHE F 163 18.52 8.64 45.56
N VAL F 164 17.60 8.37 46.47
CA VAL F 164 16.30 7.82 46.09
C VAL F 164 15.24 8.72 46.68
N LEU F 165 14.14 8.92 45.98
CA LEU F 165 12.96 9.54 46.56
C LEU F 165 11.99 8.46 47.01
N GLN F 166 11.41 8.62 48.20
CA GLN F 166 10.45 7.69 48.74
C GLN F 166 9.20 8.42 49.18
N ALA F 167 8.10 7.70 49.24
CA ALA F 167 6.80 8.27 49.62
C ALA F 167 6.10 7.32 50.57
N MET F 168 5.53 7.84 51.66
CA MET F 168 4.74 6.98 52.55
C MET F 168 3.36 6.77 51.94
N VAL F 169 3.16 5.61 51.32
CA VAL F 169 1.88 5.26 50.73
C VAL F 169 1.35 4.04 51.46
N ARG F 170 0.16 4.17 52.05
CA ARG F 170 -0.49 3.08 52.77
C ARG F 170 0.38 2.56 53.90
N ASP F 171 0.90 3.47 54.70
CA ASP F 171 1.66 3.10 55.89
C ASP F 171 2.94 2.33 55.61
N THR F 172 3.46 2.45 54.40
CA THR F 172 4.79 1.93 54.15
C THR F 172 5.55 2.87 53.24
N TRP F 173 6.87 2.85 53.39
CA TRP F 173 7.76 3.68 52.62
C TRP F 173 8.15 2.95 51.33
N GLN F 174 7.78 3.55 50.21
CA GLN F 174 7.98 2.96 48.89
C GLN F 174 8.93 3.85 48.11
N THR F 175 9.90 3.24 47.43
CA THR F 175 10.91 3.95 46.67
C THR F 175 10.42 4.13 45.28
N LEU F 176 10.33 5.38 44.83
CA LEU F 176 9.79 5.75 43.52
C LEU F 176 10.84 5.69 42.41
N TYR F 177 11.97 6.33 42.68
CA TYR F 177 13.04 6.45 41.72
C TYR F 177 14.34 6.89 42.38
N GLU F 178 15.44 6.63 41.67
CA GLU F 178 16.77 7.00 42.13
C GLU F 178 17.35 8.02 41.18
N PHE F 179 18.24 8.90 41.68
CA PHE F 179 18.80 9.97 40.86
C PHE F 179 20.09 10.56 41.40
N THR F 180 20.79 11.32 40.58
CA THR F 180 21.91 12.10 41.04
C THR F 180 21.63 13.55 40.72
N THR F 181 22.45 14.43 41.25
CA THR F 181 22.20 15.86 41.10
C THR F 181 22.97 16.47 39.90
N GLN F 182 23.49 15.61 39.03
CA GLN F 182 24.13 16.08 37.80
C GLN F 182 23.14 16.87 36.94
N THR F 183 23.54 18.05 36.50
CA THR F 183 22.66 18.85 35.68
C THR F 183 22.73 18.23 34.31
N ARG F 184 21.58 17.92 33.71
CA ARG F 184 21.54 17.32 32.37
C ARG F 184 21.16 18.37 31.30
N PRO F 185 21.91 18.39 30.18
CA PRO F 185 21.64 19.26 29.03
C PRO F 185 20.45 18.78 28.25
N GLN F 186 19.83 19.71 27.53
CA GLN F 186 18.56 19.43 26.89
C GLN F 186 18.71 18.21 25.99
N ILE F 187 19.80 18.17 25.25
CA ILE F 187 20.01 17.14 24.26
C ILE F 187 19.93 15.75 24.89
N ASP F 188 20.38 15.61 26.14
CA ASP F 188 20.40 14.32 26.82
C ASP F 188 18.99 13.91 27.26
N LEU F 189 18.17 14.89 27.65
CA LEU F 189 16.74 14.68 27.92
C LEU F 189 16.00 14.28 26.65
N LYS F 190 16.37 14.89 25.53
CA LYS F 190 15.77 14.51 24.27
C LYS F 190 16.10 13.06 23.87
N VAL F 191 17.36 12.64 24.04
CA VAL F 191 17.75 11.26 23.80
C VAL F 191 16.92 10.25 24.63
N ALA F 192 16.82 10.50 25.93
CA ALA F 192 16.05 9.70 26.88
C ALA F 192 14.56 9.69 26.53
N SER F 193 14.03 10.86 26.27
CA SER F 193 12.66 10.96 25.81
C SER F 193 12.37 10.19 24.51
N TRP F 194 13.25 10.31 23.53
CA TRP F 194 13.12 9.58 22.29
C TRP F 194 12.91 8.09 22.59
N TYR F 195 13.74 7.55 23.47
CA TYR F 195 13.63 6.17 23.91
C TYR F 195 12.31 5.93 24.63
N ALA F 196 11.98 6.77 25.61
CA ALA F 196 10.77 6.56 26.41
C ALA F 196 9.48 6.59 25.55
N SER F 197 9.52 7.27 24.42
CA SER F 197 8.34 7.48 23.59
C SER F 197 8.38 6.69 22.31
N THR F 198 9.42 5.88 22.11
CA THR F 198 9.58 5.14 20.85
C THR F 198 10.05 3.69 20.96
N HIS F 199 10.78 3.31 21.99
CA HIS F 199 11.19 1.93 22.03
C HIS F 199 10.01 0.99 22.44
N PRO F 200 9.77 -0.08 21.65
CA PRO F 200 8.57 -0.91 21.78
C PRO F 200 8.40 -1.67 23.10
N ALA F 201 9.34 -1.51 23.99
CA ALA F 201 9.28 -2.14 25.28
C ALA F 201 8.98 -1.12 26.39
N SER F 202 9.13 0.17 26.09
CA SER F 202 8.85 1.22 27.04
C SER F 202 7.38 1.11 27.43
N LYS F 203 7.07 1.28 28.70
CA LYS F 203 5.69 1.17 29.12
C LYS F 203 4.80 2.27 28.53
N PHE F 204 5.40 3.34 27.98
CA PHE F 204 4.60 4.45 27.42
C PHE F 204 4.21 4.22 25.99
N VAL F 205 4.70 3.13 25.43
CA VAL F 205 4.34 2.80 24.08
C VAL F 205 3.35 1.67 24.18
N THR F 206 3.51 0.83 25.20
CA THR F 206 2.76 -0.43 25.31
C THR F 206 1.37 -0.30 25.91
N GLY F 207 1.18 0.65 26.84
CA GLY F 207 -0.06 0.76 27.57
C GLY F 207 -0.48 2.20 27.83
N LEU F 208 -1.75 2.36 28.18
CA LEU F 208 -2.33 3.65 28.50
C LEU F 208 -2.12 3.97 29.98
N THR F 209 -1.70 5.19 30.27
CA THR F 209 -1.59 5.62 31.63
C THR F 209 -1.93 7.11 31.71
N ALA F 210 -2.83 7.48 32.62
CA ALA F 210 -3.15 8.89 32.85
C ALA F 210 -3.34 9.20 34.34
N ALA F 211 -3.20 10.48 34.69
CA ALA F 211 -3.23 10.84 36.10
C ALA F 211 -3.41 12.34 36.34
N VAL F 212 -3.99 12.68 37.49
CA VAL F 212 -4.22 14.07 37.84
C VAL F 212 -4.44 14.06 39.34
N ILE F 213 -4.12 15.17 40.00
CA ILE F 213 -4.10 15.21 41.46
C ILE F 213 -4.99 16.34 41.92
N THR F 214 -5.99 15.98 42.73
CA THR F 214 -6.82 16.97 43.39
C THR F 214 -6.29 17.21 44.80
N ASP F 215 -6.96 18.10 45.54
CA ASP F 215 -6.60 18.35 46.93
C ASP F 215 -6.95 17.17 47.79
N ASP F 216 -7.93 16.42 47.32
CA ASP F 216 -8.49 15.31 48.05
C ASP F 216 -7.83 13.98 47.63
N ALA F 217 -7.49 13.85 46.36
CA ALA F 217 -7.23 12.54 45.79
C ALA F 217 -6.19 12.51 44.67
N ARG F 218 -5.67 11.32 44.41
CA ARG F 218 -4.81 11.07 43.28
C ARG F 218 -5.62 10.19 42.40
N TRP F 219 -5.76 10.57 41.14
CA TRP F 219 -6.50 9.80 40.15
C TRP F 219 -5.57 9.11 39.17
N ASN F 220 -5.87 7.85 38.87
CA ASN F 220 -5.00 7.02 38.05
C ASN F 220 -5.80 6.14 37.10
N LEU F 221 -5.47 6.22 35.82
CA LEU F 221 -6.02 5.34 34.83
C LEU F 221 -4.91 4.51 34.26
N SER F 222 -5.03 3.19 34.36
CA SER F 222 -4.12 2.29 33.72
C SER F 222 -4.91 1.36 32.82
N GLY F 223 -4.81 1.61 31.53
CA GLY F 223 -5.64 0.91 30.57
C GLY F 223 -7.10 1.07 30.88
N ARG F 224 -7.79 -0.04 31.18
CA ARG F 224 -9.22 0.01 31.51
C ARG F 224 -9.41 0.48 32.95
N ASP F 225 -8.40 0.32 33.78
CA ASP F 225 -8.64 0.41 35.23
C ASP F 225 -8.39 1.77 35.79
N LEU F 226 -9.46 2.37 36.31
CA LEU F 226 -9.39 3.68 36.95
C LEU F 226 -9.26 3.42 38.43
N ALA F 227 -8.72 4.40 39.14
CA ALA F 227 -8.55 4.30 40.57
C ALA F 227 -8.41 5.69 41.16
N VAL F 228 -9.18 5.97 42.20
CA VAL F 228 -9.08 7.23 42.90
C VAL F 228 -8.65 6.93 44.34
N HIS F 229 -7.41 7.25 44.66
CA HIS F 229 -6.85 7.06 45.99
C HIS F 229 -7.15 8.29 46.81
N ARG F 230 -8.02 8.16 47.82
CA ARG F 230 -8.29 9.24 48.75
C ARG F 230 -7.78 8.82 50.13
N ALA F 231 -7.94 9.69 51.12
CA ALA F 231 -7.62 9.35 52.52
C ALA F 231 -8.13 7.98 52.97
N GLY F 232 -9.46 7.80 52.88
CA GLY F 232 -10.12 6.60 53.33
C GLY F 232 -9.62 5.34 52.66
N GLY F 233 -9.83 5.25 51.36
CA GLY F 233 -9.29 4.18 50.55
C GLY F 233 -9.35 4.51 49.08
N THR F 234 -9.40 3.47 48.25
CA THR F 234 -9.28 3.59 46.81
C THR F 234 -10.48 3.04 46.05
N GLU F 235 -11.01 3.86 45.16
CA GLU F 235 -12.22 3.60 44.44
C GLU F 235 -11.92 3.08 43.04
N LYS F 236 -11.76 1.77 42.92
CA LYS F 236 -11.44 1.17 41.63
C LYS F 236 -12.67 0.95 40.81
N ILE F 237 -12.66 1.42 39.58
CA ILE F 237 -13.75 1.15 38.65
C ILE F 237 -13.14 0.53 37.42
N ARG F 238 -13.78 -0.49 36.88
CA ARG F 238 -13.32 -1.09 35.65
C ARG F 238 -14.13 -0.54 34.54
N LEU F 239 -13.49 0.18 33.65
CA LEU F 239 -14.21 0.79 32.56
C LEU F 239 -14.71 -0.32 31.68
N ALA F 240 -15.80 -0.03 30.99
CA ALA F 240 -16.57 -1.04 30.29
C ALA F 240 -16.10 -1.18 28.84
N ASP F 241 -15.88 -0.05 28.18
CA ASP F 241 -15.62 -0.02 26.74
C ASP F 241 -14.67 1.09 26.36
N ALA F 242 -14.12 1.00 25.17
CA ALA F 242 -13.12 1.94 24.69
C ALA F 242 -13.71 3.33 24.50
N ALA F 243 -15.03 3.45 24.66
CA ALA F 243 -15.67 4.74 24.46
C ALA F 243 -15.66 5.52 25.77
N ALA F 244 -15.71 4.80 26.88
CA ALA F 244 -15.80 5.43 28.17
C ALA F 244 -14.43 5.91 28.57
N VAL F 245 -13.39 5.11 28.29
CA VAL F 245 -12.01 5.55 28.52
C VAL F 245 -11.81 6.94 27.98
N VAL F 246 -12.39 7.20 26.81
CA VAL F 246 -12.19 8.46 26.12
C VAL F 246 -12.94 9.61 26.79
N ASP F 247 -14.14 9.31 27.28
CA ASP F 247 -14.90 10.27 28.05
C ASP F 247 -14.38 10.35 29.48
N THR F 248 -13.75 9.29 29.95
CA THR F 248 -12.96 9.43 31.18
C THR F 248 -11.83 10.40 30.90
N LEU F 249 -11.09 10.17 29.83
CA LEU F 249 -9.95 11.02 29.52
C LEU F 249 -10.32 12.48 29.35
N SER F 250 -11.44 12.74 28.69
CA SER F 250 -11.84 14.10 28.43
C SER F 250 -12.41 14.82 29.66
N GLU F 251 -13.21 14.15 30.48
CA GLU F 251 -13.96 14.84 31.52
C GLU F 251 -13.41 14.62 32.91
N ARG F 252 -12.83 13.46 33.14
CA ARG F 252 -12.03 13.28 34.34
C ARG F 252 -10.61 13.87 34.24
N PHE F 253 -9.94 13.74 33.11
CA PHE F 253 -8.56 14.14 33.04
C PHE F 253 -8.36 15.46 32.29
N GLY F 254 -9.45 16.05 31.81
CA GLY F 254 -9.41 17.38 31.24
C GLY F 254 -8.64 17.40 29.94
N ILE F 255 -8.72 16.32 29.16
CA ILE F 255 -7.90 16.14 27.98
C ILE F 255 -8.71 16.53 26.76
N ASN F 256 -8.18 17.45 25.99
CA ASN F 256 -8.74 17.78 24.70
C ASN F 256 -8.43 16.67 23.73
N VAL F 257 -9.30 15.67 23.70
CA VAL F 257 -9.14 14.51 22.85
C VAL F 257 -9.30 14.81 21.36
N ALA F 258 -9.94 15.92 21.04
CA ALA F 258 -10.19 16.29 19.64
C ALA F 258 -8.89 16.60 18.92
N ASP F 259 -7.92 17.09 19.69
CA ASP F 259 -6.60 17.39 19.21
C ASP F 259 -5.86 16.16 18.65
N ILE F 260 -6.51 15.00 18.69
CA ILE F 260 -5.89 13.76 18.24
C ILE F 260 -6.38 13.23 16.88
N GLY F 261 -7.69 13.22 16.66
CA GLY F 261 -8.28 12.69 15.44
C GLY F 261 -9.77 12.90 15.54
N GLU F 262 -10.57 12.16 14.76
CA GLU F 262 -12.03 12.37 14.77
C GLU F 262 -12.70 11.79 16.01
N ARG F 263 -14.00 11.97 16.11
CA ARG F 263 -14.75 11.54 17.29
C ARG F 263 -14.55 10.04 17.50
N GLY F 264 -15.14 9.24 16.61
CA GLY F 264 -15.03 7.80 16.65
C GLY F 264 -13.75 7.28 15.98
N ALA F 265 -12.68 8.05 16.12
CA ALA F 265 -11.45 7.72 15.46
C ALA F 265 -10.62 6.91 16.42
N LEU F 266 -10.36 7.53 17.55
CA LEU F 266 -9.38 7.06 18.49
C LEU F 266 -9.84 5.80 19.17
N GLU F 267 -11.11 5.81 19.56
CA GLU F 267 -11.61 4.84 20.52
C GLU F 267 -11.60 3.43 19.98
N THR F 268 -11.39 3.28 18.68
CA THR F 268 -11.26 1.95 18.11
C THR F 268 -9.82 1.52 18.25
N ARG F 269 -8.91 2.48 18.05
CA ARG F 269 -7.48 2.27 18.27
C ARG F 269 -7.28 1.80 19.71
N ILE F 270 -8.10 2.34 20.60
CA ILE F 270 -8.08 2.02 22.03
C ILE F 270 -8.59 0.62 22.30
N ASP F 271 -9.62 0.24 21.55
CA ASP F 271 -10.24 -1.05 21.72
C ASP F 271 -9.22 -2.11 21.37
N GLU F 272 -8.35 -1.79 20.41
CA GLU F 272 -7.36 -2.73 19.94
C GLU F 272 -6.40 -3.02 21.06
N LEU F 273 -6.08 -2.01 21.83
CA LEU F 273 -5.21 -2.19 22.97
C LEU F 273 -5.80 -3.18 23.94
N LEU F 274 -7.01 -2.89 24.38
CA LEU F 274 -7.69 -3.73 25.36
C LEU F 274 -7.77 -5.18 24.90
N LEU G 3 -7.55 7.89 -0.40
CA LEU G 3 -7.20 6.75 0.44
C LEU G 3 -6.34 5.70 -0.21
N ASP G 4 -6.59 5.32 -1.45
CA ASP G 4 -5.68 4.34 -2.07
C ASP G 4 -4.34 5.01 -2.45
N LEU G 5 -3.34 4.85 -1.59
CA LEU G 5 -2.05 5.45 -1.83
C LEU G 5 -1.37 4.97 -3.11
N THR G 6 -1.51 3.70 -3.43
CA THR G 6 -0.92 3.13 -4.63
C THR G 6 -1.47 3.75 -5.91
N ALA G 7 -2.75 4.05 -5.95
CA ALA G 7 -3.31 4.69 -7.13
C ALA G 7 -2.92 6.17 -7.28
N TYR G 8 -2.65 6.81 -6.16
CA TYR G 8 -2.22 8.19 -6.13
C TYR G 8 -0.78 8.29 -6.55
N PHE G 9 0.05 7.39 -6.02
CA PHE G 9 1.43 7.30 -6.45
C PHE G 9 1.60 7.03 -7.95
N ASP G 10 0.78 6.15 -8.51
CA ASP G 10 0.86 5.86 -9.91
C ASP G 10 0.33 7.01 -10.75
N ARG G 11 -0.65 7.74 -10.23
CA ARG G 11 -1.13 8.93 -10.90
C ARG G 11 0.02 9.91 -11.08
N ILE G 12 0.76 10.17 -10.00
CA ILE G 12 1.86 11.13 -10.03
C ILE G 12 3.24 10.51 -10.34
N ASN G 13 3.23 9.22 -10.65
CA ASN G 13 4.45 8.45 -10.88
C ASN G 13 5.53 8.61 -9.79
N TYR G 14 5.12 8.48 -8.54
CA TYR G 14 6.02 8.58 -7.41
C TYR G 14 6.62 7.21 -7.14
N ARG G 15 7.95 7.14 -7.20
CA ARG G 15 8.71 5.92 -7.09
C ARG G 15 9.79 6.13 -6.03
N GLY G 16 9.39 6.06 -4.76
CA GLY G 16 10.34 6.27 -3.70
C GLY G 16 9.85 5.67 -2.40
N ALA G 17 10.47 6.10 -1.31
CA ALA G 17 10.09 5.65 0.01
C ALA G 17 8.82 6.38 0.48
N THR G 18 8.14 5.78 1.45
CA THR G 18 6.89 6.26 1.98
C THR G 18 6.94 6.58 3.48
N ASP G 19 8.14 6.65 4.07
CA ASP G 19 8.28 7.02 5.48
C ASP G 19 7.95 8.48 5.65
N PRO G 20 7.45 8.87 6.83
CA PRO G 20 7.12 10.30 7.02
C PRO G 20 8.34 11.16 7.44
N THR G 21 9.18 11.46 6.45
CA THR G 21 10.37 12.26 6.65
C THR G 21 10.28 13.56 5.86
N LEU G 22 11.22 14.46 6.09
CA LEU G 22 11.30 15.72 5.33
C LEU G 22 11.57 15.45 3.87
N ASP G 23 12.50 14.55 3.62
CA ASP G 23 12.87 14.17 2.29
C ASP G 23 11.71 13.60 1.47
N VAL G 24 10.90 12.76 2.09
CA VAL G 24 9.74 12.20 1.43
C VAL G 24 8.71 13.28 1.24
N LEU G 25 8.62 14.21 2.17
CA LEU G 25 7.65 15.26 2.05
C LEU G 25 8.07 16.20 0.94
N GLN G 26 9.36 16.46 0.81
CA GLN G 26 9.81 17.31 -0.30
C GLN G 26 9.54 16.66 -1.66
N ASP G 27 9.85 15.38 -1.80
CA ASP G 27 9.62 14.64 -3.06
C ASP G 27 8.14 14.54 -3.43
N LEU G 28 7.27 14.39 -2.45
CA LEU G 28 5.84 14.36 -2.77
C LEU G 28 5.33 15.70 -3.31
N VAL G 29 5.81 16.80 -2.72
CA VAL G 29 5.43 18.12 -3.12
C VAL G 29 5.86 18.29 -4.57
N THR G 30 7.12 17.98 -4.86
CA THR G 30 7.66 18.06 -6.21
C THR G 30 6.86 17.26 -7.26
N VAL G 31 6.61 16.00 -6.96
CA VAL G 31 5.99 15.11 -7.94
C VAL G 31 4.49 15.40 -8.12
N HIS G 32 3.82 15.78 -7.03
CA HIS G 32 2.42 16.13 -7.08
C HIS G 32 2.19 17.38 -7.94
N SER G 33 3.05 18.37 -7.72
CA SER G 33 2.89 19.68 -8.34
C SER G 33 3.19 19.60 -9.84
N ARG G 34 3.99 18.62 -10.20
CA ARG G 34 4.45 18.40 -11.55
C ARG G 34 3.37 17.76 -12.40
N THR G 35 2.50 16.96 -11.78
CA THR G 35 1.59 16.05 -12.51
C THR G 35 0.09 16.39 -12.41
N ILE G 36 -0.34 16.90 -11.25
CA ILE G 36 -1.72 17.28 -11.05
C ILE G 36 -1.79 18.81 -11.13
N PRO G 37 -2.48 19.34 -12.16
CA PRO G 37 -2.46 20.78 -12.40
C PRO G 37 -3.44 21.53 -11.52
N PHE G 38 -3.18 22.80 -11.32
CA PHE G 38 -4.19 23.70 -10.84
C PHE G 38 -5.17 23.92 -12.00
N GLU G 39 -6.45 23.95 -11.68
CA GLU G 39 -7.51 24.04 -12.66
C GLU G 39 -8.87 24.45 -12.00
N ASN G 40 -9.60 25.35 -12.64
CA ASN G 40 -10.93 25.70 -12.18
C ASN G 40 -12.03 25.42 -13.16
N LEU G 41 -11.97 24.33 -13.91
CA LEU G 41 -12.94 24.08 -14.96
C LEU G 41 -14.28 23.66 -14.43
N ASP G 42 -14.32 23.09 -13.23
CA ASP G 42 -15.61 22.80 -12.63
C ASP G 42 -16.31 24.12 -12.28
N PRO G 43 -15.73 24.94 -11.38
CA PRO G 43 -16.47 26.16 -11.04
C PRO G 43 -16.80 27.08 -12.22
N LEU G 44 -15.89 27.22 -13.18
CA LEU G 44 -16.12 28.06 -14.35
C LEU G 44 -17.29 27.61 -15.23
N LEU G 45 -17.52 26.30 -15.30
CA LEU G 45 -18.72 25.72 -15.95
C LEU G 45 -19.93 25.49 -15.00
N GLY G 46 -19.88 26.10 -13.82
CA GLY G 46 -21.02 26.08 -12.94
C GLY G 46 -21.22 24.81 -12.15
N VAL G 47 -20.17 24.03 -11.97
CA VAL G 47 -20.23 22.84 -11.11
C VAL G 47 -19.46 23.12 -9.83
N PRO G 48 -20.16 23.20 -8.70
CA PRO G 48 -19.44 23.54 -7.46
C PRO G 48 -18.48 22.47 -6.98
N VAL G 49 -17.58 22.89 -6.12
CA VAL G 49 -16.73 21.98 -5.42
C VAL G 49 -17.21 21.98 -3.99
N ASP G 50 -17.93 20.93 -3.64
CA ASP G 50 -18.65 20.85 -2.38
C ASP G 50 -18.34 19.55 -1.63
N ASP G 51 -17.84 18.54 -2.34
CA ASP G 51 -17.42 17.30 -1.69
C ASP G 51 -15.90 17.31 -1.59
N LEU G 52 -15.40 17.45 -0.36
CA LEU G 52 -13.96 17.48 -0.07
C LEU G 52 -13.50 16.20 0.65
N SER G 53 -14.21 15.10 0.44
CA SER G 53 -13.93 13.85 1.10
C SER G 53 -12.83 13.11 0.36
N PRO G 54 -12.18 12.17 1.06
CA PRO G 54 -11.06 11.49 0.38
C PRO G 54 -11.53 10.71 -0.84
N GLN G 55 -12.77 10.25 -0.82
CA GLN G 55 -13.38 9.52 -1.91
C GLN G 55 -13.64 10.39 -3.14
N ALA G 56 -14.23 11.56 -2.89
CA ALA G 56 -14.51 12.52 -3.95
C ALA G 56 -13.23 13.07 -4.60
N LEU G 57 -12.24 13.39 -3.80
CA LEU G 57 -11.02 14.04 -4.32
C LEU G 57 -10.14 13.01 -5.04
N ALA G 58 -10.14 11.78 -4.54
CA ALA G 58 -9.47 10.71 -5.23
C ALA G 58 -10.10 10.50 -6.60
N ASP G 59 -11.43 10.49 -6.65
CA ASP G 59 -12.14 10.25 -7.91
C ASP G 59 -11.77 11.26 -9.00
N LYS G 60 -11.79 12.53 -8.66
CA LYS G 60 -11.57 13.57 -9.64
C LYS G 60 -10.12 13.76 -10.01
N LEU G 61 -9.26 13.93 -9.00
CA LEU G 61 -7.84 14.24 -9.20
C LEU G 61 -6.92 13.05 -9.45
N VAL G 62 -7.36 11.87 -9.04
CA VAL G 62 -6.61 10.65 -9.31
C VAL G 62 -7.25 9.85 -10.40
N LEU G 63 -8.40 9.26 -10.15
CA LEU G 63 -8.98 8.36 -11.12
C LEU G 63 -9.35 9.05 -12.42
N ARG G 64 -9.94 10.24 -12.34
CA ARG G 64 -10.45 10.88 -13.55
C ARG G 64 -9.39 11.78 -14.16
N ARG G 65 -8.24 11.86 -13.51
CA ARG G 65 -7.11 12.60 -14.06
C ARG G 65 -7.46 14.04 -14.41
N ARG G 66 -8.21 14.70 -13.53
CA ARG G 66 -8.42 16.13 -13.62
C ARG G 66 -7.46 16.85 -12.68
N GLY G 67 -7.43 18.16 -12.79
CA GLY G 67 -6.78 18.99 -11.79
C GLY G 67 -7.83 19.50 -10.86
N GLY G 68 -7.42 20.38 -9.99
CA GLY G 68 -8.32 21.02 -9.05
C GLY G 68 -7.77 22.35 -8.58
N TYR G 69 -8.52 23.04 -7.73
CA TYR G 69 -8.04 24.26 -7.09
C TYR G 69 -7.64 23.95 -5.61
N CYS G 70 -7.51 24.94 -4.75
CA CYS G 70 -6.92 24.71 -3.40
C CYS G 70 -7.60 23.68 -2.45
N PHE G 71 -8.92 23.68 -2.32
CA PHE G 71 -9.55 22.75 -1.38
C PHE G 71 -9.41 21.29 -1.79
N GLU G 72 -9.17 21.04 -3.07
CA GLU G 72 -9.07 19.69 -3.65
C GLU G 72 -7.62 19.22 -3.62
N HIS G 73 -6.67 20.12 -3.94
CA HIS G 73 -5.23 19.80 -3.93
C HIS G 73 -4.69 19.55 -2.51
N ASN G 74 -4.99 20.47 -1.59
CA ASN G 74 -4.49 20.37 -0.24
C ASN G 74 -5.35 19.41 0.57
N GLY G 75 -6.58 19.17 0.12
CA GLY G 75 -7.42 18.08 0.61
C GLY G 75 -6.76 16.74 0.37
N LEU G 76 -6.43 16.49 -0.88
CA LEU G 76 -5.93 15.20 -1.33
C LEU G 76 -4.60 15.00 -0.70
N MET G 77 -3.83 16.09 -0.64
CA MET G 77 -2.48 16.04 -0.11
C MET G 77 -2.47 15.77 1.39
N GLY G 78 -3.33 16.47 2.12
CA GLY G 78 -3.48 16.22 3.54
C GLY G 78 -3.89 14.78 3.83
N TYR G 79 -4.83 14.22 3.07
CA TYR G 79 -5.25 12.84 3.23
C TYR G 79 -4.16 11.83 2.94
N VAL G 80 -3.35 12.11 1.92
CA VAL G 80 -2.22 11.27 1.62
C VAL G 80 -1.20 11.37 2.76
N LEU G 81 -0.87 12.59 3.17
CA LEU G 81 0.15 12.73 4.21
C LEU G 81 -0.30 12.14 5.55
N ALA G 82 -1.58 12.25 5.87
CA ALA G 82 -2.13 11.65 7.09
C ALA G 82 -2.05 10.12 7.09
N GLU G 83 -2.26 9.52 5.92
CA GLU G 83 -2.17 8.08 5.76
C GLU G 83 -0.73 7.57 5.85
N LEU G 84 0.26 8.41 5.56
CA LEU G 84 1.66 8.00 5.69
C LEU G 84 2.18 8.20 7.08
N GLY G 85 1.35 8.71 7.96
CA GLY G 85 1.79 9.00 9.31
C GLY G 85 2.33 10.39 9.58
N TYR G 86 2.22 11.33 8.63
CA TYR G 86 2.39 12.73 9.00
C TYR G 86 1.18 13.17 9.88
N ARG G 87 1.36 14.20 10.71
CA ARG G 87 0.26 14.78 11.45
C ARG G 87 -0.16 16.08 10.82
N VAL G 88 -1.37 16.10 10.30
CA VAL G 88 -1.80 17.16 9.38
C VAL G 88 -2.91 18.03 9.98
N ARG G 89 -2.66 19.34 10.05
CA ARG G 89 -3.64 20.35 10.46
C ARG G 89 -3.97 21.27 9.27
N ARG G 90 -5.25 21.50 9.06
CA ARG G 90 -5.70 22.32 7.95
C ARG G 90 -5.98 23.75 8.42
N PHE G 91 -5.43 24.70 7.69
CA PHE G 91 -5.55 26.11 8.03
C PHE G 91 -6.39 26.81 6.97
N ALA G 92 -6.97 27.94 7.35
CA ALA G 92 -7.69 28.79 6.41
C ALA G 92 -6.91 30.08 6.21
N ALA G 93 -6.94 30.58 4.99
CA ALA G 93 -6.14 31.74 4.64
C ALA G 93 -6.88 32.71 3.72
N ARG G 94 -6.42 33.95 3.72
CA ARG G 94 -6.92 34.97 2.82
C ARG G 94 -5.85 35.38 1.78
N VAL G 95 -6.27 35.46 0.53
CA VAL G 95 -5.37 35.84 -0.57
C VAL G 95 -5.33 37.38 -0.70
N VAL G 96 -4.14 37.93 -0.54
CA VAL G 96 -3.93 39.36 -0.70
C VAL G 96 -2.99 39.68 -1.88
N TRP G 97 -2.80 38.72 -2.79
CA TRP G 97 -1.78 38.85 -3.82
C TRP G 97 -2.19 39.75 -4.98
N LYS G 98 -1.27 40.62 -5.37
CA LYS G 98 -1.49 41.59 -6.45
C LYS G 98 -2.73 42.37 -6.20
N LEU G 99 -2.92 42.76 -4.95
CA LEU G 99 -4.17 43.33 -4.52
C LEU G 99 -3.92 44.73 -3.94
N ALA G 100 -4.85 45.66 -4.18
CA ALA G 100 -4.70 47.05 -3.75
C ALA G 100 -4.36 47.16 -2.25
N PRO G 101 -3.39 48.04 -1.90
CA PRO G 101 -2.92 48.23 -0.51
C PRO G 101 -3.91 48.88 0.44
N ASP G 102 -5.15 49.07 -0.01
CA ASP G 102 -6.16 49.67 0.82
C ASP G 102 -7.49 48.92 0.68
N ALA G 103 -7.41 47.78 -0.01
CA ALA G 103 -8.59 47.07 -0.48
C ALA G 103 -9.30 46.41 0.67
N PRO G 104 -10.56 45.98 0.44
CA PRO G 104 -11.35 45.39 1.51
C PRO G 104 -10.81 44.02 1.91
N LEU G 105 -11.08 43.58 3.14
CA LEU G 105 -10.59 42.28 3.64
C LEU G 105 -11.15 41.11 2.83
N PRO G 106 -10.28 40.30 2.20
CA PRO G 106 -10.79 39.22 1.36
C PRO G 106 -11.35 38.07 2.15
N PRO G 107 -12.08 37.18 1.50
CA PRO G 107 -12.62 36.05 2.26
C PRO G 107 -11.55 34.98 2.51
N GLN G 108 -11.80 34.06 3.45
CA GLN G 108 -10.93 32.89 3.68
C GLN G 108 -11.22 31.76 2.73
N THR G 109 -10.90 32.01 1.47
CA THR G 109 -11.16 31.12 0.40
C THR G 109 -9.87 30.38 -0.06
N HIS G 110 -8.77 30.51 0.71
CA HIS G 110 -7.59 29.66 0.55
C HIS G 110 -7.43 28.66 1.69
N THR G 111 -6.63 27.61 1.48
CA THR G 111 -6.35 26.63 2.52
C THR G 111 -5.01 26.04 2.26
N LEU G 112 -4.28 25.78 3.32
CA LEU G 112 -2.98 25.11 3.27
C LEU G 112 -2.84 24.11 4.46
N LEU G 113 -1.71 23.45 4.56
CA LEU G 113 -1.50 22.44 5.60
C LEU G 113 -0.35 22.81 6.55
N GLY G 114 -0.47 22.38 7.79
CA GLY G 114 0.63 22.42 8.74
C GLY G 114 0.97 20.99 9.14
N VAL G 115 2.18 20.57 8.83
CA VAL G 115 2.54 19.18 8.90
C VAL G 115 3.67 19.01 9.91
N THR G 116 3.52 18.03 10.79
CA THR G 116 4.60 17.57 11.65
C THR G 116 4.84 16.08 11.40
N PHE G 117 6.01 15.63 11.81
CA PHE G 117 6.42 14.24 11.63
C PHE G 117 7.53 13.92 12.65
N PRO G 118 7.88 12.64 12.79
CA PRO G 118 8.96 12.33 13.72
C PRO G 118 10.27 13.06 13.41
N GLY G 119 10.79 13.76 14.41
CA GLY G 119 12.04 14.47 14.28
C GLY G 119 11.95 15.77 13.51
N SER G 120 10.75 16.19 13.17
CA SER G 120 10.57 17.52 12.61
C SER G 120 10.93 18.51 13.69
N GLY G 121 11.55 19.60 13.32
CA GLY G 121 11.97 20.53 14.34
C GLY G 121 10.80 21.21 14.98
N GLY G 122 9.62 20.94 14.43
CA GLY G 122 8.44 21.73 14.70
C GLY G 122 7.52 21.49 13.54
N CYS G 123 6.87 22.56 13.08
CA CYS G 123 5.85 22.45 12.02
C CYS G 123 6.34 22.88 10.65
N TYR G 124 5.95 22.12 9.63
CA TYR G 124 6.28 22.45 8.26
C TYR G 124 5.02 22.86 7.51
N LEU G 125 5.08 24.01 6.85
CA LEU G 125 4.00 24.48 5.98
C LEU G 125 4.04 23.79 4.62
N VAL G 126 2.87 23.38 4.14
CA VAL G 126 2.76 22.71 2.86
C VAL G 126 1.53 23.22 2.13
N ASP G 127 1.73 23.72 0.91
CA ASP G 127 0.68 24.29 0.09
C ASP G 127 0.91 23.93 -1.38
N VAL G 128 0.16 22.95 -1.88
CA VAL G 128 0.22 22.53 -3.27
C VAL G 128 -1.03 23.00 -4.03
N GLY G 129 -1.70 24.05 -3.52
CA GLY G 129 -2.93 24.52 -4.11
C GLY G 129 -3.11 25.99 -4.40
N PHE G 130 -2.03 26.79 -4.32
CA PHE G 130 -2.09 28.21 -4.59
C PHE G 130 -1.95 28.59 -6.06
N GLY G 131 -1.53 27.66 -6.90
CA GLY G 131 -1.48 27.89 -8.34
C GLY G 131 -0.05 27.89 -8.85
N GLY G 132 0.19 28.59 -9.95
CA GLY G 132 1.53 28.69 -10.50
C GLY G 132 2.62 29.18 -9.56
N GLN G 133 2.26 30.02 -8.60
CA GLN G 133 3.20 30.57 -7.62
C GLN G 133 3.13 29.81 -6.25
N THR G 134 2.56 28.62 -6.23
CA THR G 134 2.42 27.85 -4.99
C THR G 134 3.83 27.42 -4.59
N PRO G 135 4.15 27.39 -3.28
CA PRO G 135 5.49 26.94 -2.86
C PRO G 135 5.86 25.50 -3.33
N THR G 136 7.15 25.26 -3.61
CA THR G 136 7.61 24.00 -4.18
C THR G 136 8.44 23.16 -3.17
N SER G 137 8.64 23.70 -1.97
CA SER G 137 9.41 23.02 -0.94
C SER G 137 8.69 23.25 0.37
N PRO G 138 8.61 22.22 1.21
CA PRO G 138 8.08 22.48 2.55
C PRO G 138 8.79 23.65 3.23
N LEU G 139 8.04 24.46 3.98
CA LEU G 139 8.62 25.58 4.67
C LEU G 139 8.48 25.43 6.16
N ARG G 140 9.62 25.39 6.85
CA ARG G 140 9.69 25.57 8.30
C ARG G 140 8.87 26.79 8.71
N LEU G 141 8.02 26.61 9.71
CA LEU G 141 7.13 27.68 10.14
C LEU G 141 7.82 28.61 11.14
N GLU G 142 8.78 29.38 10.63
CA GLU G 142 9.51 30.39 11.39
C GLU G 142 9.42 31.70 10.66
N THR G 143 9.27 32.78 11.42
CA THR G 143 9.14 34.10 10.87
C THR G 143 10.54 34.55 10.48
N GLY G 144 10.65 35.49 9.56
CA GLY G 144 11.92 36.15 9.28
C GLY G 144 12.93 35.40 8.44
N ALA G 145 13.10 34.10 8.70
CA ALA G 145 14.11 33.31 8.03
C ALA G 145 13.80 33.25 6.56
N VAL G 146 14.72 33.68 5.69
CA VAL G 146 14.50 33.52 4.25
C VAL G 146 14.79 32.07 3.90
N GLN G 147 13.85 31.41 3.27
CA GLN G 147 13.97 29.98 3.11
C GLN G 147 14.07 29.58 1.67
N PRO G 148 15.19 28.98 1.31
CA PRO G 148 15.34 28.58 -0.08
C PRO G 148 14.32 27.51 -0.47
N THR G 149 13.93 27.42 -1.74
CA THR G 149 13.07 26.35 -2.23
C THR G 149 13.74 25.80 -3.47
N THR G 150 13.10 24.81 -4.12
CA THR G 150 13.55 24.35 -5.43
C THR G 150 13.34 25.39 -6.54
N HIS G 151 12.51 26.39 -6.26
CA HIS G 151 12.41 27.54 -7.11
C HIS G 151 12.90 28.73 -6.31
N GLU G 152 12.17 29.83 -6.31
CA GLU G 152 12.61 31.02 -5.63
C GLU G 152 12.49 30.86 -4.10
N PRO G 153 13.14 31.74 -3.32
CA PRO G 153 13.01 31.69 -1.87
C PRO G 153 11.72 32.34 -1.37
N TYR G 154 11.24 31.83 -0.25
CA TYR G 154 10.06 32.32 0.41
C TYR G 154 10.39 32.70 1.84
N ARG G 155 9.45 33.38 2.49
CA ARG G 155 9.58 33.63 3.89
C ARG G 155 8.23 34.01 4.50
N LEU G 156 8.18 33.88 5.83
CA LEU G 156 6.97 34.16 6.61
C LEU G 156 7.25 35.32 7.51
N GLU G 157 6.24 36.14 7.74
CA GLU G 157 6.34 37.26 8.65
C GLU G 157 5.15 37.22 9.60
N ASP G 158 5.30 37.80 10.80
CA ASP G 158 4.22 37.76 11.80
C ASP G 158 3.24 38.97 11.77
N ARG G 159 2.32 38.96 10.81
CA ARG G 159 1.34 40.03 10.72
C ARG G 159 0.26 39.75 11.72
N VAL G 160 0.02 40.71 12.62
CA VAL G 160 -1.11 40.68 13.54
C VAL G 160 -1.19 39.30 14.23
N ASP G 161 -2.38 38.74 14.37
CA ASP G 161 -2.57 37.46 15.05
C ASP G 161 -2.03 36.26 14.26
N GLY G 162 -1.73 36.49 12.99
CA GLY G 162 -1.31 35.41 12.15
C GLY G 162 0.05 35.63 11.53
N PHE G 163 0.16 35.12 10.33
CA PHE G 163 1.35 35.19 9.54
C PHE G 163 1.02 35.71 8.16
N VAL G 164 2.04 36.11 7.42
CA VAL G 164 1.95 36.30 5.97
C VAL G 164 3.05 35.44 5.31
N LEU G 165 2.72 34.78 4.21
CA LEU G 165 3.68 34.08 3.39
C LEU G 165 4.07 34.90 2.18
N GLN G 166 5.37 35.16 2.08
CA GLN G 166 5.94 35.96 1.01
C GLN G 166 6.93 35.15 0.18
N ALA G 167 6.97 35.47 -1.10
CA ALA G 167 7.77 34.80 -2.10
C ALA G 167 8.68 35.85 -2.74
N MET G 168 9.86 35.43 -3.20
CA MET G 168 10.78 36.32 -3.89
C MET G 168 10.55 36.17 -5.37
N VAL G 169 9.73 37.07 -5.93
CA VAL G 169 9.41 37.06 -7.36
C VAL G 169 10.13 38.24 -8.00
N ARG G 170 10.94 37.95 -9.01
CA ARG G 170 11.90 38.91 -9.50
C ARG G 170 12.88 39.25 -8.38
N ASP G 171 12.92 40.52 -7.95
CA ASP G 171 13.76 40.92 -6.82
C ASP G 171 12.90 41.50 -5.74
N THR G 172 11.62 41.15 -5.76
CA THR G 172 10.70 41.71 -4.80
C THR G 172 9.96 40.66 -3.95
N TRP G 173 9.97 40.88 -2.64
CA TRP G 173 9.17 40.08 -1.75
C TRP G 173 7.74 40.50 -2.04
N GLN G 174 7.01 39.58 -2.63
CA GLN G 174 5.60 39.77 -2.85
C GLN G 174 4.78 38.97 -1.83
N THR G 175 3.85 39.62 -1.14
CA THR G 175 3.08 38.95 -0.09
C THR G 175 1.95 38.16 -0.70
N LEU G 176 1.94 36.86 -0.39
CA LEU G 176 1.01 35.95 -1.03
C LEU G 176 -0.35 35.86 -0.32
N TYR G 177 -0.37 35.54 0.95
CA TYR G 177 -1.63 35.40 1.68
C TYR G 177 -1.40 35.58 3.15
N GLU G 178 -2.49 35.85 3.88
CA GLU G 178 -2.46 35.88 5.35
C GLU G 178 -3.23 34.66 5.86
N PHE G 179 -2.81 34.12 7.01
CA PHE G 179 -3.46 32.96 7.65
C PHE G 179 -3.13 32.89 9.14
N THR G 180 -3.87 32.07 9.90
CA THR G 180 -3.55 31.77 11.29
C THR G 180 -3.44 30.27 11.40
N THR G 181 -2.78 29.80 12.45
CA THR G 181 -2.52 28.39 12.62
C THR G 181 -3.66 27.67 13.35
N GLN G 182 -4.85 28.25 13.32
CA GLN G 182 -6.00 27.64 13.93
C GLN G 182 -6.44 26.49 13.07
N THR G 183 -6.62 25.35 13.69
CA THR G 183 -7.04 24.15 12.98
C THR G 183 -8.49 24.27 12.56
N ARG G 184 -8.74 23.94 11.30
CA ARG G 184 -10.04 24.13 10.70
C ARG G 184 -10.73 22.78 10.43
N PRO G 185 -11.97 22.62 10.91
CA PRO G 185 -12.71 21.40 10.65
C PRO G 185 -13.16 21.33 9.22
N GLN G 186 -13.44 20.11 8.75
CA GLN G 186 -13.76 19.93 7.35
C GLN G 186 -14.98 20.74 6.91
N ILE G 187 -15.94 20.95 7.81
CA ILE G 187 -17.22 21.62 7.49
C ILE G 187 -16.99 23.11 7.18
N ASP G 188 -15.98 23.71 7.79
CA ASP G 188 -15.68 25.13 7.59
C ASP G 188 -14.91 25.33 6.29
N LEU G 189 -14.23 24.28 5.84
CA LEU G 189 -13.61 24.29 4.51
C LEU G 189 -14.67 24.11 3.42
N LYS G 190 -15.67 23.28 3.68
CA LYS G 190 -16.78 23.06 2.75
C LYS G 190 -17.53 24.37 2.51
N VAL G 191 -17.79 25.11 3.60
CA VAL G 191 -18.45 26.41 3.49
C VAL G 191 -17.68 27.36 2.61
N ALA G 192 -16.37 27.44 2.82
CA ALA G 192 -15.47 28.33 2.09
C ALA G 192 -15.34 27.97 0.62
N SER G 193 -15.14 26.69 0.31
CA SER G 193 -15.12 26.22 -1.07
C SER G 193 -16.41 26.46 -1.77
N TRP G 194 -17.51 26.24 -1.05
CA TRP G 194 -18.80 26.44 -1.64
C TRP G 194 -18.83 27.87 -2.20
N TYR G 195 -18.36 28.83 -1.39
CA TYR G 195 -18.32 30.24 -1.77
C TYR G 195 -17.35 30.46 -2.97
N ALA G 196 -16.16 29.90 -2.92
CA ALA G 196 -15.17 30.03 -4.00
C ALA G 196 -15.63 29.47 -5.32
N SER G 197 -16.41 28.39 -5.30
CA SER G 197 -16.77 27.68 -6.52
C SER G 197 -18.19 27.96 -6.94
N THR G 198 -18.86 28.91 -6.29
CA THR G 198 -20.23 29.27 -6.65
C THR G 198 -20.59 30.77 -6.58
N HIS G 199 -19.90 31.57 -5.77
CA HIS G 199 -20.29 32.98 -5.72
C HIS G 199 -19.82 33.71 -6.98
N PRO G 200 -20.72 34.51 -7.58
CA PRO G 200 -20.46 35.03 -8.92
C PRO G 200 -19.39 36.08 -8.97
N ALA G 201 -19.01 36.65 -7.85
CA ALA G 201 -17.92 37.58 -7.89
C ALA G 201 -16.56 36.81 -7.91
N SER G 202 -16.54 35.55 -7.48
CA SER G 202 -15.27 34.81 -7.32
C SER G 202 -14.51 34.69 -8.63
N LYS G 203 -13.18 34.72 -8.57
CA LYS G 203 -12.37 34.63 -9.77
C LYS G 203 -12.39 33.25 -10.39
N PHE G 204 -12.79 32.23 -9.63
CA PHE G 204 -12.82 30.86 -10.16
C PHE G 204 -14.07 30.51 -10.94
N VAL G 205 -15.08 31.36 -10.84
CA VAL G 205 -16.31 31.15 -11.60
C VAL G 205 -16.38 32.12 -12.76
N THR G 206 -15.67 33.22 -12.65
CA THR G 206 -15.63 34.18 -13.73
C THR G 206 -14.62 33.87 -14.83
N GLY G 207 -13.42 33.41 -14.50
CA GLY G 207 -12.36 33.31 -15.49
C GLY G 207 -11.52 32.05 -15.44
N LEU G 208 -11.10 31.57 -16.61
CA LEU G 208 -10.26 30.36 -16.75
C LEU G 208 -8.86 30.53 -16.18
N THR G 209 -8.54 29.70 -15.19
CA THR G 209 -7.24 29.74 -14.52
C THR G 209 -6.65 28.34 -14.36
N ALA G 210 -5.40 28.16 -14.81
CA ALA G 210 -4.71 26.85 -14.75
C ALA G 210 -3.21 27.00 -14.50
N ALA G 211 -2.60 25.99 -13.89
CA ALA G 211 -1.19 26.03 -13.59
C ALA G 211 -0.56 24.64 -13.41
N VAL G 212 0.75 24.56 -13.61
CA VAL G 212 1.51 23.35 -13.27
C VAL G 212 2.96 23.78 -13.07
N ILE G 213 3.76 22.97 -12.38
CA ILE G 213 5.08 23.43 -12.03
C ILE G 213 6.08 22.37 -12.41
N THR G 214 7.09 22.77 -13.17
CA THR G 214 8.17 21.89 -13.52
C THR G 214 9.48 22.29 -12.78
N ASP G 215 10.58 21.58 -13.03
CA ASP G 215 11.83 21.89 -12.35
C ASP G 215 12.40 23.20 -12.77
N ASP G 216 12.11 23.61 -13.99
CA ASP G 216 12.60 24.89 -14.51
C ASP G 216 11.54 25.98 -14.64
N ALA G 217 10.26 25.65 -14.54
CA ALA G 217 9.22 26.63 -14.90
C ALA G 217 7.91 26.55 -14.14
N ARG G 218 7.31 27.71 -14.02
CA ARG G 218 5.95 27.83 -13.56
C ARG G 218 5.13 28.16 -14.82
N TRP G 219 4.14 27.32 -15.09
CA TRP G 219 3.26 27.45 -16.22
C TRP G 219 1.93 27.93 -15.71
N ASN G 220 1.44 29.02 -16.28
CA ASN G 220 0.20 29.65 -15.84
C ASN G 220 -0.68 30.04 -17.00
N LEU G 221 -1.94 29.61 -16.98
CA LEU G 221 -2.90 30.02 -18.00
C LEU G 221 -4.04 30.82 -17.37
N SER G 222 -4.27 31.99 -17.95
CA SER G 222 -5.35 32.86 -17.56
C SER G 222 -6.08 33.29 -18.80
N GLY G 223 -7.20 32.63 -19.06
CA GLY G 223 -7.91 32.84 -20.29
C GLY G 223 -7.15 32.22 -21.44
N ARG G 224 -6.68 33.02 -22.40
CA ARG G 224 -5.97 32.50 -23.57
C ARG G 224 -4.49 32.80 -23.45
N ASP G 225 -4.15 33.51 -22.38
CA ASP G 225 -2.79 33.97 -22.14
C ASP G 225 -2.03 32.95 -21.32
N LEU G 226 -1.05 32.36 -21.95
CA LEU G 226 -0.23 31.41 -21.28
C LEU G 226 1.05 32.15 -20.98
N ALA G 227 1.60 31.83 -19.82
CA ALA G 227 2.87 32.37 -19.36
C ALA G 227 3.76 31.20 -18.93
N VAL G 228 5.04 31.25 -19.28
CA VAL G 228 6.03 30.28 -18.81
C VAL G 228 7.15 31.08 -18.15
N HIS G 229 7.14 31.13 -16.82
CA HIS G 229 8.13 31.87 -16.05
C HIS G 229 9.33 30.99 -15.72
N ARG G 230 10.48 31.35 -16.28
CA ARG G 230 11.72 30.61 -16.05
C ARG G 230 12.81 31.47 -15.46
N ALA G 231 13.96 30.84 -15.21
CA ALA G 231 15.06 31.51 -14.54
C ALA G 231 15.48 32.77 -15.29
N GLY G 232 15.69 32.62 -16.60
CA GLY G 232 15.90 33.76 -17.48
C GLY G 232 14.77 34.79 -17.39
N GLY G 233 13.54 34.35 -17.63
CA GLY G 233 12.40 35.23 -17.58
C GLY G 233 11.14 34.61 -18.14
N THR G 234 10.08 35.40 -18.11
CA THR G 234 8.77 34.99 -18.56
C THR G 234 8.72 34.85 -20.07
N GLU G 235 8.02 33.82 -20.51
CA GLU G 235 7.67 33.70 -21.91
C GLU G 235 6.15 33.68 -22.02
N LYS G 236 5.60 34.40 -23.01
CA LYS G 236 4.15 34.63 -23.08
C LYS G 236 3.50 34.23 -24.39
N ILE G 237 2.54 33.33 -24.30
CA ILE G 237 1.85 32.83 -25.47
C ILE G 237 0.40 33.28 -25.43
N ARG G 238 -0.02 33.95 -26.48
CA ARG G 238 -1.42 34.26 -26.67
C ARG G 238 -1.99 33.19 -27.57
N LEU G 239 -2.95 32.43 -27.05
CA LEU G 239 -3.48 31.29 -27.77
C LEU G 239 -4.54 31.75 -28.76
N ALA G 240 -4.56 31.13 -29.93
CA ALA G 240 -5.28 31.67 -31.07
C ALA G 240 -6.79 31.60 -30.86
N ASP G 241 -7.29 30.42 -30.53
CA ASP G 241 -8.71 30.23 -30.21
C ASP G 241 -8.94 29.15 -29.13
N ALA G 242 -10.22 28.93 -28.81
CA ALA G 242 -10.66 27.93 -27.83
C ALA G 242 -10.15 26.52 -28.11
N ALA G 243 -10.09 26.16 -29.38
CA ALA G 243 -9.45 24.90 -29.77
C ALA G 243 -8.00 24.85 -29.23
N ALA G 244 -7.26 25.96 -29.32
CA ALA G 244 -5.87 26.00 -28.89
C ALA G 244 -5.74 25.96 -27.38
N VAL G 245 -6.73 26.49 -26.69
CA VAL G 245 -6.77 26.44 -25.24
C VAL G 245 -7.19 25.07 -24.74
N VAL G 246 -8.14 24.42 -25.40
CA VAL G 246 -8.50 23.08 -24.99
C VAL G 246 -7.31 22.17 -25.24
N ASP G 247 -6.57 22.42 -26.30
CA ASP G 247 -5.39 21.64 -26.53
C ASP G 247 -4.32 21.95 -25.50
N THR G 248 -4.15 23.22 -25.17
CA THR G 248 -3.22 23.58 -24.11
C THR G 248 -3.56 22.75 -22.88
N LEU G 249 -4.79 22.90 -22.43
CA LEU G 249 -5.26 22.28 -21.20
C LEU G 249 -5.01 20.79 -21.14
N SER G 250 -5.11 20.10 -22.26
CA SER G 250 -4.85 18.68 -22.28
C SER G 250 -3.38 18.34 -22.46
N GLU G 251 -2.73 18.92 -23.46
CA GLU G 251 -1.38 18.43 -23.81
C GLU G 251 -0.28 19.05 -22.97
N ARG G 252 -0.47 20.29 -22.57
CA ARG G 252 0.46 20.97 -21.69
C ARG G 252 0.11 20.71 -20.22
N PHE G 253 -1.15 20.92 -19.86
CA PHE G 253 -1.57 20.69 -18.45
C PHE G 253 -1.99 19.26 -18.09
N GLY G 254 -2.13 18.38 -19.05
CA GLY G 254 -2.37 16.98 -18.73
C GLY G 254 -3.78 16.69 -18.25
N ILE G 255 -4.69 17.62 -18.50
CA ILE G 255 -6.07 17.55 -18.00
C ILE G 255 -6.91 16.72 -18.92
N ASN G 256 -7.64 15.75 -18.37
CA ASN G 256 -8.55 14.91 -19.17
C ASN G 256 -9.84 15.64 -19.53
N VAL G 257 -9.84 16.29 -20.70
CA VAL G 257 -10.98 17.05 -21.22
C VAL G 257 -12.24 16.23 -21.47
N ALA G 258 -12.05 14.98 -21.87
CA ALA G 258 -13.18 14.08 -22.12
C ALA G 258 -14.02 13.87 -20.85
N ASP G 259 -13.39 13.98 -19.68
CA ASP G 259 -14.10 13.81 -18.42
C ASP G 259 -15.22 14.84 -18.28
N ILE G 260 -15.03 15.94 -18.98
CA ILE G 260 -15.92 17.09 -18.88
C ILE G 260 -17.00 16.98 -19.94
N GLY G 261 -16.67 16.36 -21.06
CA GLY G 261 -17.68 16.03 -22.05
C GLY G 261 -17.19 16.15 -23.47
N GLU G 262 -18.03 16.75 -24.31
CA GLU G 262 -17.74 16.85 -25.71
C GLU G 262 -16.82 18.03 -26.00
N ARG G 263 -15.79 17.78 -26.81
CA ARG G 263 -14.75 18.77 -27.07
C ARG G 263 -15.27 20.05 -27.69
N GLY G 264 -15.94 19.92 -28.82
CA GLY G 264 -16.54 21.05 -29.49
C GLY G 264 -17.51 21.72 -28.56
N ALA G 265 -18.16 20.92 -27.72
CA ALA G 265 -19.13 21.44 -26.75
C ALA G 265 -18.43 22.33 -25.76
N LEU G 266 -17.20 21.96 -25.45
CA LEU G 266 -16.46 22.70 -24.46
C LEU G 266 -15.66 23.82 -25.12
N GLU G 267 -15.17 23.58 -26.33
CA GLU G 267 -14.52 24.65 -27.07
C GLU G 267 -15.49 25.81 -27.18
N THR G 268 -16.73 25.49 -27.50
CA THR G 268 -17.78 26.46 -27.70
C THR G 268 -18.00 27.29 -26.44
N ARG G 269 -18.06 26.63 -25.30
CA ARG G 269 -18.30 27.31 -24.04
C ARG G 269 -17.14 28.26 -23.71
N ILE G 270 -15.91 27.81 -23.94
CA ILE G 270 -14.75 28.68 -23.78
C ILE G 270 -14.80 29.87 -24.73
N ASP G 271 -15.12 29.62 -26.00
CA ASP G 271 -15.31 30.71 -26.94
C ASP G 271 -16.39 31.67 -26.43
N GLU G 272 -17.45 31.12 -25.83
CA GLU G 272 -18.57 31.94 -25.35
C GLU G 272 -18.16 32.80 -24.16
N LEU H 3 -9.93 -32.84 -29.29
CA LEU H 3 -9.07 -32.22 -30.29
C LEU H 3 -7.87 -33.12 -30.65
N ASP H 4 -7.84 -33.59 -31.90
CA ASP H 4 -6.74 -34.40 -32.37
C ASP H 4 -5.49 -33.60 -32.66
N LEU H 5 -4.40 -33.97 -32.04
CA LEU H 5 -3.18 -33.24 -32.21
C LEU H 5 -2.41 -33.75 -33.42
N THR H 6 -2.58 -35.02 -33.75
CA THR H 6 -1.80 -35.59 -34.82
C THR H 6 -2.29 -35.03 -36.14
N ALA H 7 -3.57 -34.69 -36.20
CA ALA H 7 -4.15 -34.08 -37.40
C ALA H 7 -3.72 -32.62 -37.50
N TYR H 8 -3.69 -31.96 -36.36
CA TYR H 8 -3.22 -30.62 -36.27
C TYR H 8 -1.77 -30.50 -36.72
N PHE H 9 -0.94 -31.44 -36.26
CA PHE H 9 0.46 -31.48 -36.61
C PHE H 9 0.62 -31.83 -38.07
N ASP H 10 -0.30 -32.60 -38.64
CA ASP H 10 -0.21 -32.96 -40.06
C ASP H 10 -0.59 -31.82 -40.99
N ARG H 11 -1.54 -31.00 -40.55
CA ARG H 11 -1.99 -29.82 -41.25
C ARG H 11 -0.83 -28.87 -41.44
N ILE H 12 -0.06 -28.66 -40.37
CA ILE H 12 1.04 -27.70 -40.34
C ILE H 12 2.48 -28.30 -40.57
N ASN H 13 2.57 -29.61 -40.78
CA ASN H 13 3.87 -30.28 -40.95
C ASN H 13 4.82 -30.11 -39.73
N TYR H 14 4.28 -30.24 -38.52
CA TYR H 14 5.11 -30.19 -37.31
C TYR H 14 5.63 -31.60 -37.09
N ARG H 15 6.95 -31.69 -36.90
CA ARG H 15 7.58 -32.97 -36.68
C ARG H 15 8.46 -32.91 -35.43
N GLY H 16 8.29 -31.86 -34.64
CA GLY H 16 9.12 -31.62 -33.48
C GLY H 16 8.66 -32.34 -32.21
N ALA H 17 9.36 -32.04 -31.13
CA ALA H 17 9.06 -32.59 -29.81
C ALA H 17 7.77 -32.01 -29.28
N THR H 18 7.23 -32.68 -28.28
CA THR H 18 5.90 -32.37 -27.77
C THR H 18 6.01 -31.90 -26.33
N ASP H 19 7.23 -31.68 -25.84
CA ASP H 19 7.41 -31.21 -24.48
C ASP H 19 7.09 -29.71 -24.38
N PRO H 20 6.44 -29.26 -23.29
CA PRO H 20 6.01 -27.86 -23.21
C PRO H 20 7.13 -26.94 -22.77
N THR H 21 7.98 -26.60 -23.73
CA THR H 21 9.13 -25.75 -23.50
C THR H 21 9.04 -24.49 -24.33
N LEU H 22 10.02 -23.61 -24.19
CA LEU H 22 10.07 -22.41 -25.00
C LEU H 22 10.42 -22.68 -26.48
N ASP H 23 11.31 -23.64 -26.71
CA ASP H 23 11.78 -23.92 -28.05
C ASP H 23 10.63 -24.54 -28.82
N VAL H 24 9.83 -25.35 -28.14
CA VAL H 24 8.67 -25.96 -28.76
C VAL H 24 7.61 -24.91 -29.01
N LEU H 25 7.49 -23.94 -28.12
CA LEU H 25 6.44 -22.94 -28.25
C LEU H 25 6.75 -22.05 -29.44
N GLN H 26 8.01 -21.67 -29.58
CA GLN H 26 8.44 -20.85 -30.70
C GLN H 26 8.26 -21.57 -32.02
N ASP H 27 8.48 -22.88 -32.00
CA ASP H 27 8.53 -23.70 -33.20
C ASP H 27 7.14 -23.93 -33.74
N LEU H 28 6.18 -23.97 -32.81
CA LEU H 28 4.77 -24.10 -33.14
C LEU H 28 4.17 -22.81 -33.64
N VAL H 29 4.50 -21.68 -33.02
CA VAL H 29 4.11 -20.39 -33.58
C VAL H 29 4.55 -20.25 -35.04
N THR H 30 5.84 -20.45 -35.29
CA THR H 30 6.40 -20.28 -36.61
C THR H 30 5.71 -21.12 -37.67
N VAL H 31 5.39 -22.35 -37.33
CA VAL H 31 4.85 -23.30 -38.30
C VAL H 31 3.34 -23.08 -38.45
N HIS H 32 2.67 -22.73 -37.36
CA HIS H 32 1.25 -22.41 -37.39
C HIS H 32 1.01 -21.22 -38.30
N SER H 33 1.77 -20.14 -38.10
CA SER H 33 1.52 -18.91 -38.82
C SER H 33 1.85 -19.05 -40.32
N ARG H 34 2.72 -20.01 -40.65
CA ARG H 34 3.20 -20.21 -42.01
C ARG H 34 2.16 -20.92 -42.86
N THR H 35 1.28 -21.68 -42.20
CA THR H 35 0.35 -22.55 -42.90
C THR H 35 -1.10 -22.08 -42.82
N ILE H 36 -1.59 -21.77 -41.62
CA ILE H 36 -3.00 -21.46 -41.45
C ILE H 36 -3.17 -19.95 -41.61
N PRO H 37 -3.86 -19.50 -42.67
CA PRO H 37 -3.96 -18.06 -42.93
C PRO H 37 -4.93 -17.38 -42.01
N PHE H 38 -4.70 -16.10 -41.83
CA PHE H 38 -5.75 -15.22 -41.36
C PHE H 38 -6.71 -15.09 -42.53
N GLU H 39 -8.01 -15.13 -42.26
CA GLU H 39 -9.05 -14.86 -43.25
C GLU H 39 -10.37 -14.62 -42.53
N ASN H 40 -11.29 -13.93 -43.21
CA ASN H 40 -12.56 -13.55 -42.64
C ASN H 40 -13.61 -13.82 -43.70
N LEU H 41 -13.45 -14.93 -44.41
CA LEU H 41 -14.39 -15.28 -45.46
C LEU H 41 -15.76 -15.68 -44.92
N ASP H 42 -15.81 -16.20 -43.68
CA ASP H 42 -17.07 -16.54 -43.04
C ASP H 42 -17.87 -15.28 -42.71
N PRO H 43 -17.39 -14.39 -41.83
CA PRO H 43 -18.22 -13.24 -41.50
C PRO H 43 -18.56 -12.35 -42.68
N LEU H 44 -17.65 -12.26 -43.63
CA LEU H 44 -17.82 -11.43 -44.79
C LEU H 44 -19.03 -11.88 -45.58
N LEU H 45 -19.19 -13.20 -45.71
CA LEU H 45 -20.31 -13.81 -46.45
C LEU H 45 -21.58 -14.12 -45.64
N GLY H 46 -21.71 -13.51 -44.46
CA GLY H 46 -22.88 -13.69 -43.62
C GLY H 46 -22.79 -14.82 -42.64
N VAL H 47 -21.65 -15.49 -42.55
CA VAL H 47 -21.51 -16.62 -41.63
C VAL H 47 -20.79 -16.21 -40.33
N PRO H 48 -21.53 -16.12 -39.20
CA PRO H 48 -20.84 -15.72 -37.96
C PRO H 48 -19.82 -16.73 -37.50
N VAL H 49 -18.93 -16.25 -36.67
CA VAL H 49 -18.03 -17.12 -35.96
C VAL H 49 -18.50 -17.18 -34.53
N ASP H 50 -19.22 -18.25 -34.25
CA ASP H 50 -19.90 -18.44 -32.99
C ASP H 50 -19.38 -19.61 -32.14
N ASP H 51 -19.06 -20.73 -32.76
CA ASP H 51 -18.58 -21.89 -32.00
C ASP H 51 -17.05 -21.87 -31.80
N LEU H 52 -16.61 -21.68 -30.56
CA LEU H 52 -15.18 -21.59 -30.27
C LEU H 52 -14.67 -22.84 -29.54
N SER H 53 -15.36 -23.96 -29.75
CA SER H 53 -15.01 -25.23 -29.16
C SER H 53 -13.92 -25.90 -29.99
N PRO H 54 -13.02 -26.65 -29.32
CA PRO H 54 -11.96 -27.41 -30.00
C PRO H 54 -12.47 -28.15 -31.24
N GLN H 55 -13.63 -28.79 -31.14
CA GLN H 55 -14.14 -29.56 -32.26
C GLN H 55 -14.37 -28.68 -33.46
N ALA H 56 -15.03 -27.54 -33.26
CA ALA H 56 -15.47 -26.65 -34.33
C ALA H 56 -14.32 -26.03 -35.02
N LEU H 57 -13.37 -25.59 -34.24
CA LEU H 57 -12.22 -24.87 -34.73
C LEU H 57 -11.31 -25.81 -35.50
N ALA H 58 -11.19 -27.05 -35.03
CA ALA H 58 -10.36 -28.01 -35.72
C ALA H 58 -11.04 -28.42 -37.01
N ASP H 59 -12.35 -28.61 -36.97
CA ASP H 59 -13.15 -28.97 -38.14
C ASP H 59 -12.78 -28.03 -39.29
N LYS H 60 -12.78 -26.74 -38.99
CA LYS H 60 -12.61 -25.69 -40.00
C LYS H 60 -11.16 -25.42 -40.35
N LEU H 61 -10.30 -25.22 -39.35
CA LEU H 61 -8.92 -24.80 -39.60
C LEU H 61 -8.00 -25.94 -39.86
N VAL H 62 -8.37 -27.12 -39.39
CA VAL H 62 -7.56 -28.31 -39.60
C VAL H 62 -8.16 -29.13 -40.72
N LEU H 63 -9.33 -29.75 -40.55
CA LEU H 63 -9.74 -30.76 -41.53
C LEU H 63 -10.16 -30.18 -42.84
N ARG H 64 -10.80 -29.01 -42.79
CA ARG H 64 -11.39 -28.45 -43.98
C ARG H 64 -10.41 -27.49 -44.67
N ARG H 65 -9.24 -27.30 -44.09
CA ARG H 65 -8.18 -26.57 -44.74
C ARG H 65 -8.56 -25.12 -45.03
N ARG H 66 -9.36 -24.53 -44.13
CA ARG H 66 -9.66 -23.10 -44.11
C ARG H 66 -8.75 -22.34 -43.16
N GLY H 67 -8.82 -21.03 -43.20
CA GLY H 67 -8.12 -20.21 -42.24
C GLY H 67 -9.12 -19.68 -41.23
N GLY H 68 -8.74 -18.65 -40.48
CA GLY H 68 -9.66 -18.01 -39.57
C GLY H 68 -9.23 -16.65 -39.06
N TYR H 69 -9.96 -16.06 -38.11
CA TYR H 69 -9.49 -14.82 -37.48
C TYR H 69 -9.17 -15.04 -36.00
N CYS H 70 -8.91 -14.00 -35.25
CA CYS H 70 -8.23 -14.14 -33.97
C CYS H 70 -8.86 -15.13 -32.97
N PHE H 71 -10.19 -15.23 -32.95
CA PHE H 71 -10.85 -16.07 -31.97
C PHE H 71 -10.75 -17.54 -32.39
N GLU H 72 -10.66 -17.77 -33.70
CA GLU H 72 -10.37 -19.09 -34.25
C GLU H 72 -8.90 -19.42 -34.07
N HIS H 73 -7.99 -18.49 -34.39
CA HIS H 73 -6.55 -18.79 -34.32
C HIS H 73 -6.06 -19.03 -32.89
N ASN H 74 -6.37 -18.13 -31.97
CA ASN H 74 -5.88 -18.24 -30.63
C ASN H 74 -6.73 -19.24 -29.85
N GLY H 75 -7.90 -19.55 -30.38
CA GLY H 75 -8.74 -20.64 -29.92
C GLY H 75 -8.09 -21.99 -30.13
N LEU H 76 -7.93 -22.34 -31.38
CA LEU H 76 -7.17 -23.52 -31.76
C LEU H 76 -5.81 -23.63 -31.04
N MET H 77 -4.96 -22.60 -31.14
CA MET H 77 -3.64 -22.67 -30.52
C MET H 77 -3.74 -22.93 -29.02
N GLY H 78 -4.65 -22.23 -28.36
CA GLY H 78 -4.86 -22.38 -26.93
C GLY H 78 -5.20 -23.79 -26.55
N TYR H 79 -6.03 -24.43 -27.37
CA TYR H 79 -6.35 -25.83 -27.15
C TYR H 79 -5.12 -26.75 -27.40
N VAL H 80 -4.40 -26.56 -28.50
CA VAL H 80 -3.12 -27.23 -28.69
C VAL H 80 -2.19 -27.13 -27.48
N LEU H 81 -1.90 -25.93 -27.03
CA LEU H 81 -0.94 -25.70 -25.97
C LEU H 81 -1.41 -26.25 -24.64
N ALA H 82 -2.72 -26.20 -24.40
CA ALA H 82 -3.29 -26.86 -23.23
C ALA H 82 -3.00 -28.38 -23.24
N GLU H 83 -3.30 -29.03 -24.34
CA GLU H 83 -3.14 -30.48 -24.42
C GLU H 83 -1.65 -30.90 -24.38
N LEU H 84 -0.75 -29.96 -24.63
CA LEU H 84 0.67 -30.23 -24.55
C LEU H 84 1.22 -29.90 -23.17
N GLY H 85 0.34 -29.42 -22.28
CA GLY H 85 0.72 -29.20 -20.92
C GLY H 85 1.23 -27.81 -20.64
N TYR H 86 0.99 -26.87 -21.52
CA TYR H 86 1.06 -25.45 -21.14
C TYR H 86 -0.19 -25.10 -20.30
N ARG H 87 0.01 -24.28 -19.30
CA ARG H 87 -1.13 -23.68 -18.68
C ARG H 87 -1.49 -22.48 -19.54
N VAL H 88 -2.75 -22.45 -19.97
CA VAL H 88 -3.19 -21.53 -21.00
C VAL H 88 -4.16 -20.51 -20.42
N ARG H 89 -3.85 -19.24 -20.60
CA ARG H 89 -4.67 -18.14 -20.10
C ARG H 89 -5.14 -17.23 -21.23
N ARG H 90 -6.44 -17.05 -21.39
CA ARG H 90 -6.94 -16.32 -22.56
C ARG H 90 -7.24 -14.87 -22.20
N PHE H 91 -6.61 -13.95 -22.91
CA PHE H 91 -6.83 -12.53 -22.70
C PHE H 91 -7.69 -11.87 -23.80
N ALA H 92 -8.22 -10.70 -23.46
CA ALA H 92 -9.01 -9.91 -24.37
C ALA H 92 -8.32 -8.56 -24.62
N ALA H 93 -8.43 -8.04 -25.85
CA ALA H 93 -7.68 -6.86 -26.29
C ALA H 93 -8.51 -5.88 -27.11
N ARG H 94 -8.10 -4.61 -27.12
CA ARG H 94 -8.68 -3.56 -27.95
C ARG H 94 -7.65 -3.10 -28.97
N VAL H 95 -7.99 -3.22 -30.24
CA VAL H 95 -7.11 -2.84 -31.33
C VAL H 95 -7.13 -1.32 -31.61
N VAL H 96 -5.97 -0.70 -31.38
CA VAL H 96 -5.75 0.73 -31.54
C VAL H 96 -4.86 1.07 -32.75
N TRP H 97 -4.55 0.07 -33.58
CA TRP H 97 -3.55 0.22 -34.62
C TRP H 97 -3.88 1.31 -35.59
N LYS H 98 -2.92 2.22 -35.73
CA LYS H 98 -3.06 3.41 -36.57
C LYS H 98 -4.11 4.34 -35.96
N LEU H 99 -5.22 4.52 -36.67
CA LEU H 99 -6.37 5.21 -36.10
C LEU H 99 -6.03 6.67 -35.78
N ALA H 100 -6.96 7.35 -35.15
CA ALA H 100 -6.81 8.75 -34.79
C ALA H 100 -6.62 8.73 -33.28
N PRO H 101 -5.70 9.58 -32.75
CA PRO H 101 -5.68 9.80 -31.29
C PRO H 101 -6.96 10.46 -30.73
N ASP H 102 -7.78 10.96 -31.66
CA ASP H 102 -9.09 11.53 -31.40
C ASP H 102 -10.11 10.41 -31.25
N ALA H 103 -9.69 9.15 -31.32
CA ALA H 103 -10.65 8.03 -31.51
C ALA H 103 -11.16 7.38 -30.21
N PRO H 104 -12.44 6.97 -30.22
CA PRO H 104 -13.06 6.43 -29.00
C PRO H 104 -12.47 5.09 -28.61
N LEU H 105 -12.74 4.64 -27.39
CA LEU H 105 -12.25 3.34 -26.96
C LEU H 105 -12.77 2.23 -27.88
N PRO H 106 -11.88 1.38 -28.41
CA PRO H 106 -12.34 0.30 -29.26
C PRO H 106 -12.96 -0.84 -28.47
N PRO H 107 -13.76 -1.67 -29.13
CA PRO H 107 -14.28 -2.84 -28.43
C PRO H 107 -13.20 -3.89 -28.26
N GLN H 108 -13.42 -4.78 -27.31
CA GLN H 108 -12.56 -5.90 -27.05
C GLN H 108 -12.82 -6.99 -28.08
N THR H 109 -12.47 -6.73 -29.34
CA THR H 109 -12.77 -7.66 -30.41
C THR H 109 -11.52 -8.41 -30.90
N HIS H 110 -10.44 -8.32 -30.13
CA HIS H 110 -9.24 -9.13 -30.37
C HIS H 110 -8.97 -10.06 -29.14
N THR H 111 -8.26 -11.16 -29.35
CA THR H 111 -7.82 -12.07 -28.27
C THR H 111 -6.40 -12.61 -28.48
N LEU H 112 -5.69 -12.69 -27.37
CA LEU H 112 -4.33 -13.25 -27.30
C LEU H 112 -4.20 -14.24 -26.13
N LEU H 113 -3.06 -14.90 -26.05
CA LEU H 113 -2.81 -15.89 -25.02
C LEU H 113 -1.67 -15.49 -24.11
N GLY H 114 -1.84 -15.83 -22.85
CA GLY H 114 -0.74 -15.95 -21.92
C GLY H 114 -0.55 -17.43 -21.66
N VAL H 115 0.71 -17.80 -21.53
CA VAL H 115 1.07 -19.19 -21.39
C VAL H 115 2.16 -19.25 -20.39
N THR H 116 2.12 -20.26 -19.52
CA THR H 116 3.19 -20.46 -18.59
C THR H 116 3.39 -21.96 -18.66
N PHE H 117 4.59 -22.41 -18.31
CA PHE H 117 5.01 -23.80 -18.48
C PHE H 117 6.21 -23.94 -17.56
N PRO H 118 6.65 -25.16 -17.28
CA PRO H 118 7.76 -25.39 -16.35
C PRO H 118 9.03 -24.65 -16.73
N GLY H 119 9.70 -24.04 -15.76
CA GLY H 119 10.94 -23.34 -16.00
C GLY H 119 10.79 -21.96 -16.60
N SER H 120 9.56 -21.61 -16.94
CA SER H 120 9.31 -20.26 -17.43
C SER H 120 9.24 -19.46 -16.16
N GLY H 121 10.12 -18.47 -16.09
CA GLY H 121 10.24 -17.63 -14.93
C GLY H 121 9.24 -16.55 -15.05
N GLY H 122 8.02 -16.94 -15.43
CA GLY H 122 6.97 -16.00 -15.72
C GLY H 122 6.13 -16.39 -16.90
N CYS H 123 5.32 -15.44 -17.32
CA CYS H 123 4.35 -15.66 -18.36
C CYS H 123 4.79 -15.20 -19.75
N TYR H 124 4.52 -16.01 -20.77
CA TYR H 124 4.89 -15.71 -22.15
C TYR H 124 3.64 -15.41 -22.96
N LEU H 125 3.73 -14.44 -23.86
CA LEU H 125 2.59 -14.07 -24.71
C LEU H 125 2.64 -14.78 -26.04
N VAL H 126 1.49 -15.30 -26.45
CA VAL H 126 1.32 -15.99 -27.72
C VAL H 126 0.12 -15.42 -28.43
N ASP H 127 0.37 -14.88 -29.62
CA ASP H 127 -0.66 -14.34 -30.49
C ASP H 127 -0.40 -14.75 -31.92
N VAL H 128 -1.21 -15.67 -32.44
CA VAL H 128 -1.11 -16.11 -33.81
C VAL H 128 -2.35 -15.71 -34.59
N GLY H 129 -3.11 -14.74 -34.06
CA GLY H 129 -4.36 -14.32 -34.65
C GLY H 129 -4.56 -12.83 -34.88
N PHE H 130 -3.51 -12.04 -34.96
CA PHE H 130 -3.65 -10.62 -35.26
C PHE H 130 -3.50 -10.36 -36.77
N GLY H 131 -3.14 -11.36 -37.56
CA GLY H 131 -3.00 -11.16 -39.00
C GLY H 131 -1.58 -10.88 -39.41
N GLY H 132 -1.38 -10.11 -40.45
CA GLY H 132 -0.06 -10.04 -41.04
C GLY H 132 0.99 -9.57 -40.06
N GLN H 133 0.59 -8.69 -39.15
CA GLN H 133 1.50 -8.12 -38.19
C GLN H 133 1.48 -8.85 -36.87
N THR H 134 1.10 -10.12 -36.90
CA THR H 134 1.09 -10.89 -35.66
C THR H 134 2.54 -11.24 -35.20
N PRO H 135 2.80 -11.16 -33.89
CA PRO H 135 4.13 -11.60 -33.47
C PRO H 135 4.39 -13.10 -33.86
N THR H 136 5.61 -13.38 -34.31
CA THR H 136 6.00 -14.70 -34.77
C THR H 136 6.89 -15.40 -33.73
N SER H 137 6.95 -14.82 -32.54
CA SER H 137 7.78 -15.32 -31.45
C SER H 137 7.09 -15.11 -30.13
N PRO H 138 7.17 -16.09 -29.22
CA PRO H 138 6.67 -15.93 -27.85
C PRO H 138 7.33 -14.74 -27.20
N LEU H 139 6.57 -13.93 -26.47
CA LEU H 139 7.11 -12.74 -25.86
C LEU H 139 6.93 -12.80 -24.35
N ARG H 140 8.04 -12.74 -23.61
CA ARG H 140 7.96 -12.70 -22.16
C ARG H 140 7.13 -11.48 -21.77
N LEU H 141 6.21 -11.67 -20.82
CA LEU H 141 5.43 -10.55 -20.33
C LEU H 141 6.34 -9.73 -19.40
N GLU H 142 6.90 -8.66 -19.97
CA GLU H 142 7.84 -7.78 -19.29
C GLU H 142 7.91 -6.46 -20.06
N THR H 143 7.88 -5.35 -19.34
CA THR H 143 7.73 -4.02 -19.92
C THR H 143 9.04 -3.39 -20.39
N GLY H 144 8.97 -2.61 -21.46
CA GLY H 144 10.08 -1.77 -21.86
C GLY H 144 11.20 -2.51 -22.56
N ALA H 145 11.50 -3.71 -22.07
CA ALA H 145 12.54 -4.50 -22.67
C ALA H 145 12.16 -4.81 -24.10
N VAL H 146 13.04 -4.44 -25.02
CA VAL H 146 12.81 -4.66 -26.41
C VAL H 146 13.08 -6.12 -26.64
N GLN H 147 12.19 -6.77 -27.37
CA GLN H 147 12.25 -8.21 -27.51
C GLN H 147 12.36 -8.61 -28.98
N PRO H 148 13.49 -9.21 -29.37
CA PRO H 148 13.64 -9.60 -30.78
C PRO H 148 12.70 -10.74 -31.13
N THR H 149 12.57 -11.01 -32.42
CA THR H 149 11.72 -12.08 -32.89
C THR H 149 12.31 -12.65 -34.16
N THR H 150 11.59 -13.56 -34.76
CA THR H 150 12.01 -14.18 -35.98
C THR H 150 11.87 -13.20 -37.16
N HIS H 151 11.11 -12.13 -36.94
CA HIS H 151 11.04 -11.02 -37.86
C HIS H 151 11.48 -9.79 -37.08
N GLU H 152 10.69 -8.73 -37.05
CA GLU H 152 11.05 -7.53 -36.32
C GLU H 152 11.03 -7.70 -34.81
N PRO H 153 11.54 -6.71 -34.08
CA PRO H 153 11.41 -6.67 -32.63
C PRO H 153 10.08 -6.13 -32.16
N TYR H 154 9.67 -6.61 -30.99
CA TYR H 154 8.45 -6.20 -30.36
C TYR H 154 8.75 -5.70 -28.98
N ARG H 155 7.77 -5.06 -28.37
CA ARG H 155 7.90 -4.73 -26.98
C ARG H 155 6.54 -4.29 -26.48
N LEU H 156 6.44 -4.14 -25.17
CA LEU H 156 5.26 -3.54 -24.59
C LEU H 156 5.59 -2.58 -23.50
N GLU H 157 4.59 -1.80 -23.13
CA GLU H 157 4.77 -0.78 -22.12
C GLU H 157 3.66 -1.00 -21.12
N ASP H 158 3.89 -0.62 -19.86
CA ASP H 158 2.82 -0.63 -18.87
C ASP H 158 1.97 0.57 -19.19
N ARG H 159 0.67 0.39 -19.21
CA ARG H 159 -0.24 1.47 -19.45
C ARG H 159 -0.99 1.58 -18.15
N VAL H 160 -1.89 2.53 -18.02
CA VAL H 160 -2.74 2.58 -16.84
C VAL H 160 -3.61 1.31 -16.74
N ASP H 161 -3.31 0.50 -15.73
CA ASP H 161 -4.04 -0.73 -15.48
C ASP H 161 -3.98 -1.74 -16.63
N GLY H 162 -2.90 -1.72 -17.40
CA GLY H 162 -2.85 -2.51 -18.62
C GLY H 162 -1.54 -2.41 -19.37
N PHE H 163 -1.48 -3.13 -20.49
CA PHE H 163 -0.30 -3.23 -21.35
C PHE H 163 -0.66 -2.83 -22.78
N VAL H 164 0.33 -2.38 -23.55
CA VAL H 164 0.15 -2.12 -24.97
C VAL H 164 1.31 -2.74 -25.71
N LEU H 165 1.00 -3.65 -26.61
CA LEU H 165 2.02 -4.36 -27.37
C LEU H 165 2.39 -3.54 -28.59
N GLN H 166 3.70 -3.37 -28.83
CA GLN H 166 4.22 -2.58 -29.94
C GLN H 166 5.14 -3.42 -30.81
N ALA H 167 5.42 -2.91 -32.01
CA ALA H 167 6.29 -3.59 -32.96
C ALA H 167 7.07 -2.55 -33.72
N MET H 168 8.33 -2.82 -33.98
CA MET H 168 9.09 -1.94 -34.84
C MET H 168 8.67 -2.24 -36.26
N VAL H 169 8.17 -1.24 -36.95
CA VAL H 169 7.80 -1.38 -38.35
C VAL H 169 8.21 -0.11 -39.06
N ARG H 170 9.16 -0.22 -39.98
CA ARG H 170 9.70 0.92 -40.72
C ARG H 170 10.37 1.87 -39.77
N ASP H 171 11.20 1.30 -38.89
CA ASP H 171 11.99 2.06 -37.92
C ASP H 171 11.17 2.95 -37.00
N THR H 172 9.91 2.58 -36.86
CA THR H 172 8.97 3.23 -35.95
C THR H 172 8.30 2.23 -34.99
N TRP H 173 8.23 2.59 -33.72
CA TRP H 173 7.44 1.82 -32.77
C TRP H 173 5.97 2.07 -33.03
N GLN H 174 5.26 1.08 -33.53
CA GLN H 174 3.82 1.20 -33.77
C GLN H 174 3.03 0.41 -32.73
N THR H 175 2.03 1.05 -32.11
CA THR H 175 1.23 0.40 -31.08
C THR H 175 0.10 -0.37 -31.72
N LEU H 176 0.07 -1.68 -31.46
CA LEU H 176 -0.89 -2.57 -32.13
C LEU H 176 -2.19 -2.73 -31.36
N TYR H 177 -2.11 -3.00 -30.06
CA TYR H 177 -3.31 -3.16 -29.25
C TYR H 177 -3.08 -3.05 -27.73
N GLU H 178 -4.15 -2.73 -27.01
CA GLU H 178 -4.14 -2.62 -25.55
C GLU H 178 -4.93 -3.75 -24.84
N PHE H 179 -4.32 -4.38 -23.82
CA PHE H 179 -4.92 -5.47 -23.03
C PHE H 179 -4.59 -5.47 -21.53
N THR H 180 -5.39 -6.20 -20.75
CA THR H 180 -5.13 -6.45 -19.35
C THR H 180 -4.89 -7.95 -19.23
N THR H 181 -4.35 -8.39 -18.10
CA THR H 181 -4.04 -9.80 -17.91
C THR H 181 -5.19 -10.60 -17.24
N GLN H 182 -6.41 -10.10 -17.35
CA GLN H 182 -7.60 -10.75 -16.76
C GLN H 182 -7.99 -11.96 -17.59
N THR H 183 -8.17 -13.12 -16.97
CA THR H 183 -8.61 -14.30 -17.71
C THR H 183 -10.08 -14.27 -18.04
N ARG H 184 -10.35 -14.62 -19.29
CA ARG H 184 -11.66 -14.48 -19.90
C ARG H 184 -12.26 -15.83 -20.15
N PRO H 185 -13.50 -16.02 -19.70
CA PRO H 185 -14.09 -17.30 -20.01
C PRO H 185 -14.46 -17.36 -21.49
N GLN H 186 -14.66 -18.56 -21.99
CA GLN H 186 -15.06 -18.75 -23.36
C GLN H 186 -16.27 -17.91 -23.69
N ILE H 187 -17.21 -17.83 -22.77
CA ILE H 187 -18.51 -17.25 -23.07
C ILE H 187 -18.40 -15.76 -23.30
N ASP H 188 -17.43 -15.11 -22.67
CA ASP H 188 -17.11 -13.72 -22.98
C ASP H 188 -16.36 -13.54 -24.29
N LEU H 189 -15.58 -14.55 -24.71
CA LEU H 189 -14.93 -14.56 -26.04
C LEU H 189 -15.93 -14.85 -27.16
N LYS H 190 -16.92 -15.68 -26.86
CA LYS H 190 -18.06 -15.86 -27.76
C LYS H 190 -18.91 -14.57 -27.90
N VAL H 191 -19.03 -13.79 -26.84
CA VAL H 191 -19.74 -12.54 -26.99
C VAL H 191 -18.96 -11.57 -27.89
N ALA H 192 -17.64 -11.52 -27.70
CA ALA H 192 -16.73 -10.68 -28.50
C ALA H 192 -16.72 -11.13 -29.94
N SER H 193 -16.44 -12.41 -30.20
CA SER H 193 -16.57 -12.93 -31.56
C SER H 193 -17.92 -12.69 -32.29
N TRP H 194 -19.05 -12.74 -31.57
CA TRP H 194 -20.33 -12.54 -32.20
C TRP H 194 -20.39 -11.15 -32.76
N TYR H 195 -19.90 -10.20 -31.99
CA TYR H 195 -19.90 -8.78 -32.36
C TYR H 195 -18.94 -8.59 -33.55
N ALA H 196 -17.75 -9.17 -33.45
CA ALA H 196 -16.74 -9.09 -34.49
C ALA H 196 -17.18 -9.67 -35.82
N SER H 197 -17.99 -10.73 -35.79
CA SER H 197 -18.41 -11.43 -37.01
C SER H 197 -19.82 -11.08 -37.45
N THR H 198 -20.58 -10.29 -36.67
CA THR H 198 -21.95 -9.95 -37.06
C THR H 198 -22.24 -8.47 -37.07
N HIS H 199 -21.68 -7.70 -36.15
CA HIS H 199 -21.98 -6.29 -36.15
C HIS H 199 -21.65 -5.65 -37.51
N PRO H 200 -22.59 -4.89 -38.07
CA PRO H 200 -22.48 -4.54 -39.49
C PRO H 200 -21.31 -3.63 -39.84
N ALA H 201 -20.93 -2.77 -38.92
CA ALA H 201 -19.83 -1.83 -39.10
C ALA H 201 -18.43 -2.42 -38.82
N SER H 202 -18.36 -3.70 -38.52
CA SER H 202 -17.11 -4.35 -38.22
C SER H 202 -16.34 -4.56 -39.53
N LYS H 203 -15.04 -4.33 -39.51
CA LYS H 203 -14.23 -4.51 -40.71
C LYS H 203 -14.21 -5.94 -41.17
N PHE H 204 -14.75 -6.85 -40.36
CA PHE H 204 -14.73 -8.26 -40.68
C PHE H 204 -15.96 -8.74 -41.32
N VAL H 205 -16.94 -7.85 -41.40
CA VAL H 205 -18.14 -8.13 -42.14
C VAL H 205 -18.22 -7.25 -43.39
N THR H 206 -17.53 -6.11 -43.38
CA THR H 206 -17.50 -5.18 -44.52
C THR H 206 -16.40 -5.42 -45.56
N GLY H 207 -15.20 -5.87 -45.16
CA GLY H 207 -14.10 -6.02 -46.10
C GLY H 207 -13.37 -7.33 -45.99
N LEU H 208 -12.63 -7.66 -47.04
CA LEU H 208 -11.87 -8.89 -47.17
C LEU H 208 -10.48 -8.68 -46.60
N THR H 209 -10.17 -9.41 -45.54
CA THR H 209 -8.84 -9.47 -44.96
C THR H 209 -8.31 -10.88 -44.93
N ALA H 210 -7.06 -11.02 -45.41
CA ALA H 210 -6.30 -12.26 -45.43
C ALA H 210 -4.83 -11.96 -45.12
N ALA H 211 -4.14 -12.86 -44.43
CA ALA H 211 -2.73 -12.73 -44.18
C ALA H 211 -2.08 -14.10 -43.97
N VAL H 212 -0.76 -14.14 -44.05
CA VAL H 212 0.03 -15.32 -43.78
C VAL H 212 1.46 -14.85 -43.67
N ILE H 213 2.33 -15.64 -43.07
CA ILE H 213 3.68 -15.18 -42.75
C ILE H 213 4.69 -16.25 -43.11
N THR H 214 5.68 -15.89 -43.91
CA THR H 214 6.75 -16.82 -44.24
C THR H 214 8.01 -16.44 -43.50
N ASP H 215 9.10 -17.13 -43.80
CA ASP H 215 10.33 -16.91 -43.06
C ASP H 215 10.83 -15.49 -43.30
N ASP H 216 10.59 -14.99 -44.50
CA ASP H 216 11.19 -13.73 -44.93
C ASP H 216 10.16 -12.67 -45.33
N ALA H 217 8.89 -12.90 -45.03
CA ALA H 217 7.89 -11.95 -45.53
C ALA H 217 6.57 -12.04 -44.83
N ARG H 218 5.89 -10.91 -44.75
CA ARG H 218 4.52 -10.85 -44.28
C ARG H 218 3.67 -10.51 -45.49
N TRP H 219 2.63 -11.30 -45.72
CA TRP H 219 1.72 -11.10 -46.83
C TRP H 219 0.35 -10.66 -46.33
N ASN H 220 -0.08 -9.48 -46.76
CA ASN H 220 -1.36 -8.88 -46.38
C ASN H 220 -2.26 -8.62 -47.57
N LEU H 221 -3.49 -9.12 -47.51
CA LEU H 221 -4.49 -8.84 -48.53
C LEU H 221 -5.68 -8.05 -47.95
N SER H 222 -6.12 -7.05 -48.69
CA SER H 222 -7.14 -6.12 -48.24
C SER H 222 -7.97 -5.67 -49.42
N GLY H 223 -9.15 -6.27 -49.58
CA GLY H 223 -9.90 -6.18 -50.80
C GLY H 223 -9.16 -6.85 -51.96
N ARG H 224 -8.73 -6.07 -52.95
CA ARG H 224 -7.95 -6.59 -54.07
C ARG H 224 -6.51 -6.18 -53.98
N ASP H 225 -6.14 -5.53 -52.88
CA ASP H 225 -4.80 -5.00 -52.73
C ASP H 225 -3.99 -5.95 -51.90
N LEU H 226 -3.08 -6.63 -52.57
CA LEU H 226 -2.17 -7.55 -51.91
C LEU H 226 -0.86 -6.82 -51.60
N ALA H 227 -0.25 -7.12 -50.45
CA ALA H 227 1.01 -6.49 -50.02
C ALA H 227 1.99 -7.47 -49.38
N VAL H 228 3.26 -7.39 -49.75
CA VAL H 228 4.29 -8.35 -49.31
C VAL H 228 5.45 -7.65 -48.56
N HIS H 229 5.35 -7.61 -47.23
CA HIS H 229 6.20 -6.73 -46.41
C HIS H 229 7.47 -7.46 -46.02
N ARG H 230 8.58 -7.04 -46.59
CA ARG H 230 9.85 -7.75 -46.42
C ARG H 230 10.88 -6.87 -45.80
N ALA H 231 12.04 -7.46 -45.59
CA ALA H 231 13.22 -6.76 -45.12
C ALA H 231 13.55 -5.66 -46.09
N GLY H 232 13.68 -6.04 -47.36
CA GLY H 232 14.04 -5.12 -48.44
C GLY H 232 13.02 -4.04 -48.73
N GLY H 233 11.82 -4.45 -49.12
CA GLY H 233 10.73 -3.50 -49.29
C GLY H 233 9.36 -4.13 -49.35
N THR H 234 8.35 -3.30 -49.19
CA THR H 234 7.00 -3.72 -49.43
C THR H 234 6.73 -3.68 -50.93
N GLU H 235 6.46 -4.85 -51.45
CA GLU H 235 5.96 -5.01 -52.79
C GLU H 235 4.42 -5.05 -52.74
N LYS H 236 3.79 -4.14 -53.51
CA LYS H 236 2.32 -3.94 -53.51
C LYS H 236 1.64 -4.30 -54.83
N ILE H 237 0.68 -5.22 -54.75
CA ILE H 237 -0.01 -5.70 -55.95
C ILE H 237 -1.51 -5.36 -55.94
N ARG H 238 -1.99 -4.69 -56.97
CA ARG H 238 -3.42 -4.48 -57.11
C ARG H 238 -3.95 -5.50 -58.05
N LEU H 239 -4.78 -6.41 -57.55
CA LEU H 239 -5.19 -7.54 -58.35
C LEU H 239 -6.28 -7.08 -59.26
N ALA H 240 -6.40 -7.72 -60.41
CA ALA H 240 -7.20 -7.22 -61.52
C ALA H 240 -8.68 -7.43 -61.27
N ASP H 241 -9.07 -8.68 -61.01
CA ASP H 241 -10.47 -9.01 -60.84
C ASP H 241 -10.70 -9.95 -59.66
N ALA H 242 -11.97 -10.20 -59.41
CA ALA H 242 -12.40 -11.10 -58.36
C ALA H 242 -11.82 -12.50 -58.59
N ALA H 243 -11.67 -12.86 -59.86
CA ALA H 243 -11.06 -14.13 -60.17
C ALA H 243 -9.60 -14.10 -59.78
N ALA H 244 -8.97 -12.94 -59.91
CA ALA H 244 -7.58 -12.80 -59.49
C ALA H 244 -7.51 -12.84 -57.99
N VAL H 245 -8.46 -12.20 -57.32
CA VAL H 245 -8.61 -12.33 -55.86
C VAL H 245 -8.74 -13.78 -55.34
N VAL H 246 -9.64 -14.57 -55.92
CA VAL H 246 -9.88 -15.96 -55.49
C VAL H 246 -8.70 -16.94 -55.71
N ASP H 247 -7.97 -16.80 -56.82
CA ASP H 247 -6.69 -17.47 -56.99
C ASP H 247 -5.71 -17.10 -55.90
N THR H 248 -5.75 -15.84 -55.46
CA THR H 248 -4.84 -15.38 -54.41
C THR H 248 -5.15 -16.06 -53.09
N LEU H 249 -6.42 -16.13 -52.77
CA LEU H 249 -6.77 -16.87 -51.57
C LEU H 249 -6.30 -18.32 -51.72
N SER H 250 -6.66 -18.98 -52.80
CA SER H 250 -6.39 -20.40 -52.84
C SER H 250 -4.90 -20.70 -52.91
N GLU H 251 -4.20 -20.04 -53.81
CA GLU H 251 -2.88 -20.52 -54.16
C GLU H 251 -1.79 -19.92 -53.30
N ARG H 252 -1.95 -18.65 -52.98
CA ARG H 252 -0.97 -17.90 -52.21
C ARG H 252 -1.20 -17.97 -50.70
N PHE H 253 -2.47 -17.93 -50.29
CA PHE H 253 -2.82 -18.02 -48.88
C PHE H 253 -3.20 -19.45 -48.47
N GLY H 254 -3.39 -20.35 -49.43
CA GLY H 254 -3.63 -21.75 -49.12
C GLY H 254 -5.03 -22.13 -48.66
N ILE H 255 -5.98 -21.23 -48.84
CA ILE H 255 -7.34 -21.45 -48.38
C ILE H 255 -8.10 -22.36 -49.35
N ASN H 256 -8.65 -23.44 -48.81
CA ASN H 256 -9.53 -24.33 -49.56
C ASN H 256 -10.93 -23.72 -49.77
N VAL H 257 -11.05 -22.97 -50.85
CA VAL H 257 -12.27 -22.24 -51.21
C VAL H 257 -13.38 -23.09 -51.83
N ALA H 258 -13.11 -24.38 -52.03
CA ALA H 258 -14.11 -25.32 -52.54
C ALA H 258 -15.06 -25.56 -51.39
N ASP H 259 -14.57 -25.23 -50.19
CA ASP H 259 -15.31 -25.38 -48.94
C ASP H 259 -16.39 -24.31 -48.82
N ILE H 260 -16.09 -23.10 -49.29
CA ILE H 260 -17.05 -22.02 -49.20
C ILE H 260 -18.25 -22.25 -50.15
N GLY H 261 -18.03 -22.94 -51.25
CA GLY H 261 -19.09 -23.21 -52.20
C GLY H 261 -18.51 -23.18 -53.59
N GLU H 262 -19.34 -22.82 -54.57
CA GLU H 262 -18.92 -22.79 -55.97
C GLU H 262 -18.00 -21.61 -56.35
N ARG H 263 -16.86 -21.95 -56.94
CA ARG H 263 -15.81 -21.00 -57.29
C ARG H 263 -16.34 -19.80 -58.08
N GLY H 264 -17.24 -20.08 -59.02
CA GLY H 264 -17.92 -19.03 -59.78
C GLY H 264 -18.98 -18.29 -58.99
N ALA H 265 -19.76 -19.02 -58.19
CA ALA H 265 -20.74 -18.41 -57.31
C ALA H 265 -20.08 -17.49 -56.28
N LEU H 266 -18.79 -17.67 -56.10
CA LEU H 266 -18.05 -16.96 -55.08
C LEU H 266 -17.35 -15.72 -55.63
N GLU H 267 -16.78 -15.87 -56.82
CA GLU H 267 -16.13 -14.79 -57.55
C GLU H 267 -17.09 -13.63 -57.70
N THR H 268 -18.36 -13.96 -57.83
CA THR H 268 -19.40 -12.96 -57.99
C THR H 268 -19.61 -12.22 -56.71
N ARG H 269 -19.70 -12.97 -55.61
CA ARG H 269 -19.88 -12.37 -54.30
C ARG H 269 -18.82 -11.27 -54.14
N ILE H 270 -17.57 -11.70 -54.30
CA ILE H 270 -16.40 -10.84 -54.18
C ILE H 270 -16.46 -9.68 -55.16
N ASP H 271 -16.90 -9.95 -56.37
CA ASP H 271 -17.10 -8.90 -57.33
C ASP H 271 -18.05 -7.89 -56.69
N GLU H 272 -19.15 -8.36 -56.10
CA GLU H 272 -20.14 -7.45 -55.53
C GLU H 272 -19.60 -6.85 -54.24
#